data_8Z0X
#
_entry.id   8Z0X
#
_cell.length_a   57.454
_cell.length_b   191.880
_cell.length_c   117.846
_cell.angle_alpha   90.000
_cell.angle_beta   94.990
_cell.angle_gamma   90.000
#
_symmetry.space_group_name_H-M   'P 1 21 1'
#
loop_
_entity.id
_entity.type
_entity.pdbx_description
1 polymer '3-hydroxyisobutyrate dehydrogenase'
2 water water
#
_entity_poly.entity_id   1
_entity_poly.type   'polypeptide(L)'
_entity_poly.pdbx_seq_one_letter_code
;MNHKVHHHHHHIEGRHMQILSPENAPRIGFIGFGAMASRMGDHLKTAGYTISAYTPSGRSPSPSVPMLPTPLALAKQADT
VVVCVPDDEALAASMYGENGALAGMTKGSLLINTSSVSPEATATLYEAGQKHGVVVLDAPVSGSTPEADSASLVILVGGD
KDDVARAAPIFDAIGKLTIHAGPTGSGARLKLVINGIMGAGLTTLAESVAYGLSAGLDRSMLFDALDQVAVISPHHKRKL
KAAKDGNFAPQFPARLMQKDMRLLLDAAAREAVPVPTLAAATQQLSLTRRLSPNEDYSSLIRVMEKIVANDRY
;
_entity_poly.pdbx_strand_id   A,B,C,D,E,F,G,H
#
# COMPACT_ATOMS: atom_id res chain seq x y z
N GLN A 18 58.35 23.47 -20.93
CA GLN A 18 57.17 22.62 -20.89
C GLN A 18 56.45 22.70 -19.55
N ILE A 19 57.23 22.78 -18.46
CA ILE A 19 56.66 22.74 -17.12
C ILE A 19 55.70 23.92 -16.93
N LEU A 20 54.60 23.66 -16.24
CA LEU A 20 53.54 24.66 -16.03
C LEU A 20 53.73 25.42 -14.72
N SER A 21 54.92 25.95 -14.51
CA SER A 21 55.17 26.83 -13.37
C SER A 21 54.49 28.18 -13.60
N PRO A 22 54.31 28.99 -12.54
CA PRO A 22 53.70 30.32 -12.75
C PRO A 22 54.53 31.25 -13.63
N ASN A 24 55.94 30.35 -16.54
CA ASN A 24 55.81 29.70 -17.83
C ASN A 24 54.36 29.69 -18.29
N ALA A 25 53.46 29.41 -17.35
CA ALA A 25 52.03 29.33 -17.63
C ALA A 25 51.27 29.86 -16.41
N PRO A 26 51.29 31.17 -16.21
CA PRO A 26 50.70 31.73 -14.97
C PRO A 26 49.19 31.59 -14.87
N ARG A 27 48.47 31.43 -15.98
CA ARG A 27 47.01 31.52 -15.96
C ARG A 27 46.39 30.13 -15.83
N ILE A 28 45.63 29.93 -14.76
CA ILE A 28 44.88 28.71 -14.52
C ILE A 28 43.40 29.08 -14.46
N GLY A 29 42.61 28.50 -15.34
CA GLY A 29 41.16 28.70 -15.36
C GLY A 29 40.43 27.47 -14.84
N PHE A 30 39.41 27.71 -14.01
CA PHE A 30 38.62 26.63 -13.40
C PHE A 30 37.28 26.49 -14.10
N ILE A 31 36.89 25.24 -14.37
CA ILE A 31 35.55 24.89 -14.82
C ILE A 31 34.86 24.25 -13.63
N GLY A 32 34.00 25.01 -12.97
CA GLY A 32 33.47 24.63 -11.67
C GLY A 32 34.28 25.31 -10.61
N PHE A 33 33.63 25.91 -9.61
CA PHE A 33 34.35 26.66 -8.60
C PHE A 33 33.59 26.57 -7.27
N GLY A 34 33.25 25.36 -6.88
CA GLY A 34 32.57 25.12 -5.62
C GLY A 34 33.52 25.10 -4.44
N ALA A 35 33.12 24.37 -3.39
CA ALA A 35 33.88 24.38 -2.14
C ALA A 35 35.31 23.88 -2.34
N MET A 36 35.46 22.74 -3.00
CA MET A 36 36.80 22.20 -3.21
C MET A 36 37.61 23.10 -4.13
N ALA A 37 37.06 23.41 -5.29
CA ALA A 37 37.81 24.14 -6.31
C ALA A 37 38.24 25.52 -5.82
N SER A 38 37.35 26.24 -5.14
CA SER A 38 37.71 27.57 -4.66
C SER A 38 38.89 27.52 -3.69
N ARG A 39 38.98 26.45 -2.89
CA ARG A 39 40.09 26.35 -1.94
C ARG A 39 41.41 26.02 -2.63
N MET A 40 41.40 25.16 -3.67
CA MET A 40 42.64 25.00 -4.43
C MET A 40 42.99 26.29 -5.17
N GLY A 41 41.99 27.05 -5.60
CA GLY A 41 42.27 28.33 -6.23
C GLY A 41 43.11 29.24 -5.34
N ASP A 42 42.70 29.39 -4.07
CA ASP A 42 43.45 30.23 -3.15
C ASP A 42 44.91 29.80 -3.03
N HIS A 43 45.14 28.48 -2.93
CA HIS A 43 46.52 28.00 -2.82
C HIS A 43 47.28 28.22 -4.12
N LEU A 44 46.60 28.13 -5.26
CA LEU A 44 47.26 28.42 -6.54
C LEU A 44 47.53 29.91 -6.68
N LYS A 45 46.55 30.75 -6.30
CA LYS A 45 46.79 32.19 -6.28
C LYS A 45 47.95 32.52 -5.35
N THR A 46 48.02 31.86 -4.21
CA THR A 46 49.15 32.07 -3.29
C THR A 46 50.47 31.68 -3.93
N ALA A 47 50.49 30.60 -4.71
CA ALA A 47 51.71 30.17 -5.37
C ALA A 47 52.08 31.05 -6.55
N GLY A 48 51.29 32.07 -6.87
CA GLY A 48 51.60 33.00 -7.92
C GLY A 48 50.97 32.72 -9.27
N TYR A 49 49.83 32.03 -9.32
CA TYR A 49 49.08 31.85 -10.55
C TYR A 49 47.96 32.88 -10.64
N THR A 50 47.52 33.12 -11.88
CA THR A 50 46.39 34.00 -12.15
C THR A 50 45.14 33.15 -12.32
N ILE A 51 44.18 33.32 -11.43
CA ILE A 51 43.02 32.46 -11.36
C ILE A 51 41.82 33.11 -12.04
N SER A 52 41.08 32.30 -12.79
CA SER A 52 39.80 32.68 -13.38
C SER A 52 38.89 31.47 -13.29
N ALA A 53 37.58 31.68 -13.42
CA ALA A 53 36.67 30.58 -13.22
C ALA A 53 35.39 30.76 -14.04
N TYR A 54 34.72 29.62 -14.27
CA TYR A 54 33.38 29.56 -14.80
C TYR A 54 32.55 28.66 -13.89
N THR A 55 31.30 29.04 -13.65
CA THR A 55 30.34 28.20 -12.92
C THR A 55 29.01 28.23 -13.68
N PRO A 56 28.30 27.10 -13.72
CA PRO A 56 26.98 27.12 -14.37
C PRO A 56 26.02 28.12 -13.75
N SER A 57 26.19 28.42 -12.46
CA SER A 57 25.31 29.35 -11.77
C SER A 57 25.72 30.80 -12.03
N GLY A 58 27.01 31.10 -11.99
CA GLY A 58 27.49 32.45 -12.18
C GLY A 58 27.97 33.10 -10.90
N VAL A 65 38.69 37.48 -8.55
CA VAL A 65 37.71 36.41 -8.73
C VAL A 65 36.99 36.45 -10.09
N PRO A 66 37.73 36.57 -11.19
CA PRO A 66 37.08 36.83 -12.49
C PRO A 66 36.26 35.64 -12.96
N MET A 67 35.00 35.90 -13.27
CA MET A 67 34.06 34.89 -13.74
C MET A 67 33.82 35.05 -15.24
N LEU A 68 33.85 33.94 -15.96
CA LEU A 68 33.67 33.94 -17.40
C LEU A 68 32.33 33.32 -17.76
N PRO A 69 31.67 33.82 -18.80
CA PRO A 69 30.26 33.43 -19.03
C PRO A 69 30.07 32.03 -19.57
N THR A 70 31.08 31.45 -20.22
CA THR A 70 30.96 30.14 -20.83
C THR A 70 32.25 29.37 -20.57
N PRO A 71 32.20 28.04 -20.64
CA PRO A 71 33.46 27.27 -20.57
C PRO A 71 34.44 27.67 -21.66
N LEU A 72 33.94 27.89 -22.88
CA LEU A 72 34.77 28.37 -23.99
C LEU A 72 35.50 29.65 -23.62
N ALA A 73 34.77 30.64 -23.12
CA ALA A 73 35.39 31.92 -22.77
C ALA A 73 36.44 31.75 -21.68
N LEU A 74 36.20 30.82 -20.74
CA LEU A 74 37.18 30.56 -19.71
C LEU A 74 38.46 29.99 -20.31
N ALA A 75 38.33 28.98 -21.17
CA ALA A 75 39.50 28.31 -21.73
C ALA A 75 40.31 29.24 -22.62
N LYS A 76 39.64 30.15 -23.34
CA LYS A 76 40.34 31.03 -24.27
C LYS A 76 41.39 31.91 -23.57
N GLN A 77 41.13 32.33 -22.34
CA GLN A 77 42.03 33.25 -21.66
C GLN A 77 42.84 32.58 -20.56
N ALA A 78 42.85 31.24 -20.49
CA ALA A 78 43.65 30.51 -19.52
C ALA A 78 44.70 29.64 -20.22
N ASP A 79 45.83 29.42 -19.52
CA ASP A 79 46.92 28.59 -20.02
C ASP A 79 46.65 27.11 -19.77
N THR A 80 46.22 26.79 -18.56
CA THR A 80 45.86 25.44 -18.11
C THR A 80 44.45 25.51 -17.55
N VAL A 81 43.64 24.48 -17.82
CA VAL A 81 42.26 24.43 -17.32
C VAL A 81 42.15 23.30 -16.30
N VAL A 82 41.57 23.62 -15.15
CA VAL A 82 41.30 22.67 -14.08
C VAL A 82 39.78 22.52 -13.97
N VAL A 83 39.30 21.28 -13.94
CA VAL A 83 37.87 20.99 -13.93
C VAL A 83 37.47 20.40 -12.59
N CYS A 84 36.39 20.92 -12.01
CA CYS A 84 35.83 20.40 -10.76
C CYS A 84 34.31 20.47 -10.85
N VAL A 85 33.70 19.41 -11.37
CA VAL A 85 32.25 19.34 -11.54
C VAL A 85 31.73 18.08 -10.87
N PRO A 86 30.43 18.03 -10.55
CA PRO A 86 29.97 16.93 -9.66
C PRO A 86 29.87 15.56 -10.31
N ASP A 87 29.50 15.44 -11.59
CA ASP A 87 29.19 14.11 -12.13
C ASP A 87 29.40 14.07 -13.65
N ASP A 88 29.14 12.89 -14.22
CA ASP A 88 29.31 12.65 -15.66
C ASP A 88 28.51 13.64 -16.48
N GLU A 89 27.24 13.83 -16.11
CA GLU A 89 26.36 14.68 -16.90
C GLU A 89 26.84 16.13 -16.90
N ALA A 90 27.28 16.62 -15.74
CA ALA A 90 27.83 17.99 -15.66
C ALA A 90 29.15 18.11 -16.40
N LEU A 91 29.96 17.05 -16.42
CA LEU A 91 31.22 17.11 -17.17
C LEU A 91 30.94 17.26 -18.66
N ALA A 92 30.04 16.45 -19.21
CA ALA A 92 29.73 16.56 -20.63
C ALA A 92 29.12 17.91 -20.97
N ALA A 93 28.34 18.49 -20.05
CA ALA A 93 27.71 19.78 -20.31
C ALA A 93 28.74 20.87 -20.55
N SER A 94 29.80 20.89 -19.73
CA SER A 94 30.78 21.97 -19.79
C SER A 94 31.99 21.64 -20.67
N MET A 95 32.20 20.37 -21.02
CA MET A 95 33.35 19.98 -21.83
C MET A 95 33.07 20.08 -23.33
N TYR A 96 31.87 19.72 -23.75
CA TYR A 96 31.58 19.45 -25.15
C TYR A 96 30.68 20.52 -25.75
N GLY A 97 30.64 20.53 -27.08
CA GLY A 97 29.84 21.49 -27.82
C GLY A 97 30.59 22.76 -28.15
N GLU A 98 29.95 23.59 -28.97
CA GLU A 98 30.59 24.81 -29.42
C GLU A 98 30.82 25.83 -28.30
N ASN A 99 30.12 25.67 -27.17
CA ASN A 99 30.37 26.52 -26.01
C ASN A 99 31.21 25.83 -24.94
N GLY A 100 31.67 24.60 -25.20
CA GLY A 100 32.40 23.82 -24.22
C GLY A 100 33.85 24.24 -24.07
N ALA A 101 34.49 23.68 -23.04
CA ALA A 101 35.87 24.08 -22.73
C ALA A 101 36.84 23.64 -23.81
N LEU A 102 36.67 22.43 -24.35
CA LEU A 102 37.61 21.91 -25.33
C LEU A 102 37.68 22.82 -26.56
N ALA A 103 36.54 23.37 -26.97
CA ALA A 103 36.50 24.28 -28.12
C ALA A 103 37.28 25.57 -27.89
N GLY A 104 37.65 25.89 -26.65
CA GLY A 104 38.39 27.10 -26.37
C GLY A 104 39.86 26.86 -26.05
N MET A 105 40.29 25.61 -26.05
CA MET A 105 41.66 25.28 -25.70
C MET A 105 42.53 25.16 -26.95
N THR A 106 43.79 25.52 -26.78
CA THR A 106 44.77 25.49 -27.86
C THR A 106 45.57 24.19 -27.78
N LYS A 107 45.85 23.61 -28.94
CA LYS A 107 46.69 22.43 -29.05
C LYS A 107 47.94 22.57 -28.20
N GLY A 108 48.25 21.52 -27.44
CA GLY A 108 49.43 21.49 -26.60
C GLY A 108 49.20 21.89 -25.17
N SER A 109 48.03 22.44 -24.85
CA SER A 109 47.72 22.79 -23.48
C SER A 109 47.22 21.57 -22.72
N LEU A 110 47.15 21.71 -21.40
CA LEU A 110 46.74 20.62 -20.52
C LEU A 110 45.38 20.91 -19.90
N LEU A 111 44.52 19.90 -19.88
CA LEU A 111 43.27 19.91 -19.13
C LEU A 111 43.45 18.96 -17.94
N ILE A 112 43.19 19.46 -16.74
CA ILE A 112 43.36 18.68 -15.51
C ILE A 112 41.96 18.50 -14.91
N ASN A 113 41.43 17.28 -14.96
CA ASN A 113 40.09 17.00 -14.44
C ASN A 113 40.24 16.41 -13.05
N THR A 114 39.77 17.16 -12.04
CA THR A 114 39.79 16.67 -10.65
C THR A 114 38.44 16.12 -10.22
N SER A 115 37.48 16.04 -11.14
CA SER A 115 36.13 15.61 -10.82
C SER A 115 36.08 14.11 -10.54
N SER A 116 35.10 13.69 -9.73
CA SER A 116 34.87 12.28 -9.42
C SER A 116 33.80 11.76 -10.38
N VAL A 117 34.23 11.17 -11.48
CA VAL A 117 33.35 10.70 -12.56
C VAL A 117 33.69 9.25 -12.90
N SER A 118 32.85 8.64 -13.75
CA SER A 118 33.00 7.24 -14.10
C SER A 118 34.24 7.01 -14.97
N PRO A 119 34.74 5.77 -15.00
CA PRO A 119 35.81 5.45 -15.97
C PRO A 119 35.39 5.67 -17.41
N GLU A 120 34.11 5.48 -17.71
CA GLU A 120 33.62 5.71 -19.07
C GLU A 120 33.68 7.20 -19.43
N ALA A 121 33.23 8.06 -18.53
CA ALA A 121 33.30 9.50 -18.80
C ALA A 121 34.73 9.97 -18.91
N THR A 122 35.63 9.35 -18.14
CA THR A 122 37.05 9.68 -18.22
C THR A 122 37.61 9.33 -19.59
N ALA A 123 37.28 8.14 -20.09
CA ALA A 123 37.79 7.72 -21.39
C ALA A 123 37.24 8.61 -22.49
N THR A 124 35.95 8.96 -22.40
CA THR A 124 35.33 9.82 -23.40
C THR A 124 36.02 11.18 -23.47
N LEU A 125 36.31 11.77 -22.31
CA LEU A 125 36.96 13.08 -22.29
C LEU A 125 38.40 12.99 -22.77
N TYR A 126 39.11 11.90 -22.41
CA TYR A 126 40.48 11.75 -22.89
C TYR A 126 40.51 11.69 -24.41
N GLU A 127 39.63 10.88 -25.01
CA GLU A 127 39.66 10.77 -26.47
C GLU A 127 39.23 12.07 -27.14
N ALA A 128 38.24 12.76 -26.58
CA ALA A 128 37.84 14.06 -27.11
C ALA A 128 38.97 15.06 -27.02
N GLY A 129 39.70 15.06 -25.90
CA GLY A 129 40.87 15.92 -25.80
C GLY A 129 41.88 15.63 -26.89
N GLN A 130 42.13 14.35 -27.16
CA GLN A 130 43.10 13.98 -28.19
C GLN A 130 42.74 14.58 -29.54
N LYS A 131 41.44 14.65 -29.85
CA LYS A 131 41.03 15.21 -31.14
C LYS A 131 41.34 16.69 -31.23
N HIS A 132 41.41 17.39 -30.10
CA HIS A 132 41.75 18.81 -30.04
C HIS A 132 43.22 19.04 -29.78
N GLY A 133 44.05 17.99 -29.72
CA GLY A 133 45.43 18.17 -29.34
C GLY A 133 45.65 18.56 -27.89
N VAL A 134 44.70 18.24 -27.01
CA VAL A 134 44.76 18.60 -25.61
C VAL A 134 44.90 17.32 -24.80
N VAL A 135 45.95 17.23 -23.99
CA VAL A 135 46.12 16.09 -23.10
C VAL A 135 45.24 16.31 -21.88
N VAL A 136 44.43 15.31 -21.53
CA VAL A 136 43.59 15.37 -20.34
C VAL A 136 44.19 14.47 -19.28
N LEU A 137 44.58 15.05 -18.15
CA LEU A 137 44.97 14.29 -16.96
C LEU A 137 43.74 14.07 -16.09
N ASP A 138 43.44 12.81 -15.77
CA ASP A 138 42.41 12.52 -14.77
C ASP A 138 43.11 12.52 -13.43
N ALA A 139 42.90 13.59 -12.66
CA ALA A 139 43.60 13.81 -11.40
C ALA A 139 42.61 14.16 -10.29
N PRO A 140 41.70 13.24 -9.96
CA PRO A 140 40.90 13.43 -8.74
C PRO A 140 41.80 13.44 -7.51
N VAL A 141 41.24 13.87 -6.38
CA VAL A 141 42.04 14.04 -5.16
C VAL A 141 41.41 13.26 -4.04
N SER A 142 42.26 12.85 -3.08
CA SER A 142 41.83 12.31 -1.81
C SER A 142 41.96 13.41 -0.76
N GLY A 143 40.88 13.66 -0.04
CA GLY A 143 40.81 14.75 0.92
C GLY A 143 39.53 15.54 0.67
N SER A 144 39.06 16.21 1.71
CA SER A 144 37.81 16.97 1.65
C SER A 144 38.11 18.46 1.82
N THR A 145 37.09 19.23 2.20
CA THR A 145 37.30 20.67 2.40
C THR A 145 38.37 20.97 3.44
N PRO A 146 38.49 20.27 4.57
CA PRO A 146 39.60 20.59 5.49
C PRO A 146 40.97 20.40 4.86
N GLU A 147 41.16 19.37 4.04
CA GLU A 147 42.45 19.14 3.40
C GLU A 147 42.72 20.08 2.24
N ALA A 148 41.66 20.46 1.52
CA ALA A 148 41.82 21.52 0.52
C ALA A 148 42.26 22.81 1.20
N ASP A 149 41.71 23.08 2.39
CA ASP A 149 42.07 24.30 3.10
C ASP A 149 43.57 24.34 3.41
N SER A 150 44.14 23.21 3.83
CA SER A 150 45.53 23.17 4.26
C SER A 150 46.48 22.68 3.18
N ALA A 151 45.98 22.46 1.96
CA ALA A 151 46.78 21.89 0.86
C ALA A 151 47.37 20.54 1.26
N SER A 152 46.56 19.72 1.93
CA SER A 152 46.97 18.39 2.33
C SER A 152 46.40 17.32 1.41
N LEU A 153 45.85 17.73 0.26
CA LEU A 153 45.29 16.81 -0.71
C LEU A 153 46.32 15.81 -1.20
N VAL A 154 45.87 14.60 -1.52
CA VAL A 154 46.65 13.62 -2.25
C VAL A 154 46.11 13.57 -3.67
N ILE A 155 46.97 13.83 -4.65
CA ILE A 155 46.55 13.88 -6.04
C ILE A 155 46.69 12.48 -6.63
N LEU A 156 45.63 12.01 -7.29
CA LEU A 156 45.57 10.65 -7.87
C LEU A 156 45.51 10.83 -9.38
N VAL A 157 46.65 10.71 -10.08
CA VAL A 157 46.70 11.20 -11.47
C VAL A 157 47.00 10.07 -12.45
N GLY A 158 46.21 10.04 -13.52
CA GLY A 158 46.44 9.13 -14.64
C GLY A 158 46.90 9.90 -15.86
N GLY A 159 47.90 9.35 -16.54
CA GLY A 159 48.43 9.95 -17.76
C GLY A 159 49.88 9.57 -17.96
N ASP A 160 50.46 10.15 -19.00
CA ASP A 160 51.87 9.89 -19.31
C ASP A 160 52.76 10.61 -18.31
N LYS A 161 53.88 9.96 -17.97
CA LYS A 161 54.76 10.50 -16.92
C LYS A 161 55.26 11.90 -17.28
N ASP A 162 55.44 12.19 -18.56
CA ASP A 162 55.91 13.51 -18.95
C ASP A 162 54.84 14.57 -18.74
N ASP A 163 53.57 14.22 -18.98
CA ASP A 163 52.48 15.16 -18.75
C ASP A 163 52.24 15.37 -17.27
N VAL A 164 52.37 14.31 -16.47
CA VAL A 164 52.30 14.47 -15.02
C VAL A 164 53.41 15.38 -14.54
N ALA A 165 54.60 15.27 -15.12
CA ALA A 165 55.71 16.13 -14.73
C ALA A 165 55.45 17.58 -15.07
N ARG A 166 54.87 17.84 -16.25
CA ARG A 166 54.52 19.21 -16.62
C ARG A 166 53.62 19.87 -15.58
N ALA A 167 52.72 19.10 -14.98
CA ALA A 167 51.73 19.63 -14.06
C ALA A 167 52.19 19.65 -12.61
N ALA A 168 53.39 19.15 -12.31
CA ALA A 168 53.88 19.06 -10.94
C ALA A 168 53.76 20.35 -10.13
N PRO A 169 54.20 21.53 -10.61
CA PRO A 169 54.05 22.74 -9.78
C PRO A 169 52.61 23.05 -9.42
N ILE A 170 51.65 22.69 -10.28
CA ILE A 170 50.25 22.87 -9.94
C ILE A 170 49.84 21.89 -8.85
N PHE A 171 50.19 20.62 -9.02
CA PHE A 171 49.83 19.61 -8.03
C PHE A 171 50.50 19.88 -6.68
N ASP A 172 51.72 20.42 -6.69
CA ASP A 172 52.43 20.73 -5.45
C ASP A 172 51.74 21.82 -4.65
N ALA A 173 51.12 22.80 -5.32
CA ALA A 173 50.51 23.92 -4.63
C ALA A 173 49.21 23.54 -3.94
N ILE A 174 48.50 22.53 -4.45
CA ILE A 174 47.20 22.21 -3.90
C ILE A 174 47.24 21.00 -2.99
N GLY A 175 48.34 20.25 -2.97
CA GLY A 175 48.41 19.02 -2.20
C GLY A 175 49.78 18.78 -1.59
N LYS A 176 49.87 17.67 -0.85
CA LYS A 176 51.10 17.25 -0.19
C LYS A 176 51.77 16.07 -0.87
N LEU A 177 51.10 15.42 -1.82
CA LEU A 177 51.60 14.18 -2.41
C LEU A 177 50.88 13.96 -3.73
N THR A 178 51.65 13.66 -4.78
CA THR A 178 51.11 13.32 -6.08
C THR A 178 51.41 11.85 -6.34
N ILE A 179 50.35 11.04 -6.49
CA ILE A 179 50.49 9.64 -6.85
C ILE A 179 50.24 9.51 -8.34
N HIS A 180 51.25 9.09 -9.08
CA HIS A 180 51.07 8.75 -10.48
C HIS A 180 50.48 7.34 -10.53
N ALA A 181 49.18 7.27 -10.80
CA ALA A 181 48.45 5.99 -10.70
C ALA A 181 48.63 5.10 -11.91
N GLY A 182 49.17 5.62 -13.02
CA GLY A 182 49.23 4.88 -14.26
C GLY A 182 48.80 5.74 -15.42
N PRO A 183 48.48 5.10 -16.55
CA PRO A 183 48.03 5.85 -17.72
C PRO A 183 46.64 6.44 -17.54
N THR A 184 46.15 7.17 -18.55
CA THR A 184 44.81 7.75 -18.50
C THR A 184 43.78 6.75 -17.99
N GLY A 185 42.89 7.23 -17.12
CA GLY A 185 41.89 6.40 -16.48
C GLY A 185 42.31 5.84 -15.15
N SER A 186 43.61 5.84 -14.84
CA SER A 186 44.09 5.26 -13.60
C SER A 186 43.74 6.11 -12.40
N GLY A 187 43.73 7.44 -12.56
CA GLY A 187 43.38 8.31 -11.44
C GLY A 187 41.92 8.14 -11.06
N ALA A 188 41.05 8.13 -12.06
CA ALA A 188 39.62 7.91 -11.82
C ALA A 188 39.37 6.59 -11.10
N ARG A 189 40.06 5.53 -11.52
CA ARG A 189 39.87 4.22 -10.88
C ARG A 189 40.37 4.22 -9.44
N LEU A 190 41.53 4.83 -9.18
CA LEU A 190 42.03 4.89 -7.81
C LEU A 190 41.10 5.71 -6.91
N LYS A 191 40.48 6.75 -7.47
CA LYS A 191 39.51 7.52 -6.71
C LYS A 191 38.29 6.68 -6.35
N LEU A 192 37.82 5.84 -7.28
CA LEU A 192 36.73 4.91 -6.97
C LEU A 192 37.10 4.00 -5.81
N VAL A 193 38.32 3.44 -5.84
CA VAL A 193 38.81 2.59 -4.75
C VAL A 193 38.72 3.31 -3.42
N ILE A 194 39.24 4.53 -3.37
CA ILE A 194 39.30 5.26 -2.11
C ILE A 194 37.92 5.70 -1.66
N ASN A 195 37.04 6.05 -2.62
CA ASN A 195 35.66 6.38 -2.28
C ASN A 195 34.96 5.22 -1.60
N GLY A 196 35.17 4.01 -2.10
CA GLY A 196 34.53 2.86 -1.49
C GLY A 196 34.99 2.61 -0.07
N ILE A 197 36.29 2.76 0.18
CA ILE A 197 36.81 2.61 1.53
C ILE A 197 36.20 3.64 2.45
N MET A 198 36.11 4.90 1.99
CA MET A 198 35.49 5.96 2.77
C MET A 198 34.03 5.63 3.10
N GLY A 199 33.27 5.32 2.05
CA GLY A 199 31.84 5.13 2.24
C GLY A 199 31.53 3.97 3.15
N ALA A 200 32.14 2.81 2.88
CA ALA A 200 31.88 1.66 3.72
C ALA A 200 32.51 1.78 5.10
N GLY A 201 33.59 2.58 5.25
CA GLY A 201 34.09 2.85 6.58
C GLY A 201 33.07 3.56 7.44
N LEU A 202 32.31 4.49 6.83
CA LEU A 202 31.30 5.22 7.57
C LEU A 202 30.10 4.33 7.89
N THR A 203 29.62 3.55 6.90
CA THR A 203 28.45 2.72 7.20
C THR A 203 28.79 1.64 8.22
N THR A 204 30.01 1.08 8.15
CA THR A 204 30.48 0.16 9.19
C THR A 204 30.41 0.80 10.56
N LEU A 205 30.96 2.01 10.67
CA LEU A 205 30.99 2.69 11.95
C LEU A 205 29.58 3.01 12.45
N ALA A 206 28.71 3.51 11.57
CA ALA A 206 27.34 3.83 11.96
C ALA A 206 26.60 2.59 12.47
N GLU A 207 26.77 1.45 11.78
CA GLU A 207 26.07 0.24 12.18
C GLU A 207 26.61 -0.32 13.50
N SER A 208 27.94 -0.25 13.68
CA SER A 208 28.54 -0.78 14.90
C SER A 208 28.12 0.07 16.10
N VAL A 209 28.13 1.38 15.94
CA VAL A 209 27.61 2.30 16.97
C VAL A 209 26.15 1.99 17.26
N ALA A 210 25.35 1.74 16.21
CA ALA A 210 23.94 1.46 16.41
C ALA A 210 23.74 0.19 17.22
N TYR A 211 24.53 -0.85 16.95
CA TYR A 211 24.44 -2.03 17.79
C TYR A 211 24.73 -1.67 19.26
N GLY A 212 25.84 -0.95 19.48
CA GLY A 212 26.23 -0.63 20.86
C GLY A 212 25.13 0.11 21.60
N LEU A 213 24.52 1.09 20.94
CA LEU A 213 23.42 1.84 21.57
C LEU A 213 22.20 0.96 21.83
N SER A 214 21.86 0.09 20.88
CA SER A 214 20.70 -0.79 21.03
C SER A 214 20.89 -1.75 22.18
N ALA A 215 22.14 -2.11 22.47
CA ALA A 215 22.47 -3.01 23.56
C ALA A 215 22.66 -2.28 24.88
N GLY A 216 22.38 -0.98 24.91
CA GLY A 216 22.31 -0.26 26.17
C GLY A 216 23.53 0.54 26.56
N LEU A 217 24.56 0.59 25.72
CA LEU A 217 25.75 1.37 26.05
C LEU A 217 25.43 2.86 26.04
N ASP A 218 25.94 3.56 27.06
CA ASP A 218 25.81 5.01 27.17
C ASP A 218 26.37 5.69 25.92
N ARG A 219 25.59 6.64 25.36
CA ARG A 219 25.99 7.23 24.09
C ARG A 219 27.30 8.00 24.22
N SER A 220 27.43 8.82 25.25
CA SER A 220 28.66 9.61 25.38
C SER A 220 29.87 8.72 25.65
N MET A 221 29.72 7.74 26.53
CA MET A 221 30.76 6.74 26.75
C MET A 221 31.22 6.14 25.43
N LEU A 222 30.26 5.69 24.63
CA LEU A 222 30.58 4.89 23.44
C LEU A 222 31.30 5.72 22.39
N PHE A 223 30.80 6.93 22.10
CA PHE A 223 31.49 7.77 21.14
C PHE A 223 32.90 8.09 21.61
N ASP A 224 33.08 8.32 22.92
CA ASP A 224 34.41 8.67 23.38
C ASP A 224 35.35 7.46 23.37
N ALA A 225 34.81 6.28 23.66
CA ALA A 225 35.63 5.06 23.70
C ALA A 225 36.17 4.74 22.31
N LEU A 226 35.34 4.93 21.30
CA LEU A 226 35.76 4.57 19.97
C LEU A 226 36.84 5.51 19.45
N ASP A 227 36.93 6.72 19.98
CA ASP A 227 38.05 7.58 19.62
C ASP A 227 39.39 7.02 20.08
N GLN A 228 39.39 6.03 20.97
CA GLN A 228 40.58 5.49 21.60
C GLN A 228 41.10 4.22 20.95
N VAL A 229 40.49 3.73 19.87
CA VAL A 229 40.85 2.43 19.31
C VAL A 229 41.54 2.61 17.96
N ALA A 230 42.38 1.62 17.60
CA ALA A 230 43.24 1.73 16.44
C ALA A 230 42.60 1.23 15.15
N VAL A 231 41.35 0.77 15.21
CA VAL A 231 40.70 0.16 14.05
C VAL A 231 39.79 1.13 13.31
N ILE A 232 39.75 2.40 13.71
CA ILE A 232 39.03 3.46 13.00
C ILE A 232 40.04 4.43 12.40
N SER A 233 39.77 4.85 11.16
CA SER A 233 40.67 5.76 10.45
C SER A 233 40.62 7.15 11.06
N PRO A 234 41.65 7.96 10.84
CA PRO A 234 41.58 9.36 11.30
C PRO A 234 40.41 10.11 10.69
N HIS A 235 40.11 9.89 9.41
CA HIS A 235 38.96 10.54 8.80
C HIS A 235 37.68 10.20 9.53
N HIS A 236 37.48 8.92 9.81
CA HIS A 236 36.21 8.53 10.42
C HIS A 236 36.15 8.86 11.90
N LYS A 237 37.30 8.95 12.58
CA LYS A 237 37.27 9.45 13.96
C LYS A 237 36.83 10.91 13.98
N ARG A 238 37.25 11.69 12.99
CA ARG A 238 36.79 13.07 12.93
C ARG A 238 35.29 13.13 12.67
N LYS A 239 34.79 12.27 11.79
CA LYS A 239 33.33 12.24 11.58
C LYS A 239 32.58 11.79 12.84
N LEU A 240 33.15 10.85 13.59
CA LEU A 240 32.50 10.37 14.81
C LEU A 240 32.39 11.49 15.84
N LYS A 241 33.46 12.27 16.02
CA LYS A 241 33.40 13.40 16.94
C LYS A 241 32.36 14.42 16.48
N ALA A 242 32.29 14.68 15.18
CA ALA A 242 31.27 15.60 14.69
C ALA A 242 29.88 15.05 14.93
N ALA A 243 29.69 13.73 14.69
CA ALA A 243 28.39 13.12 14.90
C ALA A 243 27.97 13.14 16.36
N LYS A 244 28.93 13.09 17.29
CA LYS A 244 28.57 13.21 18.71
C LYS A 244 27.87 14.53 18.94
N ASP A 245 28.31 15.57 18.22
CA ASP A 245 27.78 16.93 18.27
C ASP A 245 26.58 17.15 17.37
N GLY A 246 26.11 16.12 16.65
CA GLY A 246 25.08 16.33 15.66
C GLY A 246 25.48 17.25 14.52
N ASN A 247 26.78 17.40 14.25
CA ASN A 247 27.31 18.35 13.28
C ASN A 247 27.48 17.63 11.95
N PHE A 248 26.55 17.86 11.02
CA PHE A 248 26.65 17.29 9.69
C PHE A 248 26.70 18.39 8.63
N ALA A 249 27.38 19.48 8.98
CA ALA A 249 27.65 20.49 7.96
C ALA A 249 28.34 19.81 6.78
N PRO A 250 27.98 20.17 5.53
CA PRO A 250 28.30 19.36 4.33
C PRO A 250 29.72 19.46 3.81
N GLN A 251 30.67 18.79 4.47
CA GLN A 251 32.00 18.67 3.88
C GLN A 251 31.94 17.81 2.63
N PHE A 252 31.26 16.68 2.73
CA PHE A 252 30.98 15.81 1.58
C PHE A 252 29.52 15.38 1.63
N PRO A 253 28.66 16.07 0.88
CA PRO A 253 27.21 15.81 0.96
C PRO A 253 26.85 14.39 0.59
N ALA A 254 25.80 13.88 1.25
CA ALA A 254 25.32 12.53 1.01
C ALA A 254 24.99 12.30 -0.46
N ARG A 255 24.42 13.30 -1.15
CA ARG A 255 24.07 13.07 -2.55
C ARG A 255 25.30 12.81 -3.42
N LEU A 256 26.46 13.39 -3.07
CA LEU A 256 27.65 13.15 -3.88
C LEU A 256 28.36 11.87 -3.46
N MET A 257 28.37 11.58 -2.15
CA MET A 257 29.00 10.34 -1.72
C MET A 257 28.22 9.15 -2.27
N GLN A 258 26.90 9.22 -2.23
CA GLN A 258 26.09 8.12 -2.74
C GLN A 258 26.24 7.97 -4.26
N LYS A 259 26.36 9.09 -4.99
CA LYS A 259 26.66 9.00 -6.42
C LYS A 259 27.99 8.31 -6.65
N ASP A 260 28.99 8.64 -5.83
CA ASP A 260 30.30 8.02 -5.99
C ASP A 260 30.23 6.52 -5.72
N MET A 261 29.42 6.11 -4.74
CA MET A 261 29.23 4.68 -4.51
C MET A 261 28.51 4.02 -5.68
N ARG A 262 27.50 4.70 -6.24
CA ARG A 262 26.84 4.17 -7.44
C ARG A 262 27.85 3.94 -8.57
N LEU A 263 28.76 4.89 -8.79
CA LEU A 263 29.76 4.74 -9.84
C LEU A 263 30.67 3.56 -9.56
N LEU A 264 31.11 3.41 -8.31
CA LEU A 264 31.97 2.30 -7.95
C LEU A 264 31.29 0.98 -8.16
N LEU A 265 30.03 0.86 -7.75
CA LEU A 265 29.36 -0.43 -7.87
C LEU A 265 29.05 -0.73 -9.34
N ASP A 266 28.80 0.30 -10.16
CA ASP A 266 28.65 0.05 -11.59
C ASP A 266 29.95 -0.48 -12.17
N ALA A 267 31.07 0.14 -11.79
CA ALA A 267 32.35 -0.28 -12.33
C ALA A 267 32.70 -1.68 -11.87
N ALA A 268 32.46 -1.98 -10.58
CA ALA A 268 32.74 -3.31 -10.08
C ALA A 268 31.88 -4.35 -10.78
N ALA A 269 30.64 -4.00 -11.15
CA ALA A 269 29.79 -4.94 -11.89
C ALA A 269 30.33 -5.13 -13.32
N ARG A 270 30.76 -4.05 -13.97
CA ARG A 270 31.33 -4.20 -15.30
C ARG A 270 32.58 -5.07 -15.27
N GLU A 271 33.36 -5.00 -14.19
CA GLU A 271 34.56 -5.84 -14.06
C GLU A 271 34.24 -7.22 -13.50
N ALA A 272 32.98 -7.50 -13.17
CA ALA A 272 32.56 -8.77 -12.57
C ALA A 272 33.38 -9.12 -11.33
N VAL A 273 33.50 -8.17 -10.41
CA VAL A 273 34.20 -8.37 -9.14
C VAL A 273 33.17 -8.33 -8.03
N PRO A 274 33.00 -9.40 -7.26
CA PRO A 274 32.01 -9.40 -6.17
C PRO A 274 32.47 -8.55 -5.00
N VAL A 275 31.68 -7.53 -4.66
CA VAL A 275 32.04 -6.61 -3.58
C VAL A 275 30.84 -6.45 -2.64
N PRO A 276 30.51 -7.50 -1.88
CA PRO A 276 29.30 -7.44 -1.03
C PRO A 276 29.34 -6.37 0.06
N THR A 277 30.49 -6.13 0.69
CA THR A 277 30.52 -5.11 1.74
C THR A 277 30.28 -3.72 1.16
N LEU A 278 30.93 -3.42 0.01
CA LEU A 278 30.72 -2.16 -0.67
C LEU A 278 29.28 -2.03 -1.16
N ALA A 279 28.70 -3.14 -1.61
CA ALA A 279 27.32 -3.09 -2.10
C ALA A 279 26.35 -2.80 -0.97
N ALA A 280 26.57 -3.42 0.19
CA ALA A 280 25.72 -3.12 1.37
C ALA A 280 25.87 -1.66 1.79
N ALA A 281 27.11 -1.16 1.80
CA ALA A 281 27.35 0.22 2.19
C ALA A 281 26.61 1.17 1.27
N THR A 282 26.61 0.88 -0.04
CA THR A 282 25.90 1.71 -0.99
C THR A 282 24.42 1.82 -0.64
N GLN A 283 23.80 0.73 -0.24
CA GLN A 283 22.37 0.80 0.05
C GLN A 283 22.11 1.65 1.28
N GLN A 284 22.99 1.55 2.28
CA GLN A 284 22.87 2.43 3.44
C GLN A 284 23.05 3.89 3.06
N LEU A 285 23.93 4.16 2.10
CA LEU A 285 24.10 5.54 1.66
C LEU A 285 22.96 6.00 0.73
N SER A 286 22.26 5.09 0.06
CA SER A 286 21.00 5.47 -0.59
C SER A 286 19.98 5.96 0.42
N LEU A 287 19.82 5.23 1.53
CA LEU A 287 18.88 5.67 2.57
C LEU A 287 19.32 7.02 3.13
N THR A 288 20.63 7.18 3.36
CA THR A 288 21.16 8.44 3.87
C THR A 288 20.81 9.61 2.96
N ARG A 289 21.04 9.43 1.65
CA ARG A 289 20.76 10.50 0.70
C ARG A 289 19.25 10.79 0.64
N ARG A 290 18.43 9.74 0.63
CA ARG A 290 16.99 9.92 0.60
C ARG A 290 16.52 10.78 1.77
N LEU A 291 17.05 10.51 2.97
CA LEU A 291 16.58 11.26 4.13
C LEU A 291 17.17 12.67 4.21
N SER A 292 18.39 12.87 3.74
CA SER A 292 19.01 14.20 3.75
C SER A 292 20.07 14.28 2.68
N PRO A 293 19.72 14.74 1.48
CA PRO A 293 20.70 14.78 0.39
C PRO A 293 21.86 15.71 0.64
N ASN A 294 21.63 16.80 1.37
CA ASN A 294 22.58 17.89 1.36
C ASN A 294 23.46 17.95 2.60
N GLU A 295 23.11 17.23 3.66
CA GLU A 295 24.01 17.19 4.81
C GLU A 295 25.17 16.23 4.55
N ASP A 296 26.20 16.33 5.38
CA ASP A 296 27.35 15.46 5.25
C ASP A 296 26.93 14.00 5.19
N TYR A 297 27.67 13.20 4.42
CA TYR A 297 27.33 11.79 4.28
C TYR A 297 27.40 11.03 5.61
N SER A 298 28.14 11.55 6.60
CA SER A 298 28.20 10.92 7.91
C SER A 298 26.89 11.00 8.68
N SER A 299 25.87 11.69 8.15
CA SER A 299 24.58 11.73 8.83
C SER A 299 23.93 10.36 8.96
N LEU A 300 24.44 9.34 8.26
CA LEU A 300 23.96 7.98 8.55
C LEU A 300 24.10 7.61 10.01
N ILE A 301 25.09 8.18 10.72
CA ILE A 301 25.21 7.89 12.14
C ILE A 301 23.96 8.32 12.88
N ARG A 302 23.46 9.52 12.56
CA ARG A 302 22.22 10.01 13.15
C ARG A 302 21.02 9.18 12.70
N VAL A 303 20.98 8.81 11.42
CA VAL A 303 19.90 7.96 10.93
C VAL A 303 19.83 6.68 11.74
N MET A 304 20.98 6.06 11.99
CA MET A 304 20.93 4.80 12.71
C MET A 304 20.60 4.99 14.18
N GLU A 305 21.05 6.08 14.78
CA GLU A 305 20.62 6.35 16.14
C GLU A 305 19.10 6.49 16.22
N LYS A 306 18.48 7.11 15.19
CA LYS A 306 17.03 7.27 15.21
C LYS A 306 16.33 5.92 15.05
N ILE A 307 16.88 5.03 14.22
CA ILE A 307 16.31 3.69 14.09
C ILE A 307 16.33 2.97 15.43
N VAL A 308 17.44 3.09 16.17
CA VAL A 308 17.57 2.40 17.45
C VAL A 308 16.64 3.03 18.49
N ALA A 309 16.43 4.34 18.42
CA ALA A 309 15.51 4.97 19.36
C ALA A 309 14.07 4.53 19.10
N ASN A 310 13.75 4.26 17.84
CA ASN A 310 12.47 3.66 17.43
C ASN A 310 11.27 4.39 18.01
N GLN B 18 -4.28 1.63 -39.16
CA GLN B 18 -3.19 2.04 -38.29
C GLN B 18 -2.74 0.89 -37.40
N ILE B 19 -3.64 -0.06 -37.14
CA ILE B 19 -3.22 -1.27 -36.44
C ILE B 19 -2.13 -1.95 -37.26
N LEU B 20 -1.13 -2.49 -36.58
CA LEU B 20 0.02 -3.09 -37.25
C LEU B 20 -0.21 -4.57 -37.52
N SER B 21 -1.37 -4.88 -38.10
CA SER B 21 -1.67 -6.22 -38.56
C SER B 21 -0.79 -6.57 -39.75
N PRO B 22 -0.66 -7.86 -40.09
CA PRO B 22 0.04 -8.21 -41.33
C PRO B 22 -0.58 -7.55 -42.55
N GLU B 23 -1.89 -7.31 -42.49
CA GLU B 23 -2.59 -6.64 -43.59
C GLU B 23 -2.02 -5.24 -43.85
N ASN B 24 -1.85 -4.44 -42.78
CA ASN B 24 -1.44 -3.05 -42.96
C ASN B 24 0.05 -2.82 -42.82
N ALA B 25 0.78 -3.69 -42.12
CA ALA B 25 2.23 -3.53 -41.94
C ALA B 25 2.87 -4.91 -42.00
N PRO B 26 2.96 -5.51 -43.20
CA PRO B 26 3.44 -6.90 -43.28
C PRO B 26 4.92 -7.07 -42.96
N ARG B 27 5.76 -6.07 -43.17
CA ARG B 27 7.21 -6.23 -43.06
C ARG B 27 7.66 -5.86 -41.66
N ILE B 28 8.14 -6.84 -40.89
CA ILE B 28 8.74 -6.60 -39.57
C ILE B 28 10.23 -6.83 -39.69
N GLY B 29 11.01 -5.77 -39.48
CA GLY B 29 12.46 -5.86 -39.52
C GLY B 29 13.02 -5.85 -38.10
N PHE B 30 13.95 -6.77 -37.85
CA PHE B 30 14.59 -6.89 -36.55
C PHE B 30 15.96 -6.23 -36.55
N ILE B 31 16.24 -5.48 -35.49
CA ILE B 31 17.60 -5.06 -35.17
C ILE B 31 18.07 -5.99 -34.07
N GLY B 32 19.00 -6.90 -34.38
CA GLY B 32 19.37 -7.97 -33.48
C GLY B 32 18.53 -9.21 -33.71
N PHE B 33 19.12 -10.39 -33.70
CA PHE B 33 18.37 -11.60 -34.05
C PHE B 33 19.01 -12.84 -33.41
N GLY B 34 19.21 -12.78 -32.09
CA GLY B 34 19.73 -13.90 -31.34
C GLY B 34 18.65 -14.88 -30.92
N ALA B 35 18.91 -15.60 -29.83
CA ALA B 35 18.06 -16.72 -29.45
C ALA B 35 16.62 -16.30 -29.20
N MET B 36 16.43 -15.23 -28.42
CA MET B 36 15.08 -14.73 -28.13
C MET B 36 14.41 -14.18 -29.39
N ALA B 37 15.13 -13.35 -30.14
CA ALA B 37 14.53 -12.64 -31.27
C ALA B 37 14.13 -13.59 -32.39
N SER B 38 14.99 -14.56 -32.71
CA SER B 38 14.65 -15.48 -33.79
C SER B 38 13.43 -16.31 -33.43
N ARG B 39 13.25 -16.63 -32.15
CA ARG B 39 12.04 -17.32 -31.71
C ARG B 39 10.81 -16.43 -31.85
N MET B 40 10.93 -15.15 -31.47
CA MET B 40 9.87 -14.19 -31.77
C MET B 40 9.60 -14.11 -33.26
N GLY B 41 10.66 -14.08 -34.08
CA GLY B 41 10.46 -13.96 -35.51
C GLY B 41 9.73 -15.15 -36.10
N ASP B 42 10.04 -16.36 -35.61
CA ASP B 42 9.31 -17.55 -36.04
C ASP B 42 7.81 -17.38 -35.82
N HIS B 43 7.43 -16.88 -34.64
CA HIS B 43 6.01 -16.78 -34.34
C HIS B 43 5.34 -15.68 -35.17
N LEU B 44 6.08 -14.61 -35.47
CA LEU B 44 5.53 -13.55 -36.32
C LEU B 44 5.41 -14.02 -37.77
N LYS B 45 6.29 -14.92 -38.20
CA LYS B 45 6.16 -15.54 -39.52
C LYS B 45 4.88 -16.36 -39.60
N THR B 46 4.65 -17.22 -38.61
CA THR B 46 3.43 -18.03 -38.57
C THR B 46 2.18 -17.15 -38.57
N ALA B 47 2.23 -16.00 -37.91
CA ALA B 47 1.09 -15.10 -37.87
C ALA B 47 0.91 -14.30 -39.16
N GLY B 48 1.87 -14.35 -40.07
CA GLY B 48 1.68 -13.78 -41.40
C GLY B 48 2.56 -12.62 -41.80
N TYR B 49 3.56 -12.29 -40.99
CA TYR B 49 4.44 -11.17 -41.29
C TYR B 49 5.63 -11.61 -42.12
N THR B 50 6.25 -10.64 -42.79
CA THR B 50 7.49 -10.85 -43.52
C THR B 50 8.65 -10.38 -42.66
N ILE B 51 9.53 -11.31 -42.30
CA ILE B 51 10.60 -11.05 -41.34
C ILE B 51 11.89 -10.77 -42.08
N SER B 52 12.56 -9.69 -41.68
CA SER B 52 13.94 -9.39 -42.06
C SER B 52 14.72 -9.07 -40.79
N ALA B 53 16.04 -8.99 -40.91
CA ALA B 53 16.83 -8.72 -39.72
C ALA B 53 18.20 -8.17 -40.11
N TYR B 54 18.76 -7.39 -39.20
CA TYR B 54 20.17 -7.01 -39.19
C TYR B 54 20.78 -7.51 -37.89
N THR B 55 22.02 -7.99 -37.96
CA THR B 55 22.83 -8.30 -36.79
C THR B 55 24.24 -7.77 -37.01
N PRO B 56 24.94 -7.37 -35.94
CA PRO B 56 26.32 -6.87 -36.11
C PRO B 56 27.27 -7.88 -36.72
N SER B 57 27.00 -9.19 -36.57
CA SER B 57 27.87 -10.22 -37.13
C SER B 57 27.48 -10.65 -38.54
N GLY B 58 26.29 -10.27 -39.00
CA GLY B 58 25.82 -10.70 -40.30
C GLY B 58 25.32 -12.14 -40.28
N VAL B 65 15.52 -16.19 -43.29
CA VAL B 65 15.34 -14.80 -42.92
C VAL B 65 16.41 -13.93 -43.58
N PRO B 66 15.98 -13.04 -44.48
CA PRO B 66 16.94 -12.20 -45.21
C PRO B 66 17.67 -11.24 -44.28
N MET B 67 18.99 -11.16 -44.45
CA MET B 67 19.80 -10.23 -43.68
C MET B 67 19.99 -8.92 -44.44
N LEU B 68 20.09 -7.84 -43.68
CA LEU B 68 20.43 -6.53 -44.23
C LEU B 68 21.75 -6.07 -43.65
N PRO B 69 22.56 -5.34 -44.42
CA PRO B 69 23.94 -5.06 -44.00
C PRO B 69 24.08 -3.99 -42.93
N THR B 70 23.10 -3.12 -42.76
CA THR B 70 23.18 -2.02 -41.81
C THR B 70 21.83 -1.85 -41.14
N PRO B 71 21.80 -1.21 -39.97
CA PRO B 71 20.48 -0.87 -39.38
C PRO B 71 19.66 0.03 -40.27
N LEU B 72 20.31 1.00 -40.93
CA LEU B 72 19.63 1.86 -41.89
C LEU B 72 18.93 1.04 -42.97
N ALA B 73 19.69 0.15 -43.63
CA ALA B 73 19.12 -0.65 -44.71
C ALA B 73 17.97 -1.52 -44.20
N LEU B 74 18.08 -2.02 -42.97
CA LEU B 74 17.00 -2.79 -42.38
C LEU B 74 15.73 -1.95 -42.25
N ALA B 75 15.85 -0.76 -41.66
CA ALA B 75 14.67 0.05 -41.39
C ALA B 75 14.02 0.56 -42.68
N LYS B 76 14.82 0.76 -43.73
CA LYS B 76 14.27 1.31 -44.97
C LYS B 76 13.30 0.35 -45.64
N GLN B 77 13.49 -0.96 -45.46
CA GLN B 77 12.62 -1.95 -46.08
C GLN B 77 11.70 -2.63 -45.08
N ALA B 78 11.43 -1.99 -43.94
CA ALA B 78 10.53 -2.55 -42.95
C ALA B 78 9.42 -1.56 -42.63
N ASP B 79 8.25 -2.12 -42.30
CA ASP B 79 7.11 -1.31 -41.89
C ASP B 79 7.18 -1.00 -40.41
N THR B 80 7.63 -1.97 -39.62
CA THR B 80 7.78 -1.88 -38.17
C THR B 80 9.14 -2.45 -37.83
N VAL B 81 9.85 -1.81 -36.89
CA VAL B 81 11.16 -2.26 -36.47
C VAL B 81 11.05 -2.79 -35.05
N VAL B 82 11.61 -3.97 -34.81
CA VAL B 82 11.69 -4.57 -33.48
C VAL B 82 13.16 -4.68 -33.11
N VAL B 83 13.51 -4.21 -31.91
CA VAL B 83 14.89 -4.15 -31.46
C VAL B 83 15.09 -5.18 -30.35
N CYS B 84 16.15 -5.99 -30.47
CA CYS B 84 16.52 -6.96 -29.45
C CYS B 84 18.05 -6.99 -29.39
N VAL B 85 18.62 -6.09 -28.59
CA VAL B 85 20.06 -5.96 -28.43
C VAL B 85 20.36 -6.08 -26.94
N PRO B 86 21.60 -6.42 -26.57
CA PRO B 86 21.87 -6.78 -25.16
C PRO B 86 21.95 -5.64 -24.16
N ASP B 87 22.37 -4.44 -24.54
CA ASP B 87 22.66 -3.41 -23.53
C ASP B 87 22.58 -2.02 -24.16
N ASP B 88 22.76 -0.99 -23.32
CA ASP B 88 22.67 0.40 -23.75
C ASP B 88 23.62 0.69 -24.90
N GLU B 89 24.83 0.14 -24.82
CA GLU B 89 25.86 0.47 -25.79
C GLU B 89 25.51 -0.10 -27.16
N ALA B 90 25.02 -1.35 -27.18
CA ALA B 90 24.56 -1.94 -28.43
C ALA B 90 23.35 -1.20 -28.99
N LEU B 91 22.48 -0.71 -28.11
CA LEU B 91 21.33 0.05 -28.57
C LEU B 91 21.76 1.33 -29.27
N ALA B 92 22.65 2.09 -28.65
CA ALA B 92 23.07 3.36 -29.23
C ALA B 92 23.81 3.13 -30.55
N ALA B 93 24.61 2.07 -30.62
CA ALA B 93 25.40 1.80 -31.82
C ALA B 93 24.51 1.50 -33.03
N SER B 94 23.33 0.92 -32.81
CA SER B 94 22.45 0.54 -33.91
C SER B 94 21.30 1.50 -34.13
N MET B 95 21.00 2.37 -33.17
CA MET B 95 19.87 3.29 -33.34
C MET B 95 20.26 4.63 -33.95
N TYR B 96 21.45 5.12 -33.61
CA TYR B 96 21.80 6.51 -33.89
C TYR B 96 22.83 6.59 -35.01
N GLY B 97 23.01 7.80 -35.53
CA GLY B 97 23.96 8.06 -36.57
C GLY B 97 23.37 7.85 -37.96
N GLU B 98 24.17 8.25 -38.97
CA GLU B 98 23.69 8.20 -40.35
C GLU B 98 23.32 6.78 -40.78
N ASN B 99 23.97 5.77 -40.20
CA ASN B 99 23.70 4.38 -40.56
C ASN B 99 22.80 3.67 -39.56
N GLY B 100 22.27 4.38 -38.57
CA GLY B 100 21.42 3.76 -37.59
C GLY B 100 20.01 3.53 -38.08
N ALA B 101 19.22 2.85 -37.25
CA ALA B 101 17.88 2.45 -37.65
C ALA B 101 16.94 3.65 -37.77
N LEU B 102 17.07 4.63 -36.88
CA LEU B 102 16.12 5.73 -36.89
C LEU B 102 16.18 6.51 -38.20
N ALA B 103 17.37 6.65 -38.77
CA ALA B 103 17.51 7.40 -40.01
C ALA B 103 16.75 6.74 -41.15
N GLY B 104 16.52 5.43 -41.07
CA GLY B 104 15.81 4.71 -42.10
C GLY B 104 14.31 4.55 -41.90
N MET B 105 13.76 5.08 -40.80
CA MET B 105 12.33 4.97 -40.52
C MET B 105 11.60 6.22 -40.99
N THR B 106 10.30 6.06 -41.19
CA THR B 106 9.44 7.12 -41.73
C THR B 106 8.46 7.57 -40.66
N LYS B 107 8.16 8.88 -40.66
CA LYS B 107 7.18 9.46 -39.76
C LYS B 107 5.93 8.61 -39.69
N GLY B 108 5.40 8.45 -38.48
CA GLY B 108 4.18 7.71 -38.25
C GLY B 108 4.36 6.23 -38.00
N SER B 109 5.56 5.70 -38.19
CA SER B 109 5.83 4.28 -37.94
C SER B 109 6.18 4.07 -36.47
N LEU B 110 6.34 2.80 -36.11
CA LEU B 110 6.53 2.43 -34.72
C LEU B 110 7.78 1.59 -34.59
N LEU B 111 8.57 1.86 -33.56
CA LEU B 111 9.71 1.03 -33.20
C LEU B 111 9.42 0.39 -31.85
N ILE B 112 9.52 -0.93 -31.79
CA ILE B 112 9.26 -1.70 -30.57
C ILE B 112 10.60 -2.16 -30.04
N ASN B 113 11.00 -1.67 -28.87
CA ASN B 113 12.26 -2.07 -28.28
C ASN B 113 11.98 -3.12 -27.21
N THR B 114 12.43 -4.36 -27.45
CA THR B 114 12.26 -5.43 -26.47
C THR B 114 13.52 -5.67 -25.66
N SER B 115 14.53 -4.83 -25.85
CA SER B 115 15.81 -4.99 -25.16
C SER B 115 15.69 -4.64 -23.69
N SER B 116 16.56 -5.24 -22.88
CA SER B 116 16.66 -4.93 -21.46
C SER B 116 17.74 -3.87 -21.29
N VAL B 117 17.35 -2.60 -21.23
CA VAL B 117 18.28 -1.48 -21.19
C VAL B 117 17.89 -0.55 -20.04
N SER B 118 18.69 0.47 -19.82
CA SER B 118 18.47 1.33 -18.67
C SER B 118 17.32 2.29 -18.91
N PRO B 119 16.72 2.81 -17.83
CA PRO B 119 15.75 3.90 -18.01
C PRO B 119 16.32 5.10 -18.73
N GLU B 120 17.62 5.38 -18.57
CA GLU B 120 18.22 6.51 -19.25
C GLU B 120 18.30 6.27 -20.75
N ALA B 121 18.70 5.05 -21.14
CA ALA B 121 18.75 4.70 -22.55
C ALA B 121 17.36 4.71 -23.16
N THR B 122 16.36 4.27 -22.40
CA THR B 122 14.97 4.26 -22.85
C THR B 122 14.48 5.68 -23.12
N ALA B 123 14.76 6.61 -22.21
CA ALA B 123 14.32 7.99 -22.40
C ALA B 123 15.01 8.62 -23.60
N THR B 124 16.30 8.33 -23.77
CA THR B 124 17.05 8.89 -24.89
C THR B 124 16.48 8.41 -26.22
N LEU B 125 16.14 7.12 -26.31
CA LEU B 125 15.58 6.60 -27.55
C LEU B 125 14.18 7.13 -27.81
N TYR B 126 13.37 7.27 -26.75
CA TYR B 126 12.03 7.79 -26.95
C TYR B 126 12.06 9.19 -27.54
N GLU B 127 12.93 10.06 -26.99
CA GLU B 127 12.98 11.42 -27.49
C GLU B 127 13.63 11.49 -28.86
N ALA B 128 14.63 10.64 -29.13
CA ALA B 128 15.18 10.57 -30.48
C ALA B 128 14.13 10.10 -31.48
N GLY B 129 13.33 9.10 -31.10
CA GLY B 129 12.25 8.67 -31.97
C GLY B 129 11.27 9.80 -32.27
N GLN B 130 11.01 10.65 -31.28
CA GLN B 130 10.02 11.70 -31.47
C GLN B 130 10.50 12.73 -32.48
N LYS B 131 11.81 12.99 -32.52
CA LYS B 131 12.34 13.92 -33.51
C LYS B 131 12.22 13.37 -34.93
N HIS B 132 12.11 12.05 -35.09
CA HIS B 132 11.90 11.42 -36.38
C HIS B 132 10.42 11.16 -36.66
N GLY B 133 9.53 11.54 -35.76
CA GLY B 133 8.14 11.18 -35.89
C GLY B 133 7.85 9.71 -35.68
N VAL B 134 8.72 9.00 -34.95
CA VAL B 134 8.58 7.57 -34.71
C VAL B 134 8.24 7.38 -33.23
N VAL B 135 7.14 6.68 -32.97
CA VAL B 135 6.78 6.30 -31.60
C VAL B 135 7.61 5.10 -31.20
N VAL B 136 8.31 5.20 -30.07
CA VAL B 136 9.11 4.10 -29.52
C VAL B 136 8.38 3.53 -28.32
N LEU B 137 7.97 2.27 -28.42
CA LEU B 137 7.42 1.54 -27.29
C LEU B 137 8.56 0.80 -26.61
N ASP B 138 8.74 1.01 -25.31
CA ASP B 138 9.67 0.18 -24.55
C ASP B 138 8.88 -1.05 -24.11
N ALA B 139 9.16 -2.19 -24.74
CA ALA B 139 8.37 -3.41 -24.54
C ALA B 139 9.27 -4.62 -24.26
N PRO B 140 10.06 -4.58 -23.20
CA PRO B 140 10.78 -5.81 -22.79
C PRO B 140 9.81 -6.91 -22.42
N VAL B 141 10.34 -8.14 -22.31
CA VAL B 141 9.50 -9.31 -22.09
C VAL B 141 9.96 -10.06 -20.84
N SER B 142 8.99 -10.71 -20.19
CA SER B 142 9.25 -11.65 -19.09
C SER B 142 9.11 -13.06 -19.65
N GLY B 143 10.11 -13.89 -19.38
CA GLY B 143 10.17 -15.20 -20.01
C GLY B 143 11.48 -15.43 -20.72
N SER B 144 11.87 -16.69 -20.86
CA SER B 144 13.15 -17.04 -21.45
C SER B 144 12.92 -17.76 -22.79
N THR B 145 13.93 -18.51 -23.24
CA THR B 145 13.77 -19.25 -24.49
C THR B 145 12.63 -20.25 -24.47
N PRO B 146 12.36 -21.02 -23.40
CA PRO B 146 11.18 -21.90 -23.45
C PRO B 146 9.88 -21.14 -23.62
N GLU B 147 9.76 -19.97 -22.99
CA GLU B 147 8.55 -19.17 -23.17
C GLU B 147 8.51 -18.52 -24.54
N ALA B 148 9.66 -18.12 -25.08
CA ALA B 148 9.69 -17.59 -26.44
C ALA B 148 9.28 -18.67 -27.44
N ASP B 149 9.70 -19.91 -27.20
CA ASP B 149 9.36 -21.01 -28.11
C ASP B 149 7.85 -21.23 -28.17
N SER B 150 7.18 -21.17 -27.02
CA SER B 150 5.77 -21.45 -26.92
C SER B 150 4.90 -20.20 -27.00
N ALA B 151 5.50 -19.06 -27.34
CA ALA B 151 4.82 -17.76 -27.30
C ALA B 151 4.11 -17.56 -25.96
N SER B 152 4.83 -17.88 -24.89
CA SER B 152 4.35 -17.75 -23.52
C SER B 152 4.89 -16.50 -22.84
N LEU B 153 5.58 -15.64 -23.59
CA LEU B 153 6.15 -14.42 -23.04
C LEU B 153 5.07 -13.49 -22.49
N VAL B 154 5.44 -12.71 -21.49
CA VAL B 154 4.62 -11.61 -21.00
C VAL B 154 5.29 -10.31 -21.45
N ILE B 155 4.56 -9.50 -22.20
CA ILE B 155 5.10 -8.25 -22.74
C ILE B 155 4.86 -7.16 -21.69
N LEU B 156 5.90 -6.40 -21.39
CA LEU B 156 5.86 -5.30 -20.40
C LEU B 156 6.07 -3.99 -21.15
N VAL B 157 4.99 -3.24 -21.42
CA VAL B 157 5.11 -2.18 -22.40
C VAL B 157 4.74 -0.82 -21.80
N GLY B 158 5.56 0.17 -22.12
CA GLY B 158 5.31 1.56 -21.78
C GLY B 158 4.98 2.34 -23.04
N GLY B 159 3.98 3.20 -22.93
CA GLY B 159 3.61 4.04 -24.04
C GLY B 159 2.18 4.50 -23.92
N ASP B 160 1.77 5.26 -24.92
CA ASP B 160 0.38 5.70 -24.98
C ASP B 160 -0.53 4.52 -25.31
N LYS B 161 -1.71 4.52 -24.71
CA LYS B 161 -2.67 3.43 -24.86
C LYS B 161 -2.95 3.12 -26.33
N ASP B 162 -3.02 4.15 -27.18
CA ASP B 162 -3.37 3.91 -28.57
C ASP B 162 -2.20 3.34 -29.38
N ASP B 163 -0.97 3.71 -29.02
CA ASP B 163 0.19 3.09 -29.67
C ASP B 163 0.33 1.63 -29.24
N VAL B 164 0.05 1.33 -27.97
CA VAL B 164 0.05 -0.06 -27.52
C VAL B 164 -0.99 -0.87 -28.28
N ALA B 165 -2.15 -0.25 -28.57
CA ALA B 165 -3.18 -0.93 -29.36
C ALA B 165 -2.70 -1.19 -30.78
N ARG B 166 -1.92 -0.27 -31.35
CA ARG B 166 -1.39 -0.45 -32.70
C ARG B 166 -0.52 -1.68 -32.79
N ALA B 167 0.27 -1.95 -31.75
CA ALA B 167 1.22 -3.03 -31.74
C ALA B 167 0.62 -4.35 -31.29
N ALA B 168 -0.66 -4.36 -30.91
CA ALA B 168 -1.30 -5.54 -30.33
C ALA B 168 -1.11 -6.82 -31.13
N PRO B 169 -1.33 -6.87 -32.45
CA PRO B 169 -1.15 -8.16 -33.15
C PRO B 169 0.26 -8.71 -33.04
N ILE B 170 1.26 -7.83 -32.97
CA ILE B 170 2.63 -8.28 -32.82
C ILE B 170 2.84 -8.88 -31.43
N PHE B 171 2.37 -8.17 -30.40
CA PHE B 171 2.51 -8.67 -29.04
C PHE B 171 1.74 -9.97 -28.85
N ASP B 172 0.59 -10.09 -29.52
CA ASP B 172 -0.23 -11.29 -29.35
C ASP B 172 0.42 -12.51 -29.99
N ALA B 173 1.20 -12.31 -31.05
CA ALA B 173 1.82 -13.43 -31.73
C ALA B 173 2.97 -14.01 -30.91
N ILE B 174 3.69 -13.16 -30.19
CA ILE B 174 4.91 -13.61 -29.51
C ILE B 174 4.68 -13.94 -28.04
N GLY B 175 3.54 -13.56 -27.46
CA GLY B 175 3.32 -13.75 -26.05
C GLY B 175 1.90 -14.18 -25.74
N LYS B 176 1.66 -14.44 -24.45
CA LYS B 176 0.37 -14.84 -23.91
C LYS B 176 -0.34 -13.72 -23.16
N LEU B 177 0.34 -12.61 -22.91
CA LEU B 177 -0.21 -11.56 -22.06
C LEU B 177 0.59 -10.29 -22.31
N THR B 178 -0.10 -9.18 -22.51
CA THR B 178 0.50 -7.86 -22.68
C THR B 178 0.11 -7.01 -21.47
N ILE B 179 1.10 -6.60 -20.68
CA ILE B 179 0.86 -5.75 -19.52
C ILE B 179 1.19 -4.33 -19.93
N HIS B 180 0.19 -3.45 -19.93
CA HIS B 180 0.45 -2.05 -20.20
C HIS B 180 0.87 -1.41 -18.89
N ALA B 181 2.16 -1.11 -18.77
CA ALA B 181 2.74 -0.73 -17.48
C ALA B 181 2.61 0.75 -17.18
N GLY B 182 2.22 1.56 -18.17
CA GLY B 182 2.14 2.99 -18.03
C GLY B 182 2.70 3.68 -19.26
N PRO B 183 3.06 4.96 -19.13
CA PRO B 183 3.65 5.70 -20.26
C PRO B 183 5.08 5.29 -20.58
N THR B 184 5.69 5.96 -21.56
CA THR B 184 7.05 5.61 -21.97
C THR B 184 7.97 5.50 -20.76
N GLY B 185 8.79 4.45 -20.76
CA GLY B 185 9.69 4.15 -19.67
C GLY B 185 9.16 3.14 -18.67
N SER B 186 7.84 2.91 -18.67
CA SER B 186 7.23 2.05 -17.65
C SER B 186 7.55 0.58 -17.89
N GLY B 187 7.70 0.20 -19.16
CA GLY B 187 8.03 -1.19 -19.47
C GLY B 187 9.44 -1.51 -19.04
N ALA B 188 10.37 -0.61 -19.35
CA ALA B 188 11.75 -0.78 -18.91
C ALA B 188 11.83 -0.90 -17.39
N ARG B 189 11.08 -0.07 -16.67
CA ARG B 189 11.14 -0.13 -15.21
C ARG B 189 10.54 -1.43 -14.67
N LEU B 190 9.42 -1.88 -15.24
CA LEU B 190 8.82 -3.11 -14.77
C LEU B 190 9.72 -4.32 -15.05
N LYS B 191 10.44 -4.28 -16.19
CA LYS B 191 11.39 -5.35 -16.48
C LYS B 191 12.49 -5.38 -15.41
N LEU B 192 12.99 -4.21 -14.99
CA LEU B 192 14.00 -4.17 -13.93
C LEU B 192 13.48 -4.80 -12.64
N VAL B 193 12.23 -4.51 -12.29
CA VAL B 193 11.60 -5.11 -11.11
C VAL B 193 11.62 -6.62 -11.19
N ILE B 194 11.16 -7.17 -12.32
CA ILE B 194 11.07 -8.62 -12.46
C ILE B 194 12.45 -9.26 -12.51
N ASN B 195 13.43 -8.56 -13.13
CA ASN B 195 14.80 -9.08 -13.15
C ASN B 195 15.36 -9.24 -11.75
N GLY B 196 15.11 -8.26 -10.89
CA GLY B 196 15.60 -8.37 -9.52
C GLY B 196 15.02 -9.56 -8.79
N ILE B 197 13.72 -9.79 -8.95
CA ILE B 197 13.08 -10.94 -8.33
C ILE B 197 13.70 -12.24 -8.82
N MET B 198 13.95 -12.32 -10.13
CA MET B 198 14.51 -13.53 -10.73
C MET B 198 15.92 -13.76 -10.24
N GLY B 199 16.76 -12.71 -10.28
CA GLY B 199 18.16 -12.90 -9.91
C GLY B 199 18.33 -13.23 -8.44
N ALA B 200 17.69 -12.45 -7.56
CA ALA B 200 17.82 -12.72 -6.14
C ALA B 200 17.09 -14.00 -5.74
N GLY B 201 16.05 -14.39 -6.46
CA GLY B 201 15.45 -15.70 -6.19
C GLY B 201 16.45 -16.82 -6.39
N LEU B 202 17.28 -16.71 -7.42
CA LEU B 202 18.28 -17.73 -7.66
C LEU B 202 19.39 -17.68 -6.61
N THR B 203 19.92 -16.49 -6.28
CA THR B 203 21.02 -16.46 -5.32
C THR B 203 20.54 -16.92 -3.95
N THR B 204 19.32 -16.56 -3.56
CA THR B 204 18.72 -17.07 -2.33
C THR B 204 18.71 -18.58 -2.33
N LEU B 205 18.25 -19.18 -3.42
CA LEU B 205 18.13 -20.63 -3.49
C LEU B 205 19.51 -21.29 -3.45
N ALA B 206 20.48 -20.74 -4.19
CA ALA B 206 21.83 -21.33 -4.18
C ALA B 206 22.43 -21.31 -2.79
N GLU B 207 22.25 -20.20 -2.07
CA GLU B 207 22.84 -20.06 -0.74
C GLU B 207 22.17 -21.00 0.25
N SER B 208 20.85 -21.13 0.17
CA SER B 208 20.12 -22.00 1.08
C SER B 208 20.46 -23.47 0.85
N VAL B 209 20.54 -23.88 -0.42
CA VAL B 209 21.00 -25.24 -0.72
C VAL B 209 22.41 -25.46 -0.19
N ALA B 210 23.29 -24.47 -0.37
CA ALA B 210 24.66 -24.59 0.11
C ALA B 210 24.71 -24.80 1.62
N TYR B 211 23.93 -24.02 2.37
CA TYR B 211 23.90 -24.25 3.82
C TYR B 211 23.44 -25.69 4.10
N GLY B 212 22.37 -26.12 3.45
CA GLY B 212 21.86 -27.46 3.72
C GLY B 212 22.90 -28.53 3.48
N LEU B 213 23.64 -28.41 2.37
CA LEU B 213 24.68 -29.40 2.08
C LEU B 213 25.81 -29.31 3.10
N SER B 214 26.19 -28.09 3.48
CA SER B 214 27.27 -27.93 4.44
C SER B 214 26.93 -28.50 5.80
N ALA B 215 25.64 -28.58 6.11
CA ALA B 215 25.16 -29.08 7.38
C ALA B 215 24.91 -30.58 7.35
N GLY B 216 25.28 -31.24 6.25
CA GLY B 216 25.27 -32.69 6.15
C GLY B 216 24.05 -33.30 5.51
N LEU B 217 23.11 -32.49 5.01
CA LEU B 217 21.91 -33.05 4.38
C LEU B 217 22.27 -33.79 3.11
N ASP B 218 21.61 -34.93 2.90
CA ASP B 218 21.79 -35.70 1.69
C ASP B 218 21.35 -34.88 0.48
N ARG B 219 22.18 -34.86 -0.57
CA ARG B 219 21.93 -33.96 -1.70
C ARG B 219 20.63 -34.28 -2.40
N SER B 220 20.42 -35.56 -2.73
CA SER B 220 19.21 -35.90 -3.47
C SER B 220 17.96 -35.64 -2.65
N MET B 221 17.99 -36.02 -1.37
CA MET B 221 16.92 -35.66 -0.44
C MET B 221 16.59 -34.18 -0.52
N LEU B 222 17.63 -33.35 -0.41
CA LEU B 222 17.44 -31.91 -0.29
C LEU B 222 16.84 -31.33 -1.56
N PHE B 223 17.42 -31.68 -2.71
CA PHE B 223 16.87 -31.18 -3.97
C PHE B 223 15.42 -31.62 -4.15
N ASP B 224 15.10 -32.89 -3.83
CA ASP B 224 13.73 -33.35 -4.02
C ASP B 224 12.78 -32.73 -3.01
N ALA B 225 13.25 -32.50 -1.77
CA ALA B 225 12.40 -31.88 -0.75
C ALA B 225 12.00 -30.47 -1.17
N LEU B 226 12.96 -29.71 -1.71
CA LEU B 226 12.68 -28.33 -2.08
C LEU B 226 11.73 -28.25 -3.25
N ASP B 227 11.69 -29.26 -4.11
CA ASP B 227 10.68 -29.26 -5.15
C ASP B 227 9.26 -29.33 -4.60
N GLN B 228 9.08 -29.68 -3.33
CA GLN B 228 7.75 -29.91 -2.75
C GLN B 228 7.25 -28.76 -1.89
N VAL B 229 8.00 -27.66 -1.75
CA VAL B 229 7.63 -26.57 -0.86
C VAL B 229 7.04 -25.42 -1.68
N ALA B 230 6.23 -24.60 -1.02
CA ALA B 230 5.47 -23.54 -1.67
C ALA B 230 6.21 -22.21 -1.77
N VAL B 231 7.44 -22.13 -1.25
CA VAL B 231 8.15 -20.86 -1.17
C VAL B 231 9.19 -20.69 -2.27
N ILE B 232 9.22 -21.60 -3.26
CA ILE B 232 10.09 -21.48 -4.43
C ILE B 232 9.20 -21.30 -5.66
N SER B 233 9.61 -20.40 -6.56
CA SER B 233 8.82 -20.12 -7.75
C SER B 233 8.89 -21.28 -8.74
N PRO B 234 7.90 -21.40 -9.62
CA PRO B 234 7.99 -22.44 -10.66
C PRO B 234 9.24 -22.31 -11.51
N HIS B 235 9.60 -21.06 -11.85
CA HIS B 235 10.83 -20.81 -12.60
C HIS B 235 12.04 -21.38 -11.87
N HIS B 236 12.16 -21.07 -10.59
CA HIS B 236 13.34 -21.49 -9.88
C HIS B 236 13.32 -22.97 -9.53
N LYS B 237 12.13 -23.58 -9.40
CA LYS B 237 12.07 -25.04 -9.25
C LYS B 237 12.60 -25.74 -10.50
N ARG B 238 12.32 -25.18 -11.67
CA ARG B 238 12.88 -25.72 -12.92
C ARG B 238 14.40 -25.65 -12.88
N LYS B 239 14.94 -24.49 -12.45
CA LYS B 239 16.40 -24.36 -12.38
C LYS B 239 16.99 -25.36 -11.40
N LEU B 240 16.31 -25.58 -10.27
CA LEU B 240 16.82 -26.50 -9.27
C LEU B 240 16.87 -27.93 -9.81
N LYS B 241 15.85 -28.34 -10.57
CA LYS B 241 15.87 -29.68 -11.16
C LYS B 241 17.03 -29.83 -12.15
N ALA B 242 17.28 -28.80 -12.95
CA ALA B 242 18.42 -28.86 -13.87
C ALA B 242 19.74 -28.90 -13.10
N ALA B 243 19.85 -28.11 -12.03
CA ALA B 243 21.07 -28.11 -11.23
C ALA B 243 21.30 -29.45 -10.53
N LYS B 244 20.24 -30.20 -10.22
CA LYS B 244 20.44 -31.52 -9.64
C LYS B 244 21.28 -32.39 -10.56
N ASP B 245 21.11 -32.22 -11.86
CA ASP B 245 21.85 -32.97 -12.88
C ASP B 245 23.13 -32.26 -13.32
N GLY B 246 23.47 -31.13 -12.69
CA GLY B 246 24.60 -30.35 -13.15
C GLY B 246 24.43 -29.71 -14.51
N ASN B 247 23.18 -29.50 -14.93
CA ASN B 247 22.88 -29.00 -16.27
C ASN B 247 22.70 -27.49 -16.23
N PHE B 248 23.70 -26.76 -16.74
CA PHE B 248 23.62 -25.30 -16.85
C PHE B 248 23.79 -24.85 -18.29
N ALA B 249 23.37 -25.68 -19.25
CA ALA B 249 23.23 -25.17 -20.60
C ALA B 249 22.37 -23.90 -20.56
N PRO B 250 22.75 -22.86 -21.31
CA PRO B 250 22.11 -21.55 -21.11
C PRO B 250 20.69 -21.46 -21.64
N GLN B 251 19.78 -21.07 -20.75
CA GLN B 251 18.52 -20.45 -21.18
C GLN B 251 18.59 -18.94 -21.05
N PHE B 252 19.17 -18.46 -19.97
CA PHE B 252 19.49 -17.05 -19.79
C PHE B 252 20.89 -17.00 -19.17
N PRO B 253 21.90 -16.57 -19.92
CA PRO B 253 23.29 -16.69 -19.46
C PRO B 253 23.63 -15.75 -18.33
N ALA B 254 24.62 -16.17 -17.54
CA ALA B 254 25.08 -15.36 -16.41
C ALA B 254 25.45 -13.95 -16.82
N ARG B 255 26.10 -13.78 -17.99
CA ARG B 255 26.58 -12.44 -18.33
C ARG B 255 25.42 -11.48 -18.53
N LEU B 256 24.28 -11.98 -19.04
CA LEU B 256 23.12 -11.12 -19.26
C LEU B 256 22.34 -10.89 -17.97
N MET B 257 22.18 -11.93 -17.15
CA MET B 257 21.50 -11.74 -15.86
C MET B 257 22.26 -10.75 -15.02
N GLN B 258 23.60 -10.88 -15.00
CA GLN B 258 24.39 -9.98 -14.16
C GLN B 258 24.32 -8.57 -14.68
N LYS B 259 24.31 -8.39 -16.01
CA LYS B 259 24.13 -7.07 -16.60
C LYS B 259 22.79 -6.48 -16.19
N ASP B 260 21.75 -7.31 -16.16
CA ASP B 260 20.42 -6.82 -15.79
C ASP B 260 20.41 -6.39 -14.33
N MET B 261 21.10 -7.13 -13.47
CA MET B 261 21.22 -6.68 -12.09
C MET B 261 22.02 -5.41 -11.95
N ARG B 262 23.10 -5.26 -12.73
CA ARG B 262 23.81 -3.98 -12.71
C ARG B 262 22.88 -2.83 -13.07
N LEU B 263 22.04 -3.01 -14.09
CA LEU B 263 21.11 -1.95 -14.48
C LEU B 263 20.13 -1.63 -13.37
N LEU B 264 19.59 -2.67 -12.73
CA LEU B 264 18.62 -2.46 -11.65
C LEU B 264 19.28 -1.74 -10.48
N LEU B 265 20.50 -2.14 -10.12
CA LEU B 265 21.12 -1.49 -8.97
C LEU B 265 21.51 -0.05 -9.29
N ASP B 266 21.89 0.24 -10.55
CA ASP B 266 22.14 1.64 -10.89
C ASP B 266 20.88 2.46 -10.78
N ALA B 267 19.76 1.92 -11.27
CA ALA B 267 18.49 2.63 -11.22
C ALA B 267 18.03 2.82 -9.78
N ALA B 268 18.17 1.78 -8.95
CA ALA B 268 17.79 1.92 -7.54
C ALA B 268 18.64 2.96 -6.83
N ALA B 269 19.91 3.08 -7.22
CA ALA B 269 20.75 4.10 -6.61
C ALA B 269 20.31 5.48 -7.10
N ARG B 270 20.00 5.61 -8.39
CA ARG B 270 19.53 6.91 -8.86
C ARG B 270 18.24 7.33 -8.17
N GLU B 271 17.38 6.38 -7.82
CA GLU B 271 16.15 6.70 -7.12
C GLU B 271 16.34 6.77 -5.61
N ALA B 272 17.56 6.48 -5.13
CA ALA B 272 17.89 6.47 -3.70
C ALA B 272 16.98 5.53 -2.92
N VAL B 273 16.79 4.32 -3.42
CA VAL B 273 16.01 3.30 -2.73
C VAL B 273 16.97 2.25 -2.20
N PRO B 274 16.99 2.00 -0.89
CA PRO B 274 17.91 0.99 -0.33
C PRO B 274 17.38 -0.41 -0.61
N VAL B 275 18.17 -1.20 -1.34
CA VAL B 275 17.77 -2.57 -1.69
C VAL B 275 18.90 -3.54 -1.34
N PRO B 276 19.15 -3.79 -0.05
CA PRO B 276 20.30 -4.64 0.34
C PRO B 276 20.23 -6.08 -0.16
N THR B 277 19.03 -6.69 -0.24
CA THR B 277 18.96 -8.07 -0.73
C THR B 277 19.33 -8.12 -2.20
N LEU B 278 18.80 -7.18 -3.00
CA LEU B 278 19.12 -7.13 -4.43
C LEU B 278 20.60 -6.83 -4.63
N ALA B 279 21.18 -5.97 -3.78
CA ALA B 279 22.59 -5.64 -3.92
C ALA B 279 23.47 -6.85 -3.63
N ALA B 280 23.13 -7.61 -2.59
CA ALA B 280 23.87 -8.84 -2.28
C ALA B 280 23.77 -9.84 -3.43
N ALA B 281 22.56 -10.03 -3.96
CA ALA B 281 22.35 -10.94 -5.07
C ALA B 281 23.20 -10.54 -6.27
N THR B 282 23.29 -9.23 -6.55
CA THR B 282 24.10 -8.76 -7.68
C THR B 282 25.54 -9.20 -7.54
N GLN B 283 26.10 -9.10 -6.32
CA GLN B 283 27.50 -9.46 -6.15
C GLN B 283 27.72 -10.94 -6.35
N GLN B 284 26.77 -11.76 -5.90
CA GLN B 284 26.83 -13.19 -6.17
C GLN B 284 26.76 -13.47 -7.65
N LEU B 285 25.96 -12.68 -8.40
CA LEU B 285 25.90 -12.89 -9.84
C LEU B 285 27.13 -12.32 -10.56
N SER B 286 27.86 -11.38 -9.96
CA SER B 286 29.17 -11.01 -10.49
C SER B 286 30.14 -12.18 -10.40
N LEU B 287 30.19 -12.85 -9.26
CA LEU B 287 31.02 -14.06 -9.14
C LEU B 287 30.59 -15.10 -10.17
N THR B 288 29.27 -15.31 -10.31
CA THR B 288 28.76 -16.31 -11.26
C THR B 288 29.23 -16.00 -12.67
N ARG B 289 29.09 -14.74 -13.11
CA ARG B 289 29.52 -14.34 -14.43
C ARG B 289 31.03 -14.50 -14.60
N ARG B 290 31.80 -14.10 -13.60
CA ARG B 290 33.26 -14.24 -13.70
C ARG B 290 33.67 -15.69 -13.93
N LEU B 291 33.04 -16.62 -13.18
CA LEU B 291 33.43 -18.03 -13.29
C LEU B 291 32.93 -18.68 -14.57
N SER B 292 31.75 -18.30 -15.06
CA SER B 292 31.21 -18.85 -16.30
C SER B 292 30.25 -17.85 -16.92
N PRO B 293 30.71 -17.01 -17.84
CA PRO B 293 29.82 -15.98 -18.37
C PRO B 293 28.69 -16.52 -19.22
N ASN B 294 28.88 -17.66 -19.86
CA ASN B 294 27.96 -18.10 -20.90
C ASN B 294 27.01 -19.22 -20.48
N GLU B 295 27.30 -19.94 -19.41
CA GLU B 295 26.34 -20.93 -18.92
C GLU B 295 25.14 -20.23 -18.27
N ASP B 296 24.08 -21.00 -18.04
CA ASP B 296 22.89 -20.42 -17.42
C ASP B 296 23.24 -19.70 -16.14
N TYR B 297 22.50 -18.62 -15.84
CA TYR B 297 22.77 -17.86 -14.62
C TYR B 297 22.56 -18.69 -13.37
N SER B 298 21.79 -19.78 -13.43
CA SER B 298 21.63 -20.67 -12.29
C SER B 298 22.90 -21.44 -11.91
N SER B 299 23.99 -21.33 -12.68
CA SER B 299 25.22 -22.05 -12.33
C SER B 299 25.78 -21.63 -10.97
N LEU B 300 25.29 -20.54 -10.39
CA LEU B 300 25.67 -20.22 -9.01
C LEU B 300 25.37 -21.37 -8.07
N ILE B 301 24.34 -22.18 -8.34
CA ILE B 301 24.10 -23.33 -7.49
C ILE B 301 25.33 -24.24 -7.46
N ARG B 302 25.92 -24.49 -8.64
CA ARG B 302 27.13 -25.30 -8.75
C ARG B 302 28.32 -24.61 -8.06
N VAL B 303 28.48 -23.30 -8.27
CA VAL B 303 29.54 -22.53 -7.63
C VAL B 303 29.49 -22.73 -6.11
N MET B 304 28.30 -22.58 -5.54
CA MET B 304 28.16 -22.74 -4.09
C MET B 304 28.38 -24.17 -3.64
N GLU B 305 27.91 -25.16 -4.42
CA GLU B 305 28.19 -26.56 -4.07
C GLU B 305 29.69 -26.80 -3.99
N LYS B 306 30.44 -26.20 -4.91
CA LYS B 306 31.89 -26.44 -4.93
C LYS B 306 32.58 -25.72 -3.78
N ILE B 307 32.09 -24.54 -3.39
CA ILE B 307 32.63 -23.89 -2.20
C ILE B 307 32.46 -24.80 -0.99
N VAL B 308 31.28 -25.39 -0.84
CA VAL B 308 30.99 -26.19 0.34
C VAL B 308 31.74 -27.51 0.30
N ALA B 309 31.94 -28.07 -0.91
CA ALA B 309 32.68 -29.30 -1.06
C ALA B 309 34.19 -29.10 -0.91
N ASN B 310 34.66 -27.85 -0.83
CA ASN B 310 36.07 -27.53 -0.90
C ASN B 310 36.66 -28.05 -2.21
N ASP B 311 35.92 -27.83 -3.29
CA ASP B 311 36.35 -28.17 -4.64
C ASP B 311 36.93 -26.88 -5.22
N ARG B 312 38.25 -26.73 -5.09
CA ARG B 312 38.95 -25.50 -5.42
C ARG B 312 39.87 -25.67 -6.63
N GLN C 18 41.66 -4.93 49.74
CA GLN C 18 40.62 -4.91 48.71
C GLN C 18 41.23 -4.88 47.32
N ILE C 19 42.15 -3.94 47.08
CA ILE C 19 42.77 -3.80 45.77
C ILE C 19 43.66 -5.02 45.49
N LEU C 20 43.59 -5.52 44.27
CA LEU C 20 44.25 -6.78 43.89
C LEU C 20 45.70 -6.56 43.47
N SER C 21 46.46 -5.89 44.33
CA SER C 21 47.88 -5.72 44.13
C SER C 21 48.62 -7.04 44.34
N PRO C 22 49.88 -7.14 43.88
CA PRO C 22 50.66 -8.35 44.18
C PRO C 22 50.77 -8.64 45.66
N GLU C 23 50.73 -7.60 46.48
CA GLU C 23 50.80 -7.79 47.93
C GLU C 23 49.55 -8.50 48.44
N ASN C 24 48.36 -8.05 48.02
CA ASN C 24 47.13 -8.58 48.56
C ASN C 24 46.69 -9.86 47.85
N ALA C 25 46.95 -9.98 46.55
CA ALA C 25 46.49 -11.12 45.76
C ALA C 25 47.59 -11.53 44.79
N PRO C 26 48.64 -12.17 45.29
CA PRO C 26 49.82 -12.43 44.44
C PRO C 26 49.57 -13.49 43.38
N ARG C 27 48.72 -14.47 43.63
CA ARG C 27 48.55 -15.59 42.70
C ARG C 27 47.40 -15.29 41.73
N ILE C 28 47.73 -15.20 40.46
CA ILE C 28 46.76 -15.07 39.38
C ILE C 28 46.75 -16.37 38.60
N GLY C 29 45.62 -17.06 38.61
CA GLY C 29 45.45 -18.28 37.83
C GLY C 29 44.69 -17.99 36.54
N PHE C 30 45.17 -18.59 35.46
CA PHE C 30 44.56 -18.41 34.14
C PHE C 30 43.74 -19.63 33.77
N ILE C 31 42.53 -19.41 33.28
CA ILE C 31 41.74 -20.43 32.62
C ILE C 31 41.91 -20.17 31.12
N GLY C 32 42.72 -20.99 30.47
CA GLY C 32 43.13 -20.72 29.10
C GLY C 32 44.44 -19.97 29.10
N PHE C 33 45.33 -20.29 28.16
CA PHE C 33 46.64 -19.68 28.14
C PHE C 33 47.25 -19.74 26.75
N GLY C 34 46.66 -19.01 25.81
CA GLY C 34 47.09 -18.98 24.43
C GLY C 34 47.94 -17.78 24.10
N ALA C 35 47.82 -17.32 22.84
CA ALA C 35 48.70 -16.28 22.34
C ALA C 35 48.61 -14.99 23.14
N MET C 36 47.39 -14.53 23.43
CA MET C 36 47.25 -13.32 24.23
C MET C 36 47.44 -13.57 25.72
N ALA C 37 46.88 -14.67 26.25
CA ALA C 37 46.93 -14.90 27.68
C ALA C 37 48.38 -15.05 28.18
N SER C 38 49.20 -15.82 27.45
CA SER C 38 50.59 -15.97 27.86
C SER C 38 51.31 -14.62 27.86
N ARG C 39 51.06 -13.81 26.84
CA ARG C 39 51.65 -12.48 26.77
C ARG C 39 51.16 -11.60 27.92
N MET C 40 49.88 -11.72 28.26
CA MET C 40 49.35 -11.06 29.46
C MET C 40 50.09 -11.52 30.71
N GLY C 41 50.31 -12.83 30.83
CA GLY C 41 50.96 -13.37 32.02
C GLY C 41 52.40 -12.91 32.17
N ASP C 42 53.14 -12.82 31.06
CA ASP C 42 54.50 -12.27 31.13
C ASP C 42 54.49 -10.89 31.76
N HIS C 43 53.52 -10.06 31.40
CA HIS C 43 53.46 -8.71 31.95
C HIS C 43 53.03 -8.72 33.41
N LEU C 44 52.17 -9.66 33.80
CA LEU C 44 51.80 -9.75 35.21
C LEU C 44 52.93 -10.36 36.04
N LYS C 45 53.72 -11.25 35.44
CA LYS C 45 54.94 -11.72 36.09
C LYS C 45 55.86 -10.55 36.41
N THR C 46 56.15 -9.70 35.41
CA THR C 46 57.01 -8.54 35.60
C THR C 46 56.46 -7.60 36.67
N ALA C 47 55.14 -7.54 36.81
CA ALA C 47 54.53 -6.67 37.82
C ALA C 47 54.55 -7.28 39.22
N GLY C 48 54.93 -8.55 39.35
CA GLY C 48 55.12 -9.16 40.64
C GLY C 48 54.08 -10.18 41.08
N TYR C 49 53.29 -10.72 40.17
CA TYR C 49 52.33 -11.77 40.49
C TYR C 49 52.92 -13.13 40.17
N THR C 50 52.33 -14.17 40.74
CA THR C 50 52.72 -15.55 40.46
C THR C 50 51.69 -16.17 39.52
N ILE C 51 52.15 -16.56 38.33
CA ILE C 51 51.25 -17.01 37.26
C ILE C 51 51.10 -18.53 37.29
N SER C 52 49.87 -18.99 37.22
CA SER C 52 49.55 -20.40 36.99
C SER C 52 48.43 -20.45 35.96
N ALA C 53 48.26 -21.64 35.35
CA ALA C 53 47.32 -21.74 34.25
C ALA C 53 46.78 -23.15 34.12
N TYR C 54 45.52 -23.24 33.74
CA TYR C 54 44.91 -24.49 33.26
C TYR C 54 44.56 -24.32 31.80
N THR C 55 44.90 -25.32 30.99
CA THR C 55 44.43 -25.39 29.61
C THR C 55 43.85 -26.76 29.37
N PRO C 56 42.85 -26.87 28.49
CA PRO C 56 42.27 -28.19 28.21
C PRO C 56 43.28 -29.19 27.65
N SER C 57 44.33 -28.72 26.98
CA SER C 57 45.34 -29.62 26.45
C SER C 57 46.36 -30.03 27.50
N GLY C 58 46.58 -29.18 28.51
CA GLY C 58 47.55 -29.48 29.55
C GLY C 58 48.96 -29.05 29.19
N PRO C 66 53.46 -23.13 35.45
CA PRO C 66 52.96 -24.31 36.16
C PRO C 66 51.49 -24.59 35.84
N MET C 67 51.23 -25.69 35.15
CA MET C 67 49.87 -26.05 34.77
C MET C 67 49.21 -26.89 35.86
N LEU C 68 47.91 -26.60 36.11
CA LEU C 68 47.01 -27.35 36.98
C LEU C 68 46.09 -28.23 36.13
N PRO C 69 45.61 -29.36 36.67
CA PRO C 69 44.96 -30.35 35.80
C PRO C 69 43.49 -30.06 35.48
N THR C 70 42.79 -29.33 36.33
CA THR C 70 41.40 -28.98 36.14
C THR C 70 41.20 -27.50 36.44
N PRO C 71 40.11 -26.90 35.93
CA PRO C 71 39.78 -25.52 36.35
C PRO C 71 39.60 -25.40 37.85
N LEU C 72 38.95 -26.39 38.47
CA LEU C 72 38.83 -26.43 39.92
C LEU C 72 40.20 -26.32 40.59
N ALA C 73 41.13 -27.20 40.22
CA ALA C 73 42.46 -27.15 40.80
C ALA C 73 43.13 -25.80 40.58
N LEU C 74 42.95 -25.22 39.40
CA LEU C 74 43.50 -23.90 39.12
C LEU C 74 42.94 -22.87 40.09
N ALA C 75 41.62 -22.84 40.25
CA ALA C 75 40.98 -21.78 41.05
C ALA C 75 41.31 -21.91 42.53
N LYS C 76 41.45 -23.13 43.03
CA LYS C 76 41.78 -23.33 44.44
C LYS C 76 43.13 -22.72 44.80
N GLN C 77 44.07 -22.73 43.84
CA GLN C 77 45.44 -22.29 44.08
C GLN C 77 45.66 -20.81 43.74
N ALA C 78 44.66 -20.13 43.22
CA ALA C 78 44.81 -18.73 42.80
C ALA C 78 44.01 -17.80 43.69
N ASP C 79 44.48 -16.55 43.77
CA ASP C 79 43.76 -15.47 44.46
C ASP C 79 42.80 -14.74 43.52
N THR C 80 43.21 -14.52 42.28
CA THR C 80 42.35 -13.95 41.24
C THR C 80 42.41 -14.88 40.04
N VAL C 81 41.25 -15.11 39.41
CA VAL C 81 41.16 -15.94 38.21
C VAL C 81 40.92 -15.03 37.01
N VAL C 82 41.74 -15.21 35.97
CA VAL C 82 41.58 -14.53 34.70
C VAL C 82 41.24 -15.59 33.65
N VAL C 83 40.19 -15.36 32.88
CA VAL C 83 39.71 -16.33 31.89
C VAL C 83 40.03 -15.79 30.50
N CYS C 84 40.62 -16.65 29.64
CA CYS C 84 40.89 -16.33 28.23
C CYS C 84 40.61 -17.59 27.41
N VAL C 85 39.35 -17.80 27.07
CA VAL C 85 38.93 -18.96 26.30
C VAL C 85 38.27 -18.46 25.02
N PRO C 86 38.14 -19.31 23.99
CA PRO C 86 37.73 -18.78 22.68
C PRO C 86 36.23 -18.54 22.47
N ASP C 87 35.33 -19.23 23.15
CA ASP C 87 33.91 -19.09 22.82
C ASP C 87 33.04 -19.47 24.02
N ASP C 88 31.72 -19.30 23.86
CA ASP C 88 30.76 -19.60 24.93
C ASP C 88 30.89 -21.03 25.43
N GLU C 89 31.07 -21.97 24.50
CA GLU C 89 31.10 -23.38 24.87
C GLU C 89 32.34 -23.71 25.70
N ALA C 90 33.50 -23.17 25.31
CA ALA C 90 34.70 -23.32 26.13
C ALA C 90 34.51 -22.68 27.50
N LEU C 91 33.81 -21.54 27.55
CA LEU C 91 33.61 -20.87 28.82
C LEU C 91 32.76 -21.72 29.75
N ALA C 92 31.66 -22.27 29.24
CA ALA C 92 30.78 -23.09 30.07
C ALA C 92 31.48 -24.37 30.52
N ALA C 93 32.27 -24.99 29.63
CA ALA C 93 32.95 -26.23 29.99
C ALA C 93 33.91 -26.01 31.15
N SER C 94 34.50 -24.83 31.25
CA SER C 94 35.53 -24.55 32.24
C SER C 94 35.03 -23.82 33.47
N MET C 95 33.91 -23.10 33.39
CA MET C 95 33.43 -22.39 34.58
C MET C 95 32.47 -23.19 35.44
N TYR C 96 31.69 -24.10 34.86
CA TYR C 96 30.57 -24.69 35.58
C TYR C 96 30.84 -26.15 35.93
N GLY C 97 30.05 -26.67 36.85
CA GLY C 97 30.18 -28.04 37.29
C GLY C 97 31.19 -28.20 38.42
N GLU C 98 31.24 -29.41 38.96
CA GLU C 98 32.03 -29.66 40.16
C GLU C 98 33.53 -29.51 39.89
N ASN C 99 33.96 -29.71 38.66
CA ASN C 99 35.36 -29.51 38.28
C ASN C 99 35.64 -28.12 37.71
N GLY C 100 34.62 -27.25 37.65
CA GLY C 100 34.79 -25.96 37.05
C GLY C 100 35.45 -24.95 37.98
N ALA C 101 35.81 -23.81 37.39
CA ALA C 101 36.58 -22.80 38.13
C ALA C 101 35.77 -22.21 39.28
N LEU C 102 34.46 -21.98 39.09
CA LEU C 102 33.71 -21.31 40.13
C LEU C 102 33.61 -22.16 41.40
N ALA C 103 33.56 -23.49 41.25
CA ALA C 103 33.49 -24.37 42.41
C ALA C 103 34.75 -24.32 43.25
N GLY C 104 35.85 -23.83 42.71
CA GLY C 104 37.09 -23.72 43.44
C GLY C 104 37.43 -22.32 43.92
N MET C 105 36.51 -21.37 43.79
CA MET C 105 36.78 -19.99 44.12
C MET C 105 36.09 -19.64 45.43
N THR C 106 36.62 -18.63 46.12
CA THR C 106 36.13 -18.25 47.43
C THR C 106 35.33 -16.95 47.36
N LYS C 107 34.28 -16.88 48.18
CA LYS C 107 33.48 -15.67 48.32
C LYS C 107 34.36 -14.45 48.52
N GLY C 108 34.02 -13.36 47.82
CA GLY C 108 34.75 -12.12 47.92
C GLY C 108 35.88 -11.95 46.92
N SER C 109 36.21 -12.98 46.15
CA SER C 109 37.25 -12.87 45.15
C SER C 109 36.67 -12.38 43.82
N LEU C 110 37.57 -12.14 42.85
CA LEU C 110 37.22 -11.59 41.56
C LEU C 110 37.58 -12.59 40.47
N LEU C 111 36.67 -12.79 39.52
CA LEU C 111 36.97 -13.45 38.26
C LEU C 111 36.94 -12.40 37.17
N ILE C 112 38.02 -12.33 36.38
CA ILE C 112 38.15 -11.36 35.30
C ILE C 112 38.09 -12.12 33.99
N ASN C 113 37.04 -11.92 33.22
CA ASN C 113 36.86 -12.64 31.97
C ASN C 113 37.30 -11.75 30.80
N THR C 114 38.40 -12.13 30.13
CA THR C 114 38.86 -11.37 28.98
C THR C 114 38.42 -12.02 27.66
N SER C 115 37.61 -13.06 27.73
CA SER C 115 37.23 -13.81 26.53
C SER C 115 36.23 -13.01 25.72
N SER C 116 36.25 -13.23 24.40
CA SER C 116 35.28 -12.59 23.52
C SER C 116 34.12 -13.57 23.34
N VAL C 117 33.08 -13.40 24.14
CA VAL C 117 31.93 -14.30 24.18
C VAL C 117 30.66 -13.48 24.04
N SER C 118 29.53 -14.17 24.04
CA SER C 118 28.24 -13.52 23.76
C SER C 118 27.73 -12.78 24.98
N PRO C 119 26.86 -11.78 24.78
CA PRO C 119 26.17 -11.16 25.92
C PRO C 119 25.43 -12.17 26.78
N GLU C 120 24.88 -13.22 26.16
CA GLU C 120 24.15 -14.24 26.91
C GLU C 120 25.08 -15.01 27.83
N ALA C 121 26.24 -15.43 27.31
CA ALA C 121 27.21 -16.14 28.13
C ALA C 121 27.73 -15.25 29.25
N THR C 122 27.89 -13.96 28.96
CA THR C 122 28.35 -13.01 29.96
C THR C 122 27.36 -12.91 31.10
N ALA C 123 26.07 -12.81 30.79
CA ALA C 123 25.05 -12.69 31.82
C ALA C 123 24.96 -13.96 32.64
N THR C 124 25.07 -15.12 31.98
CA THR C 124 25.02 -16.39 32.69
C THR C 124 26.16 -16.51 33.68
N LEU C 125 27.36 -16.09 33.27
CA LEU C 125 28.52 -16.20 34.16
C LEU C 125 28.43 -15.22 35.31
N TYR C 126 27.99 -13.99 35.04
CA TYR C 126 27.80 -13.01 36.10
C TYR C 126 26.87 -13.53 37.17
N GLU C 127 25.74 -14.11 36.75
CA GLU C 127 24.75 -14.59 37.71
C GLU C 127 25.26 -15.81 38.46
N ALA C 128 25.97 -16.70 37.77
CA ALA C 128 26.61 -17.83 38.45
C ALA C 128 27.63 -17.35 39.46
N GLY C 129 28.46 -16.38 39.07
CA GLY C 129 29.41 -15.81 40.01
C GLY C 129 28.74 -15.28 41.27
N GLN C 130 27.66 -14.53 41.11
CA GLN C 130 26.92 -14.01 42.25
C GLN C 130 26.57 -15.12 43.23
N LYS C 131 26.16 -16.28 42.72
CA LYS C 131 25.76 -17.38 43.61
C LYS C 131 26.90 -17.85 44.48
N HIS C 132 28.13 -17.74 43.99
CA HIS C 132 29.34 -18.14 44.71
C HIS C 132 29.96 -16.98 45.46
N GLY C 133 29.31 -15.82 45.50
CA GLY C 133 29.92 -14.63 46.08
C GLY C 133 31.12 -14.11 45.33
N VAL C 134 31.21 -14.39 44.03
CA VAL C 134 32.34 -14.01 43.21
C VAL C 134 31.86 -12.96 42.21
N VAL C 135 32.55 -11.82 42.17
CA VAL C 135 32.23 -10.78 41.20
C VAL C 135 32.93 -11.10 39.89
N VAL C 136 32.17 -11.10 38.79
CA VAL C 136 32.70 -11.37 37.46
C VAL C 136 32.74 -10.06 36.69
N LEU C 137 33.95 -9.60 36.38
CA LEU C 137 34.17 -8.50 35.46
C LEU C 137 34.25 -9.07 34.04
N ASP C 138 33.40 -8.55 33.16
CA ASP C 138 33.56 -8.82 31.73
C ASP C 138 34.52 -7.77 31.16
N ALA C 139 35.76 -8.20 30.89
CA ALA C 139 36.84 -7.30 30.52
C ALA C 139 37.61 -7.80 29.29
N PRO C 140 36.92 -7.96 28.17
CA PRO C 140 37.64 -8.20 26.91
C PRO C 140 38.55 -7.02 26.57
N VAL C 141 39.46 -7.25 25.62
CA VAL C 141 40.48 -6.26 25.29
C VAL C 141 40.44 -5.95 23.80
N SER C 142 40.80 -4.71 23.48
CA SER C 142 41.07 -4.28 22.11
C SER C 142 42.57 -4.30 21.88
N GLY C 143 42.99 -4.94 20.79
CA GLY C 143 44.40 -5.13 20.51
C GLY C 143 44.71 -6.59 20.30
N SER C 144 45.76 -6.88 19.53
CA SER C 144 46.13 -8.25 19.21
C SER C 144 47.47 -8.60 19.86
N THR C 145 48.16 -9.60 19.31
CA THR C 145 49.41 -10.05 19.92
C THR C 145 50.49 -8.97 19.96
N PRO C 146 50.69 -8.13 18.93
CA PRO C 146 51.68 -7.05 19.11
C PRO C 146 51.35 -6.14 20.28
N GLU C 147 50.07 -5.83 20.50
CA GLU C 147 49.70 -4.96 21.61
C GLU C 147 49.76 -5.69 22.94
N ALA C 148 49.50 -6.99 22.97
CA ALA C 148 49.74 -7.76 24.19
C ALA C 148 51.23 -7.79 24.53
N ASP C 149 52.09 -7.98 23.51
CA ASP C 149 53.54 -7.86 23.68
C ASP C 149 53.93 -6.59 24.43
N SER C 150 53.47 -5.44 23.96
CA SER C 150 53.91 -4.15 24.49
C SER C 150 53.01 -3.62 25.60
N ALA C 151 52.09 -4.44 26.11
CA ALA C 151 51.12 -4.01 27.12
C ALA C 151 50.38 -2.75 26.67
N SER C 152 50.02 -2.72 25.38
CA SER C 152 49.28 -1.61 24.81
C SER C 152 47.81 -1.96 24.61
N LEU C 153 47.32 -3.00 25.28
CA LEU C 153 45.92 -3.37 25.18
C LEU C 153 45.03 -2.26 25.73
N VAL C 154 43.82 -2.18 25.18
CA VAL C 154 42.78 -1.35 25.75
C VAL C 154 41.77 -2.29 26.41
N ILE C 155 41.58 -2.13 27.71
CA ILE C 155 40.66 -2.99 28.45
C ILE C 155 39.26 -2.39 28.35
N LEU C 156 38.28 -3.24 28.05
CA LEU C 156 36.88 -2.82 27.89
C LEU C 156 36.06 -3.51 28.97
N VAL C 157 35.73 -2.83 30.07
CA VAL C 157 35.28 -3.54 31.25
C VAL C 157 33.88 -3.13 31.69
N GLY C 158 33.07 -4.13 32.02
CA GLY C 158 31.75 -3.94 32.59
C GLY C 158 31.73 -4.39 34.05
N GLY C 159 31.10 -3.58 34.89
CA GLY C 159 30.99 -3.93 36.29
C GLY C 159 30.81 -2.67 37.13
N ASP C 160 30.69 -2.88 38.44
CA ASP C 160 30.61 -1.74 39.34
C ASP C 160 31.96 -1.04 39.43
N LYS C 161 31.92 0.29 39.56
CA LYS C 161 33.15 1.07 39.57
C LYS C 161 34.10 0.62 40.70
N ASP C 162 33.55 0.15 41.81
CA ASP C 162 34.39 -0.27 42.93
C ASP C 162 35.13 -1.56 42.59
N ASP C 163 34.48 -2.46 41.84
CA ASP C 163 35.14 -3.69 41.44
C ASP C 163 36.17 -3.45 40.34
N VAL C 164 35.88 -2.51 39.44
CA VAL C 164 36.87 -2.13 38.44
C VAL C 164 38.11 -1.55 39.12
N ALA C 165 37.91 -0.74 40.14
CA ALA C 165 39.04 -0.19 40.90
C ALA C 165 39.86 -1.29 41.57
N ARG C 166 39.19 -2.33 42.08
CA ARG C 166 39.92 -3.45 42.68
C ARG C 166 40.89 -4.09 41.69
N ALA C 167 40.49 -4.17 40.42
CA ALA C 167 41.27 -4.87 39.41
C ALA C 167 42.27 -3.97 38.71
N ALA C 168 42.32 -2.68 39.05
CA ALA C 168 43.16 -1.74 38.32
C ALA C 168 44.63 -2.13 38.21
N PRO C 169 45.30 -2.64 39.25
CA PRO C 169 46.71 -3.03 39.03
C PRO C 169 46.88 -4.13 38.01
N ILE C 170 45.91 -5.02 37.89
CA ILE C 170 45.96 -6.08 36.88
C ILE C 170 45.78 -5.48 35.49
N PHE C 171 44.76 -4.63 35.33
CA PHE C 171 44.51 -4.01 34.04
C PHE C 171 45.68 -3.12 33.61
N ASP C 172 46.29 -2.42 34.57
CA ASP C 172 47.39 -1.52 34.26
C ASP C 172 48.64 -2.27 33.78
N ALA C 173 48.88 -3.47 34.29
CA ALA C 173 50.06 -4.21 33.88
C ALA C 173 49.94 -4.73 32.46
N ILE C 174 48.73 -5.11 32.03
CA ILE C 174 48.57 -5.73 30.72
C ILE C 174 48.18 -4.73 29.64
N GLY C 175 47.74 -3.52 30.00
CA GLY C 175 47.24 -2.58 29.04
C GLY C 175 47.67 -1.15 29.33
N LYS C 176 47.34 -0.27 28.39
CA LYS C 176 47.66 1.14 28.43
C LYS C 176 46.47 2.03 28.79
N LEU C 177 45.26 1.46 28.81
CA LEU C 177 44.05 2.24 28.99
C LEU C 177 42.93 1.29 29.39
N THR C 178 42.20 1.66 30.43
CA THR C 178 41.03 0.91 30.89
C THR C 178 39.80 1.78 30.63
N ILE C 179 38.91 1.30 29.76
CA ILE C 179 37.64 1.98 29.50
C ILE C 179 36.56 1.29 30.31
N HIS C 180 35.99 2.00 31.27
CA HIS C 180 34.85 1.49 32.03
C HIS C 180 33.60 1.72 31.21
N ALA C 181 33.06 0.66 30.63
CA ALA C 181 32.01 0.79 29.63
C ALA C 181 30.60 0.86 30.22
N GLY C 182 30.45 0.60 31.51
CA GLY C 182 29.15 0.53 32.14
C GLY C 182 29.08 -0.62 33.11
N PRO C 183 27.86 -1.02 33.49
CA PRO C 183 27.69 -2.18 34.38
C PRO C 183 27.99 -3.50 33.71
N THR C 184 27.81 -4.62 34.44
CA THR C 184 28.07 -5.94 33.88
C THR C 184 27.42 -6.09 32.51
N GLY C 185 28.18 -6.68 31.59
CA GLY C 185 27.76 -6.86 30.21
C GLY C 185 28.22 -5.77 29.27
N SER C 186 28.60 -4.60 29.81
CA SER C 186 28.96 -3.47 28.95
C SER C 186 30.29 -3.69 28.25
N GLY C 187 31.23 -4.39 28.90
CA GLY C 187 32.51 -4.66 28.26
C GLY C 187 32.35 -5.59 27.07
N ALA C 188 31.58 -6.67 27.27
CA ALA C 188 31.28 -7.61 26.19
C ALA C 188 30.64 -6.89 25.00
N ARG C 189 29.71 -6.00 25.28
CA ARG C 189 29.02 -5.31 24.19
C ARG C 189 29.96 -4.35 23.45
N LEU C 190 30.80 -3.62 24.17
CA LEU C 190 31.75 -2.73 23.51
C LEU C 190 32.75 -3.51 22.67
N LYS C 191 33.13 -4.70 23.13
CA LYS C 191 34.02 -5.55 22.34
C LYS C 191 33.36 -5.95 21.02
N LEU C 192 32.08 -6.32 21.06
CA LEU C 192 31.36 -6.64 19.82
C LEU C 192 31.36 -5.47 18.85
N VAL C 193 31.13 -4.26 19.37
CA VAL C 193 31.17 -3.05 18.54
C VAL C 193 32.51 -2.95 17.83
N ILE C 194 33.61 -3.11 18.58
CA ILE C 194 34.93 -2.91 18.02
C ILE C 194 35.27 -4.04 17.04
N ASN C 195 34.82 -5.26 17.34
CA ASN C 195 35.04 -6.37 16.42
C ASN C 195 34.38 -6.11 15.07
N GLY C 196 33.18 -5.55 15.08
CA GLY C 196 32.51 -5.25 13.82
C GLY C 196 33.29 -4.26 12.99
N ILE C 197 33.80 -3.21 13.63
CA ILE C 197 34.57 -2.20 12.92
C ILE C 197 35.82 -2.83 12.31
N MET C 198 36.48 -3.70 13.09
CA MET C 198 37.70 -4.35 12.62
C MET C 198 37.42 -5.30 11.45
N GLY C 199 36.42 -6.16 11.61
CA GLY C 199 36.13 -7.13 10.55
C GLY C 199 35.69 -6.47 9.25
N ALA C 200 34.71 -5.58 9.33
CA ALA C 200 34.22 -4.94 8.11
C ALA C 200 35.24 -3.95 7.54
N GLY C 201 36.11 -3.38 8.38
CA GLY C 201 37.19 -2.58 7.84
C GLY C 201 38.08 -3.40 6.93
N LEU C 202 38.32 -4.64 7.30
CA LEU C 202 39.18 -5.49 6.47
C LEU C 202 38.45 -5.92 5.20
N THR C 203 37.19 -6.35 5.31
CA THR C 203 36.52 -6.79 4.09
C THR C 203 36.32 -5.64 3.11
N THR C 204 36.01 -4.44 3.63
CA THR C 204 35.95 -3.25 2.80
C THR C 204 37.25 -3.05 2.03
N LEU C 205 38.36 -3.14 2.73
CA LEU C 205 39.66 -2.93 2.10
C LEU C 205 39.96 -4.00 1.07
N ALA C 206 39.68 -5.28 1.39
CA ALA C 206 39.94 -6.35 0.44
C ALA C 206 39.12 -6.17 -0.84
N GLU C 207 37.87 -5.74 -0.70
CA GLU C 207 37.01 -5.59 -1.87
C GLU C 207 37.44 -4.40 -2.73
N SER C 208 37.82 -3.29 -2.08
CA SER C 208 38.24 -2.11 -2.81
C SER C 208 39.53 -2.36 -3.54
N VAL C 209 40.50 -3.01 -2.88
CA VAL C 209 41.72 -3.44 -3.57
C VAL C 209 41.39 -4.34 -4.75
N ALA C 210 40.48 -5.29 -4.56
CA ALA C 210 40.13 -6.19 -5.64
C ALA C 210 39.55 -5.43 -6.83
N TYR C 211 38.67 -4.46 -6.59
CA TYR C 211 38.16 -3.66 -7.71
C TYR C 211 39.33 -2.98 -8.43
N GLY C 212 40.22 -2.33 -7.66
CA GLY C 212 41.31 -1.61 -8.29
C GLY C 212 42.16 -2.51 -9.17
N LEU C 213 42.48 -3.71 -8.68
CA LEU C 213 43.26 -4.64 -9.48
C LEU C 213 42.50 -5.08 -10.73
N SER C 214 41.20 -5.35 -10.58
CA SER C 214 40.40 -5.78 -11.72
C SER C 214 40.31 -4.70 -12.80
N ALA C 215 40.44 -3.45 -12.40
CA ALA C 215 40.35 -2.30 -13.29
C ALA C 215 41.70 -1.94 -13.89
N GLY C 216 42.71 -2.77 -13.66
CA GLY C 216 44.00 -2.62 -14.31
C GLY C 216 45.05 -1.85 -13.54
N LEU C 217 44.77 -1.44 -12.31
CA LEU C 217 45.75 -0.66 -11.56
C LEU C 217 46.95 -1.52 -11.18
N ASP C 218 48.14 -0.92 -11.29
CA ASP C 218 49.36 -1.60 -10.87
C ASP C 218 49.30 -1.93 -9.39
N ARG C 219 49.66 -3.17 -9.03
CA ARG C 219 49.46 -3.65 -7.66
C ARG C 219 50.32 -2.88 -6.66
N SER C 220 51.63 -2.74 -6.91
CA SER C 220 52.45 -2.04 -5.92
C SER C 220 52.04 -0.58 -5.79
N MET C 221 51.74 0.09 -6.90
CA MET C 221 51.22 1.45 -6.84
C MET C 221 50.01 1.50 -5.93
N LEU C 222 49.07 0.59 -6.14
CA LEU C 222 47.80 0.61 -5.42
C LEU C 222 48.00 0.41 -3.92
N PHE C 223 48.76 -0.62 -3.52
CA PHE C 223 48.99 -0.83 -2.10
C PHE C 223 49.72 0.36 -1.49
N ASP C 224 50.70 0.92 -2.22
CA ASP C 224 51.46 2.05 -1.68
C ASP C 224 50.61 3.32 -1.59
N ALA C 225 49.71 3.53 -2.55
CA ALA C 225 48.83 4.70 -2.51
C ALA C 225 47.89 4.64 -1.30
N LEU C 226 47.33 3.47 -1.03
CA LEU C 226 46.39 3.32 0.09
C LEU C 226 47.10 3.52 1.43
N ASP C 227 48.40 3.24 1.51
CA ASP C 227 49.12 3.52 2.74
C ASP C 227 49.13 5.00 3.07
N GLN C 228 48.89 5.86 2.08
CA GLN C 228 49.03 7.30 2.23
C GLN C 228 47.71 8.05 2.37
N VAL C 229 46.58 7.36 2.50
CA VAL C 229 45.29 8.05 2.59
C VAL C 229 44.79 7.97 4.02
N ALA C 230 43.91 8.92 4.37
CA ALA C 230 43.48 9.08 5.75
C ALA C 230 42.20 8.33 6.08
N VAL C 231 41.66 7.56 5.13
CA VAL C 231 40.39 6.86 5.34
C VAL C 231 40.60 5.39 5.69
N ILE C 232 41.84 4.97 5.97
CA ILE C 232 42.16 3.63 6.45
C ILE C 232 42.78 3.74 7.84
N SER C 233 42.38 2.85 8.74
CA SER C 233 42.87 2.87 10.12
C SER C 233 44.33 2.45 10.19
N PRO C 234 45.03 2.82 11.27
CA PRO C 234 46.40 2.31 11.46
C PRO C 234 46.45 0.80 11.52
N HIS C 235 45.47 0.15 12.16
CA HIS C 235 45.43 -1.32 12.21
C HIS C 235 45.34 -1.88 10.80
N HIS C 236 44.42 -1.36 9.99
CA HIS C 236 44.24 -1.94 8.66
C HIS C 236 45.37 -1.58 7.70
N LYS C 237 46.05 -0.44 7.92
CA LYS C 237 47.23 -0.15 7.11
C LYS C 237 48.34 -1.14 7.41
N ARG C 238 48.46 -1.59 8.66
CA ARG C 238 49.45 -2.61 8.98
C ARG C 238 49.12 -3.91 8.27
N LYS C 239 47.82 -4.28 8.26
CA LYS C 239 47.39 -5.48 7.57
C LYS C 239 47.65 -5.37 6.07
N LEU C 240 47.39 -4.19 5.50
CA LEU C 240 47.58 -3.98 4.07
C LEU C 240 49.06 -4.13 3.68
N LYS C 241 49.96 -3.58 4.49
CA LYS C 241 51.39 -3.72 4.21
C LYS C 241 51.81 -5.18 4.26
N ALA C 242 51.30 -5.93 5.24
CA ALA C 242 51.63 -7.36 5.30
C ALA C 242 51.07 -8.09 4.09
N ALA C 243 49.83 -7.76 3.71
CA ALA C 243 49.23 -8.40 2.54
C ALA C 243 49.98 -8.08 1.26
N LYS C 244 50.62 -6.90 1.20
CA LYS C 244 51.37 -6.55 0.00
C LYS C 244 52.44 -7.61 -0.25
N ASP C 245 53.01 -8.13 0.81
CA ASP C 245 54.09 -9.08 0.72
C ASP C 245 53.58 -10.51 0.79
N GLY C 246 52.27 -10.70 0.84
CA GLY C 246 51.74 -12.05 0.97
C GLY C 246 51.90 -12.68 2.33
N ASN C 247 52.12 -11.87 3.36
CA ASN C 247 52.40 -12.35 4.71
C ASN C 247 51.12 -12.37 5.52
N PHE C 248 50.63 -13.58 5.82
CA PHE C 248 49.44 -13.74 6.64
C PHE C 248 49.72 -14.62 7.85
N ALA C 249 50.94 -14.53 8.38
CA ALA C 249 51.22 -15.16 9.67
C ALA C 249 50.18 -14.70 10.69
N PRO C 250 49.59 -15.62 11.47
CA PRO C 250 48.42 -15.24 12.26
C PRO C 250 48.83 -14.35 13.43
N GLN C 251 48.24 -13.16 13.48
CA GLN C 251 48.10 -12.39 14.71
C GLN C 251 46.71 -12.56 15.28
N PHE C 252 45.72 -12.59 14.41
CA PHE C 252 44.34 -12.89 14.79
C PHE C 252 43.77 -13.80 13.72
N PRO C 253 43.67 -15.11 13.98
CA PRO C 253 43.30 -16.04 12.92
C PRO C 253 41.88 -15.86 12.42
N ALA C 254 41.70 -16.14 11.12
CA ALA C 254 40.38 -16.06 10.51
C ALA C 254 39.31 -16.79 11.32
N ARG C 255 39.63 -17.95 11.88
CA ARG C 255 38.59 -18.69 12.59
C ARG C 255 38.08 -17.91 13.79
N LEU C 256 38.95 -17.14 14.45
CA LEU C 256 38.49 -16.39 15.62
C LEU C 256 37.80 -15.09 15.20
N MET C 257 38.33 -14.40 14.19
CA MET C 257 37.65 -13.20 13.69
C MET C 257 36.25 -13.53 13.22
N GLN C 258 36.11 -14.63 12.45
CA GLN C 258 34.81 -14.99 11.94
C GLN C 258 33.85 -15.37 13.07
N LYS C 259 34.34 -16.04 14.12
CA LYS C 259 33.51 -16.34 15.28
C LYS C 259 33.04 -15.05 15.94
N ASP C 260 33.93 -14.07 16.07
CA ASP C 260 33.55 -12.78 16.67
C ASP C 260 32.47 -12.09 15.83
N MET C 261 32.57 -12.20 14.51
CA MET C 261 31.54 -11.63 13.66
C MET C 261 30.22 -12.37 13.84
N ARG C 262 30.26 -13.71 13.94
CA ARG C 262 29.05 -14.48 14.23
C ARG C 262 28.39 -13.99 15.50
N LEU C 263 29.18 -13.78 16.56
CA LEU C 263 28.61 -13.31 17.81
C LEU C 263 27.96 -11.95 17.65
N LEU C 264 28.63 -11.04 16.93
CA LEU C 264 28.08 -9.70 16.74
C LEU C 264 26.78 -9.74 15.95
N LEU C 265 26.73 -10.54 14.88
CA LEU C 265 25.49 -10.62 14.11
C LEU C 265 24.35 -11.26 14.91
N ASP C 266 24.65 -12.24 15.75
CA ASP C 266 23.59 -12.80 16.58
C ASP C 266 23.06 -11.75 17.53
N ALA C 267 23.96 -10.97 18.13
CA ALA C 267 23.54 -9.97 19.09
C ALA C 267 22.75 -8.88 18.39
N ALA C 268 23.20 -8.46 17.21
CA ALA C 268 22.47 -7.44 16.47
C ALA C 268 21.09 -7.93 16.08
N ALA C 269 20.95 -9.22 15.79
CA ALA C 269 19.62 -9.76 15.47
C ALA C 269 18.75 -9.81 16.71
N ARG C 270 19.32 -10.18 17.85
CA ARG C 270 18.53 -10.20 19.07
C ARG C 270 18.02 -8.81 19.42
N GLU C 271 18.81 -7.77 19.13
CA GLU C 271 18.41 -6.39 19.38
C GLU C 271 17.57 -5.81 18.25
N ALA C 272 17.37 -6.57 17.17
CA ALA C 272 16.64 -6.12 15.99
C ALA C 272 17.21 -4.82 15.42
N VAL C 273 18.52 -4.78 15.23
CA VAL C 273 19.18 -3.62 14.63
C VAL C 273 19.67 -4.03 13.24
N PRO C 274 19.23 -3.36 12.17
CA PRO C 274 19.68 -3.74 10.82
C PRO C 274 21.11 -3.27 10.57
N VAL C 275 21.99 -4.22 10.24
CA VAL C 275 23.41 -3.90 10.07
C VAL C 275 23.90 -4.55 8.77
N PRO C 276 23.43 -4.09 7.61
CA PRO C 276 23.78 -4.80 6.36
C PRO C 276 25.27 -4.79 6.01
N THR C 277 26.03 -3.73 6.33
CA THR C 277 27.46 -3.75 6.03
C THR C 277 28.16 -4.80 6.89
N LEU C 278 27.81 -4.87 8.17
CA LEU C 278 28.41 -5.86 9.05
C LEU C 278 28.02 -7.28 8.63
N ALA C 279 26.77 -7.46 8.17
CA ALA C 279 26.31 -8.78 7.73
C ALA C 279 27.05 -9.24 6.49
N ALA C 280 27.26 -8.32 5.54
CA ALA C 280 28.05 -8.65 4.34
C ALA C 280 29.49 -9.02 4.70
N ALA C 281 30.10 -8.23 5.59
CA ALA C 281 31.47 -8.51 6.02
C ALA C 281 31.58 -9.90 6.64
N THR C 282 30.59 -10.28 7.46
CA THR C 282 30.60 -11.57 8.11
C THR C 282 30.65 -12.69 7.08
N GLN C 283 29.85 -12.57 6.00
CA GLN C 283 29.84 -13.61 4.97
C GLN C 283 31.19 -13.72 4.28
N GLN C 284 31.85 -12.59 4.02
CA GLN C 284 33.18 -12.61 3.45
C GLN C 284 34.18 -13.27 4.40
N LEU C 285 34.03 -13.06 5.71
CA LEU C 285 34.91 -13.72 6.66
C LEU C 285 34.58 -15.20 6.85
N SER C 286 33.34 -15.64 6.58
CA SER C 286 33.06 -17.07 6.50
C SER C 286 33.83 -17.72 5.37
N LEU C 287 33.88 -17.07 4.21
CA LEU C 287 34.68 -17.61 3.11
C LEU C 287 36.16 -17.65 3.51
N THR C 288 36.62 -16.58 4.16
CA THR C 288 38.03 -16.50 4.57
C THR C 288 38.40 -17.64 5.50
N ARG C 289 37.56 -17.88 6.51
CA ARG C 289 37.76 -18.99 7.43
C ARG C 289 37.76 -20.33 6.70
N ARG C 290 36.78 -20.54 5.81
CA ARG C 290 36.71 -21.81 5.09
C ARG C 290 38.00 -22.09 4.32
N LEU C 291 38.53 -21.07 3.65
CA LEU C 291 39.71 -21.28 2.80
C LEU C 291 41.00 -21.41 3.62
N SER C 292 41.07 -20.73 4.76
CA SER C 292 42.26 -20.81 5.61
C SER C 292 41.90 -20.44 7.04
N PRO C 293 41.53 -21.40 7.88
CA PRO C 293 41.07 -21.02 9.23
C PRO C 293 42.15 -20.44 10.10
N ASN C 294 43.42 -20.79 9.86
CA ASN C 294 44.46 -20.50 10.84
C ASN C 294 45.38 -19.36 10.48
N GLU C 295 45.42 -18.93 9.21
CA GLU C 295 46.17 -17.75 8.85
C GLU C 295 45.44 -16.49 9.35
N ASP C 296 46.16 -15.37 9.35
CA ASP C 296 45.56 -14.11 9.79
C ASP C 296 44.26 -13.83 9.04
N TYR C 297 43.31 -13.23 9.75
CA TYR C 297 42.02 -12.92 9.13
C TYR C 297 42.15 -12.00 7.92
N SER C 298 43.24 -11.23 7.81
CA SER C 298 43.47 -10.37 6.64
C SER C 298 43.73 -11.15 5.35
N SER C 299 43.82 -12.50 5.39
CA SER C 299 44.04 -13.26 4.17
C SER C 299 42.93 -13.09 3.15
N LEU C 300 41.79 -12.53 3.55
CA LEU C 300 40.77 -12.21 2.56
C LEU C 300 41.32 -11.33 1.43
N ILE C 301 42.29 -10.47 1.73
CA ILE C 301 42.91 -9.69 0.65
C ILE C 301 43.46 -10.61 -0.42
N ARG C 302 44.16 -11.66 -0.01
CA ARG C 302 44.68 -12.64 -0.96
C ARG C 302 43.56 -13.39 -1.66
N VAL C 303 42.52 -13.79 -0.91
CA VAL C 303 41.38 -14.48 -1.51
C VAL C 303 40.80 -13.65 -2.65
N MET C 304 40.58 -12.37 -2.39
CA MET C 304 40.01 -11.50 -3.41
C MET C 304 40.95 -11.29 -4.59
N GLU C 305 42.25 -11.10 -4.33
CA GLU C 305 43.21 -11.02 -5.43
C GLU C 305 43.13 -12.25 -6.34
N LYS C 306 42.99 -13.43 -5.74
CA LYS C 306 42.93 -14.65 -6.54
C LYS C 306 41.64 -14.73 -7.33
N ILE C 307 40.52 -14.25 -6.77
CA ILE C 307 39.28 -14.19 -7.56
C ILE C 307 39.50 -13.32 -8.79
N VAL C 308 40.15 -12.17 -8.62
CA VAL C 308 40.33 -11.23 -9.72
C VAL C 308 41.33 -11.77 -10.73
N ALA C 309 42.36 -12.46 -10.27
CA ALA C 309 43.33 -13.03 -11.19
C ALA C 309 42.83 -14.27 -11.90
N ASN C 310 41.64 -14.77 -11.53
CA ASN C 310 41.21 -16.10 -11.95
C ASN C 310 42.26 -17.12 -11.58
N ASP C 311 42.70 -17.04 -10.32
CA ASP C 311 43.78 -17.84 -9.74
C ASP C 311 45.14 -17.53 -10.38
N ILE D 19 3.44 -48.34 17.10
CA ILE D 19 2.87 -47.23 16.32
C ILE D 19 1.97 -46.39 17.21
N LEU D 20 2.21 -45.09 17.21
CA LEU D 20 1.51 -44.18 18.10
C LEU D 20 0.13 -43.81 17.59
N SER D 21 -0.64 -44.83 17.18
CA SER D 21 -2.04 -44.66 16.84
C SER D 21 -2.83 -44.24 18.08
N PRO D 22 -4.02 -43.67 17.90
CA PRO D 22 -4.83 -43.31 19.07
C PRO D 22 -5.18 -44.50 19.94
N GLU D 23 -5.16 -45.71 19.38
CA GLU D 23 -5.41 -46.90 20.19
C GLU D 23 -4.26 -47.18 21.13
N ASN D 24 -3.02 -47.11 20.62
CA ASN D 24 -1.85 -47.49 21.41
C ASN D 24 -1.36 -46.36 22.32
N ALA D 25 -1.59 -45.11 21.93
CA ALA D 25 -1.10 -43.97 22.70
C ALA D 25 -2.06 -42.80 22.50
N PRO D 26 -3.20 -42.81 23.19
CA PRO D 26 -4.23 -41.80 22.93
C PRO D 26 -3.90 -40.41 23.47
N ARG D 27 -3.06 -40.31 24.50
CA ARG D 27 -2.84 -39.03 25.17
C ARG D 27 -1.65 -38.33 24.53
N ILE D 28 -1.91 -37.16 23.94
CA ILE D 28 -0.85 -36.31 23.39
C ILE D 28 -0.82 -35.02 24.20
N GLY D 29 0.31 -34.75 24.84
CA GLY D 29 0.49 -33.53 25.60
C GLY D 29 1.38 -32.56 24.85
N PHE D 30 0.94 -31.30 24.79
CA PHE D 30 1.70 -30.25 24.12
C PHE D 30 2.47 -29.42 25.13
N ILE D 31 3.74 -29.17 24.83
CA ILE D 31 4.52 -28.13 25.49
C ILE D 31 4.51 -26.94 24.55
N GLY D 32 3.78 -25.90 24.92
CA GLY D 32 3.52 -24.78 24.01
C GLY D 32 2.22 -25.01 23.26
N PHE D 33 1.35 -24.01 23.23
CA PHE D 33 0.05 -24.21 22.60
C PHE D 33 -0.40 -22.87 22.00
N GLY D 34 0.41 -22.38 21.07
CA GLY D 34 0.14 -21.12 20.39
C GLY D 34 -0.63 -21.33 19.10
N ALA D 35 -0.42 -20.40 18.15
CA ALA D 35 -1.21 -20.39 16.92
C ALA D 35 -1.08 -21.70 16.15
N MET D 36 0.16 -22.16 15.94
CA MET D 36 0.36 -23.39 15.19
C MET D 36 -0.06 -24.61 15.99
N ALA D 37 0.37 -24.68 17.25
CA ALA D 37 0.15 -25.88 18.06
C ALA D 37 -1.34 -26.12 18.31
N SER D 38 -2.08 -25.05 18.61
CA SER D 38 -3.52 -25.23 18.84
C SER D 38 -4.20 -25.76 17.60
N ARG D 39 -3.75 -25.35 16.42
CA ARG D 39 -4.35 -25.87 15.19
C ARG D 39 -3.97 -27.33 14.94
N MET D 40 -2.73 -27.74 15.26
CA MET D 40 -2.43 -29.16 15.11
C MET D 40 -3.22 -29.98 16.12
N GLY D 41 -3.43 -29.44 17.32
CA GLY D 41 -4.20 -30.16 18.33
C GLY D 41 -5.62 -30.47 17.87
N ASP D 42 -6.24 -29.52 17.16
CA ASP D 42 -7.59 -29.75 16.66
C ASP D 42 -7.65 -30.93 15.71
N HIS D 43 -6.64 -31.07 14.84
CA HIS D 43 -6.65 -32.18 13.90
C HIS D 43 -6.34 -33.50 14.58
N LEU D 44 -5.57 -33.45 15.67
CA LEU D 44 -5.28 -34.66 16.44
C LEU D 44 -6.49 -35.08 17.26
N LYS D 45 -7.19 -34.10 17.84
CA LYS D 45 -8.46 -34.40 18.50
C LYS D 45 -9.44 -35.03 17.53
N THR D 46 -9.53 -34.48 16.31
CA THR D 46 -10.41 -35.05 15.31
C THR D 46 -10.02 -36.48 14.94
N ALA D 47 -8.72 -36.78 14.95
CA ALA D 47 -8.22 -38.09 14.55
C ALA D 47 -8.37 -39.15 15.65
N GLY D 48 -8.86 -38.79 16.83
CA GLY D 48 -9.09 -39.75 17.89
C GLY D 48 -8.18 -39.61 19.10
N TYR D 49 -7.31 -38.61 19.13
CA TYR D 49 -6.43 -38.42 20.27
C TYR D 49 -7.09 -37.51 21.31
N THR D 50 -6.61 -37.63 22.55
CA THR D 50 -7.03 -36.76 23.64
C THR D 50 -5.88 -35.82 23.95
N ILE D 51 -6.16 -34.52 23.89
CA ILE D 51 -5.15 -33.48 23.87
C ILE D 51 -5.09 -32.79 25.22
N SER D 52 -3.89 -32.46 25.65
CA SER D 52 -3.66 -31.63 26.83
C SER D 52 -2.48 -30.72 26.54
N ALA D 53 -2.31 -29.67 27.34
CA ALA D 53 -1.27 -28.71 27.01
C ALA D 53 -0.74 -28.02 28.26
N TYR D 54 0.47 -27.49 28.13
CA TYR D 54 1.08 -26.55 29.05
C TYR D 54 1.51 -25.31 28.27
N THR D 55 1.29 -24.13 28.84
CA THR D 55 1.82 -22.89 28.31
C THR D 55 2.37 -22.08 29.47
N PRO D 56 3.44 -21.31 29.24
CA PRO D 56 3.98 -20.47 30.33
C PRO D 56 2.95 -19.49 30.90
N SER D 57 2.05 -18.98 30.08
CA SER D 57 1.07 -18.02 30.58
C SER D 57 -0.08 -18.68 31.32
N GLY D 58 -0.42 -19.92 30.97
CA GLY D 58 -1.54 -20.61 31.58
C GLY D 58 -2.84 -20.44 30.81
N VAL D 65 -9.27 -27.15 26.01
CA VAL D 65 -8.21 -28.14 26.20
C VAL D 65 -7.66 -28.05 27.62
N PRO D 66 -7.62 -29.19 28.32
CA PRO D 66 -7.15 -29.19 29.71
C PRO D 66 -5.71 -28.70 29.80
N MET D 67 -5.45 -27.84 30.78
CA MET D 67 -4.16 -27.22 30.95
C MET D 67 -3.46 -27.78 32.18
N LEU D 68 -2.16 -28.05 32.05
CA LEU D 68 -1.36 -28.57 33.15
C LEU D 68 -0.43 -27.48 33.67
N PRO D 69 -0.12 -27.48 34.97
CA PRO D 69 0.58 -26.32 35.55
C PRO D 69 2.05 -26.23 35.24
N THR D 70 2.70 -27.33 34.88
CA THR D 70 4.14 -27.36 34.64
C THR D 70 4.43 -28.27 33.46
N PRO D 71 5.59 -28.11 32.81
CA PRO D 71 5.95 -29.07 31.76
C PRO D 71 6.03 -30.50 32.27
N LEU D 72 6.57 -30.68 33.48
CA LEU D 72 6.68 -32.01 34.07
C LEU D 72 5.30 -32.62 34.26
N ALA D 73 4.37 -31.87 34.85
CA ALA D 73 3.02 -32.39 35.03
C ALA D 73 2.38 -32.74 33.69
N LEU D 74 2.64 -31.93 32.67
CA LEU D 74 2.17 -32.26 31.33
C LEU D 74 2.73 -33.61 30.87
N ALA D 75 4.04 -33.80 31.01
CA ALA D 75 4.68 -35.00 30.51
C ALA D 75 4.28 -36.23 31.31
N LYS D 76 4.07 -36.07 32.62
CA LYS D 76 3.70 -37.21 33.45
C LYS D 76 2.34 -37.79 33.12
N GLN D 77 1.49 -37.08 32.37
CA GLN D 77 0.16 -37.60 32.05
C GLN D 77 -0.09 -37.72 30.55
N ALA D 78 0.96 -37.81 29.74
CA ALA D 78 0.82 -37.99 28.31
C ALA D 78 1.57 -39.23 27.84
N ASP D 79 1.07 -39.84 26.77
CA ASP D 79 1.79 -40.95 26.14
C ASP D 79 2.86 -40.44 25.20
N THR D 80 2.56 -39.36 24.46
CA THR D 80 3.47 -38.72 23.52
C THR D 80 3.45 -37.22 23.81
N VAL D 81 4.62 -36.57 23.74
CA VAL D 81 4.73 -35.14 23.97
C VAL D 81 5.08 -34.47 22.64
N VAL D 82 4.35 -33.42 22.29
CA VAL D 82 4.66 -32.57 21.15
C VAL D 82 5.11 -31.21 21.69
N VAL D 83 6.26 -30.74 21.24
CA VAL D 83 6.82 -29.46 21.68
C VAL D 83 6.66 -28.44 20.57
N CYS D 84 6.14 -27.26 20.92
CA CYS D 84 6.00 -26.17 19.95
C CYS D 84 6.27 -24.87 20.70
N VAL D 85 7.55 -24.49 20.76
CA VAL D 85 8.01 -23.31 21.51
C VAL D 85 8.83 -22.44 20.57
N PRO D 86 9.01 -21.15 20.92
CA PRO D 86 9.58 -20.20 19.96
C PRO D 86 11.08 -20.32 19.68
N ASP D 87 11.91 -20.71 20.65
CA ASP D 87 13.35 -20.55 20.46
C ASP D 87 14.09 -21.48 21.42
N ASP D 88 15.42 -21.45 21.32
CA ASP D 88 16.27 -22.36 22.11
C ASP D 88 16.05 -22.15 23.59
N GLU D 89 15.88 -20.89 24.00
CA GLU D 89 15.78 -20.56 25.42
C GLU D 89 14.47 -21.07 26.01
N ALA D 90 13.36 -20.91 25.27
CA ALA D 90 12.09 -21.45 25.71
C ALA D 90 12.10 -22.97 25.73
N LEU D 91 12.84 -23.59 24.79
CA LEU D 91 12.96 -25.05 24.78
C LEU D 91 13.68 -25.53 26.03
N ALA D 92 14.79 -24.88 26.38
CA ALA D 92 15.54 -25.29 27.57
C ALA D 92 14.72 -25.04 28.82
N ALA D 93 13.96 -23.94 28.85
CA ALA D 93 13.19 -23.61 30.05
C ALA D 93 12.11 -24.65 30.35
N SER D 94 11.56 -25.29 29.32
CA SER D 94 10.47 -26.24 29.51
C SER D 94 10.92 -27.70 29.46
N MET D 95 12.12 -27.98 28.96
CA MET D 95 12.59 -29.36 28.78
C MET D 95 13.37 -29.83 30.00
N TYR D 96 14.12 -28.92 30.63
CA TYR D 96 15.10 -29.24 31.65
C TYR D 96 14.75 -28.54 32.96
N GLY D 97 15.55 -28.81 33.98
CA GLY D 97 15.34 -28.18 35.27
C GLY D 97 14.29 -28.88 36.11
N GLU D 98 13.97 -28.22 37.22
CA GLU D 98 13.18 -28.86 38.28
C GLU D 98 11.81 -29.31 37.76
N ASN D 99 11.14 -28.48 36.96
CA ASN D 99 9.83 -28.79 36.43
C ASN D 99 9.86 -29.14 34.95
N GLY D 100 11.01 -29.58 34.43
CA GLY D 100 11.15 -29.84 33.02
C GLY D 100 10.38 -31.06 32.56
N ALA D 101 10.05 -31.07 31.26
CA ALA D 101 9.18 -32.11 30.71
C ALA D 101 9.92 -33.43 30.52
N LEU D 102 11.19 -33.41 30.13
CA LEU D 102 11.85 -34.63 29.67
C LEU D 102 11.84 -35.70 30.77
N ALA D 103 12.20 -35.31 31.99
CA ALA D 103 12.28 -36.23 33.12
C ALA D 103 10.93 -36.83 33.51
N GLY D 104 9.84 -36.27 33.01
CA GLY D 104 8.51 -36.83 33.21
C GLY D 104 8.06 -37.87 32.22
N MET D 105 8.85 -38.21 31.20
CA MET D 105 8.39 -39.17 30.21
C MET D 105 8.94 -40.56 30.51
N THR D 106 8.17 -41.57 30.12
CA THR D 106 8.56 -42.95 30.31
C THR D 106 9.53 -43.40 29.21
N LYS D 107 10.41 -44.34 29.56
CA LYS D 107 11.37 -44.86 28.60
C LYS D 107 10.64 -45.52 27.45
N GLY D 108 11.18 -45.35 26.24
CA GLY D 108 10.56 -45.87 25.05
C GLY D 108 9.48 -45.00 24.44
N SER D 109 9.07 -43.93 25.11
CA SER D 109 8.09 -43.00 24.56
C SER D 109 8.77 -42.02 23.61
N LEU D 110 7.95 -41.25 22.91
CA LEU D 110 8.40 -40.39 21.82
C LEU D 110 8.18 -38.93 22.19
N LEU D 111 9.21 -38.12 21.98
CA LEU D 111 9.13 -36.67 22.07
C LEU D 111 9.26 -36.11 20.66
N ILE D 112 8.23 -35.39 20.21
CA ILE D 112 8.19 -34.82 18.86
C ILE D 112 8.36 -33.33 18.99
N ASN D 113 9.50 -32.80 18.56
CA ASN D 113 9.76 -31.37 18.64
C ASN D 113 9.47 -30.74 17.27
N THR D 114 8.38 -29.96 17.20
CA THR D 114 8.04 -29.24 15.98
C THR D 114 8.55 -27.81 15.99
N SER D 115 9.30 -27.43 17.02
CA SER D 115 9.78 -26.06 17.16
C SER D 115 10.88 -25.78 16.14
N SER D 116 11.01 -24.51 15.77
CA SER D 116 12.12 -24.04 14.93
C SER D 116 13.21 -23.52 15.84
N VAL D 117 14.22 -24.36 16.09
CA VAL D 117 15.31 -24.07 17.01
C VAL D 117 16.62 -24.42 16.32
N SER D 118 17.74 -24.10 16.99
CA SER D 118 19.05 -24.26 16.39
C SER D 118 19.48 -25.72 16.31
N PRO D 119 20.42 -26.04 15.41
CA PRO D 119 21.02 -27.38 15.42
C PRO D 119 21.63 -27.75 16.76
N GLU D 120 22.20 -26.77 17.47
CA GLU D 120 22.79 -27.03 18.78
C GLU D 120 21.72 -27.43 19.79
N ALA D 121 20.62 -26.68 19.85
CA ALA D 121 19.55 -27.04 20.78
C ALA D 121 18.96 -28.39 20.43
N THR D 122 18.88 -28.71 19.13
CA THR D 122 18.38 -30.00 18.69
C THR D 122 19.27 -31.12 19.18
N ALA D 123 20.59 -30.93 19.06
CA ALA D 123 21.51 -31.99 19.46
C ALA D 123 21.48 -32.20 20.97
N THR D 124 21.39 -31.10 21.72
CA THR D 124 21.32 -31.17 23.18
C THR D 124 20.07 -31.94 23.62
N LEU D 125 18.93 -31.66 23.00
CA LEU D 125 17.71 -32.35 23.38
C LEU D 125 17.75 -33.82 22.99
N TYR D 126 18.27 -34.12 21.79
CA TYR D 126 18.39 -35.52 21.39
C TYR D 126 19.25 -36.29 22.38
N GLU D 127 20.39 -35.72 22.77
CA GLU D 127 21.28 -36.45 23.67
C GLU D 127 20.67 -36.57 25.07
N ALA D 128 19.98 -35.53 25.54
CA ALA D 128 19.28 -35.64 26.82
C ALA D 128 18.20 -36.71 26.76
N GLY D 129 17.50 -36.80 25.62
CA GLY D 129 16.52 -37.86 25.47
C GLY D 129 17.14 -39.25 25.51
N GLN D 130 18.32 -39.41 24.89
CA GLN D 130 18.96 -40.72 24.92
C GLN D 130 19.30 -41.13 26.34
N LYS D 131 19.79 -40.19 27.15
CA LYS D 131 20.12 -40.50 28.54
C LYS D 131 18.89 -40.97 29.31
N HIS D 132 17.73 -40.36 29.04
CA HIS D 132 16.46 -40.74 29.65
C HIS D 132 15.77 -41.89 28.93
N GLY D 133 16.33 -42.42 27.85
CA GLY D 133 15.67 -43.47 27.11
C GLY D 133 14.48 -43.02 26.28
N VAL D 134 14.42 -41.73 25.92
CA VAL D 134 13.32 -41.18 25.14
C VAL D 134 13.88 -40.77 23.77
N VAL D 135 13.19 -41.17 22.71
CA VAL D 135 13.64 -40.84 21.36
C VAL D 135 13.06 -39.47 21.01
N VAL D 136 13.91 -38.54 20.58
CA VAL D 136 13.46 -37.20 20.19
C VAL D 136 13.52 -37.09 18.69
N LEU D 137 12.37 -36.85 18.06
CA LEU D 137 12.31 -36.53 16.65
C LEU D 137 12.31 -35.01 16.50
N ASP D 138 13.26 -34.48 15.72
CA ASP D 138 13.19 -33.08 15.34
C ASP D 138 12.31 -33.02 14.10
N ALA D 139 11.11 -32.48 14.27
CA ALA D 139 10.08 -32.51 13.22
C ALA D 139 9.43 -31.14 13.06
N PRO D 140 10.21 -30.12 12.71
CA PRO D 140 9.60 -28.83 12.35
C PRO D 140 8.78 -28.98 11.07
N VAL D 141 7.95 -27.97 10.81
CA VAL D 141 7.02 -28.06 9.69
C VAL D 141 7.21 -26.89 8.75
N SER D 142 6.89 -27.13 7.48
CA SER D 142 6.77 -26.08 6.47
C SER D 142 5.30 -25.78 6.27
N GLY D 143 4.96 -24.50 6.36
CA GLY D 143 3.58 -24.10 6.35
C GLY D 143 3.29 -23.18 7.51
N SER D 144 2.26 -22.36 7.37
CA SER D 144 1.90 -21.40 8.40
C SER D 144 0.52 -21.72 8.96
N THR D 145 -0.13 -20.74 9.58
CA THR D 145 -1.45 -20.98 10.14
C THR D 145 -2.49 -21.41 9.10
N PRO D 146 -2.50 -20.90 7.85
CA PRO D 146 -3.46 -21.45 6.88
C PRO D 146 -3.24 -22.92 6.63
N GLU D 147 -1.98 -23.34 6.53
CA GLU D 147 -1.67 -24.76 6.31
C GLU D 147 -1.95 -25.59 7.56
N ALA D 148 -1.76 -25.02 8.74
CA ALA D 148 -2.16 -25.75 9.95
C ALA D 148 -3.66 -25.97 9.98
N ASP D 149 -4.44 -24.94 9.60
CA ASP D 149 -5.90 -25.04 9.55
C ASP D 149 -6.36 -26.20 8.68
N SER D 150 -5.72 -26.39 7.53
CA SER D 150 -6.15 -27.38 6.54
C SER D 150 -5.37 -28.69 6.65
N ALA D 151 -4.51 -28.83 7.66
CA ALA D 151 -3.67 -30.02 7.81
C ALA D 151 -2.87 -30.30 6.53
N SER D 152 -2.36 -29.22 5.92
CA SER D 152 -1.51 -29.32 4.74
C SER D 152 -0.07 -28.95 5.05
N LEU D 153 0.30 -29.00 6.32
CA LEU D 153 1.70 -28.85 6.71
C LEU D 153 2.59 -29.91 6.04
N VAL D 154 3.86 -29.56 5.85
CA VAL D 154 4.86 -30.53 5.39
C VAL D 154 5.80 -30.77 6.57
N ILE D 155 5.88 -32.01 7.03
CA ILE D 155 6.69 -32.35 8.19
C ILE D 155 8.10 -32.65 7.73
N LEU D 156 9.10 -32.05 8.38
CA LEU D 156 10.51 -32.19 8.03
C LEU D 156 11.19 -32.88 9.20
N VAL D 157 11.45 -34.19 9.10
CA VAL D 157 11.75 -34.94 10.31
C VAL D 157 13.12 -35.62 10.23
N GLY D 158 13.87 -35.51 11.32
CA GLY D 158 15.14 -36.19 11.49
C GLY D 158 15.00 -37.28 12.53
N GLY D 159 15.56 -38.44 12.22
CA GLY D 159 15.52 -39.57 13.13
C GLY D 159 15.66 -40.87 12.36
N ASP D 160 15.66 -41.97 13.12
CA ASP D 160 15.68 -43.30 12.51
C ASP D 160 14.33 -43.59 11.85
N LYS D 161 14.38 -44.31 10.73
CA LYS D 161 13.18 -44.58 9.95
C LYS D 161 12.11 -45.28 10.78
N ASP D 162 12.50 -46.16 11.71
CA ASP D 162 11.51 -46.86 12.49
C ASP D 162 10.84 -45.95 13.52
N ASP D 163 11.59 -44.97 14.03
CA ASP D 163 11.00 -43.98 14.93
C ASP D 163 10.06 -43.05 14.18
N VAL D 164 10.44 -42.64 12.96
CA VAL D 164 9.55 -41.84 12.13
C VAL D 164 8.26 -42.59 11.87
N ALA D 165 8.36 -43.91 11.63
CA ALA D 165 7.17 -44.73 11.38
C ALA D 165 6.24 -44.77 12.57
N ARG D 166 6.81 -44.81 13.79
CA ARG D 166 5.96 -44.79 14.99
C ARG D 166 5.08 -43.55 15.04
N ALA D 167 5.59 -42.43 14.54
CA ALA D 167 4.88 -41.16 14.63
C ALA D 167 3.98 -40.88 13.43
N ALA D 168 3.96 -41.78 12.43
CA ALA D 168 3.21 -41.57 11.20
C ALA D 168 1.76 -41.13 11.40
N PRO D 169 0.96 -41.75 12.28
CA PRO D 169 -0.44 -41.27 12.39
C PRO D 169 -0.54 -39.87 12.95
N ILE D 170 0.41 -39.42 13.77
CA ILE D 170 0.40 -38.04 14.24
C ILE D 170 0.76 -37.10 13.10
N PHE D 171 1.84 -37.42 12.36
CA PHE D 171 2.24 -36.59 11.23
C PHE D 171 1.16 -36.57 10.15
N ASP D 172 0.48 -37.70 9.95
CA ASP D 172 -0.56 -37.77 8.93
C ASP D 172 -1.75 -36.90 9.28
N ALA D 173 -2.06 -36.78 10.58
CA ALA D 173 -3.24 -36.02 10.99
C ALA D 173 -3.04 -34.52 10.88
N ILE D 174 -1.80 -34.05 11.03
CA ILE D 174 -1.52 -32.62 11.02
C ILE D 174 -0.98 -32.14 9.68
N GLY D 175 -0.60 -33.05 8.78
CA GLY D 175 0.10 -32.67 7.58
C GLY D 175 -0.34 -33.45 6.37
N LYS D 176 0.13 -33.01 5.21
CA LYS D 176 -0.13 -33.64 3.92
C LYS D 176 1.05 -34.43 3.38
N LEU D 177 2.23 -34.29 3.98
CA LEU D 177 3.45 -34.91 3.45
C LEU D 177 4.49 -34.92 4.55
N THR D 178 5.14 -36.07 4.75
CA THR D 178 6.21 -36.22 5.73
C THR D 178 7.51 -36.51 4.98
N ILE D 179 8.47 -35.59 5.09
CA ILE D 179 9.77 -35.73 4.46
C ILE D 179 10.75 -36.24 5.51
N HIS D 180 11.27 -37.45 5.31
CA HIS D 180 12.31 -37.98 6.19
C HIS D 180 13.63 -37.39 5.73
N ALA D 181 14.12 -36.39 6.47
CA ALA D 181 15.28 -35.61 6.02
C ALA D 181 16.61 -36.31 6.29
N GLY D 182 16.63 -37.35 7.10
CA GLY D 182 17.87 -37.95 7.51
C GLY D 182 17.83 -38.27 8.98
N PRO D 183 19.00 -38.52 9.58
CA PRO D 183 19.05 -38.80 11.02
C PRO D 183 18.79 -37.58 11.89
N THR D 184 18.87 -37.76 13.21
CA THR D 184 18.60 -36.65 14.13
C THR D 184 19.36 -35.40 13.73
N GLY D 185 18.65 -34.27 13.76
CA GLY D 185 19.19 -33.00 13.36
C GLY D 185 18.85 -32.62 11.94
N SER D 186 18.43 -33.59 11.12
CA SER D 186 18.22 -33.30 9.70
C SER D 186 16.97 -32.48 9.48
N GLY D 187 15.93 -32.69 10.28
CA GLY D 187 14.72 -31.89 10.14
C GLY D 187 14.95 -30.44 10.50
N ALA D 188 15.63 -30.19 11.63
CA ALA D 188 16.01 -28.85 12.01
C ALA D 188 16.77 -28.14 10.90
N ARG D 189 17.73 -28.83 10.27
CA ARG D 189 18.54 -28.19 9.22
C ARG D 189 17.71 -27.90 7.99
N LEU D 190 16.88 -28.84 7.56
CA LEU D 190 16.01 -28.62 6.41
C LEU D 190 15.06 -27.45 6.64
N LYS D 191 14.57 -27.30 7.88
CA LYS D 191 13.70 -26.17 8.19
C LYS D 191 14.45 -24.86 8.02
N LEU D 192 15.70 -24.80 8.47
CA LEU D 192 16.48 -23.57 8.33
C LEU D 192 16.66 -23.23 6.86
N VAL D 193 16.90 -24.25 6.02
CA VAL D 193 17.01 -24.03 4.57
C VAL D 193 15.76 -23.38 4.03
N ILE D 194 14.60 -23.96 4.36
CA ILE D 194 13.34 -23.47 3.81
C ILE D 194 13.01 -22.09 4.36
N ASN D 195 13.31 -21.85 5.64
CA ASN D 195 13.07 -20.52 6.22
C ASN D 195 13.85 -19.45 5.50
N GLY D 196 15.10 -19.75 5.13
CA GLY D 196 15.91 -18.77 4.45
C GLY D 196 15.33 -18.42 3.09
N ILE D 197 14.87 -19.43 2.35
CA ILE D 197 14.21 -19.18 1.08
C ILE D 197 12.99 -18.30 1.28
N MET D 198 12.18 -18.60 2.30
CA MET D 198 10.96 -17.82 2.52
C MET D 198 11.30 -16.38 2.91
N GLY D 199 12.23 -16.20 3.85
CA GLY D 199 12.53 -14.84 4.29
C GLY D 199 13.13 -13.98 3.20
N ALA D 200 14.16 -14.49 2.51
CA ALA D 200 14.79 -13.71 1.45
C ALA D 200 13.88 -13.56 0.24
N GLY D 201 12.96 -14.50 0.02
CA GLY D 201 11.98 -14.32 -1.04
C GLY D 201 11.12 -13.10 -0.78
N LEU D 202 10.76 -12.88 0.49
CA LEU D 202 9.94 -11.73 0.82
C LEU D 202 10.73 -10.44 0.74
N THR D 203 11.97 -10.41 1.27
CA THR D 203 12.72 -9.16 1.23
C THR D 203 13.05 -8.80 -0.23
N THR D 204 13.33 -9.81 -1.06
CA THR D 204 13.55 -9.58 -2.48
C THR D 204 12.33 -8.91 -3.11
N LEU D 205 11.16 -9.47 -2.83
CA LEU D 205 9.93 -8.93 -3.41
C LEU D 205 9.66 -7.51 -2.93
N ALA D 206 9.83 -7.26 -1.62
CA ALA D 206 9.58 -5.93 -1.08
C ALA D 206 10.51 -4.91 -1.69
N GLU D 207 11.79 -5.27 -1.86
CA GLU D 207 12.75 -4.33 -2.42
C GLU D 207 12.47 -4.06 -3.90
N SER D 208 12.11 -5.10 -4.64
CA SER D 208 11.85 -4.92 -6.07
C SER D 208 10.61 -4.08 -6.29
N VAL D 209 9.54 -4.34 -5.51
CA VAL D 209 8.35 -3.49 -5.53
C VAL D 209 8.71 -2.05 -5.20
N ALA D 210 9.56 -1.85 -4.18
CA ALA D 210 9.94 -0.50 -3.77
C ALA D 210 10.65 0.24 -4.88
N TYR D 211 11.56 -0.45 -5.60
CA TYR D 211 12.18 0.20 -6.75
C TYR D 211 11.10 0.62 -7.75
N GLY D 212 10.20 -0.29 -8.09
CA GLY D 212 9.20 0.02 -9.10
C GLY D 212 8.37 1.23 -8.73
N LEU D 213 7.95 1.31 -7.47
CA LEU D 213 7.16 2.45 -7.02
C LEU D 213 7.97 3.74 -7.04
N SER D 214 9.24 3.65 -6.61
CA SER D 214 10.11 4.82 -6.62
C SER D 214 10.30 5.35 -8.02
N ALA D 215 10.23 4.46 -9.01
CA ALA D 215 10.45 4.82 -10.40
C ALA D 215 9.17 5.23 -11.09
N GLY D 216 8.07 5.33 -10.34
CA GLY D 216 6.85 5.94 -10.82
C GLY D 216 5.78 4.98 -11.30
N LEU D 217 5.98 3.68 -11.15
CA LEU D 217 4.96 2.72 -11.59
C LEU D 217 3.72 2.81 -10.70
N ASP D 218 2.56 2.75 -11.33
CA ASP D 218 1.29 2.74 -10.63
C ASP D 218 1.20 1.54 -9.67
N ARG D 219 0.80 1.81 -8.44
CA ARG D 219 0.86 0.77 -7.41
C ARG D 219 -0.07 -0.40 -7.75
N SER D 220 -1.31 -0.13 -8.16
CA SER D 220 -2.24 -1.20 -8.43
C SER D 220 -1.81 -2.00 -9.65
N MET D 221 -1.35 -1.31 -10.69
CA MET D 221 -0.73 -1.96 -11.85
C MET D 221 0.37 -2.91 -11.43
N LEU D 222 1.31 -2.41 -10.63
CA LEU D 222 2.52 -3.17 -10.28
C LEU D 222 2.17 -4.43 -9.50
N PHE D 223 1.34 -4.31 -8.47
CA PHE D 223 0.98 -5.48 -7.69
C PHE D 223 0.27 -6.52 -8.55
N ASP D 224 -0.61 -6.06 -9.46
CA ASP D 224 -1.33 -7.03 -10.28
C ASP D 224 -0.43 -7.66 -11.33
N ALA D 225 0.53 -6.89 -11.86
CA ALA D 225 1.45 -7.41 -12.87
C ALA D 225 2.30 -8.52 -12.29
N LEU D 226 2.79 -8.33 -11.06
CA LEU D 226 3.67 -9.33 -10.47
C LEU D 226 2.92 -10.63 -10.16
N ASP D 227 1.60 -10.57 -9.98
CA ASP D 227 0.84 -11.81 -9.83
C ASP D 227 0.91 -12.69 -11.06
N GLN D 228 1.31 -12.15 -12.20
CA GLN D 228 1.25 -12.82 -13.50
C GLN D 228 2.58 -13.45 -13.91
N VAL D 229 3.66 -13.30 -13.12
CA VAL D 229 4.98 -13.74 -13.55
C VAL D 229 5.36 -15.04 -12.85
N ALA D 230 6.23 -15.80 -13.49
CA ALA D 230 6.57 -17.14 -13.04
C ALA D 230 7.70 -17.17 -12.03
N VAL D 231 8.31 -16.02 -11.72
CA VAL D 231 9.50 -15.99 -10.88
C VAL D 231 9.19 -15.68 -9.42
N ILE D 232 7.90 -15.64 -9.04
CA ILE D 232 7.47 -15.48 -7.65
C ILE D 232 6.77 -16.76 -7.21
N SER D 233 7.05 -17.21 -5.97
CA SER D 233 6.47 -18.43 -5.43
C SER D 233 4.98 -18.26 -5.16
N PRO D 234 4.24 -19.36 -5.10
CA PRO D 234 2.82 -19.25 -4.69
C PRO D 234 2.67 -18.63 -3.32
N HIS D 235 3.55 -18.97 -2.38
CA HIS D 235 3.48 -18.40 -1.05
C HIS D 235 3.63 -16.87 -1.12
N HIS D 236 4.62 -16.40 -1.87
CA HIS D 236 4.87 -14.97 -1.88
C HIS D 236 3.86 -14.22 -2.73
N LYS D 237 3.28 -14.88 -3.74
CA LYS D 237 2.18 -14.23 -4.46
C LYS D 237 1.00 -14.01 -3.53
N ARG D 238 0.73 -14.96 -2.61
CA ARG D 238 -0.34 -14.76 -1.65
C ARG D 238 -0.03 -13.59 -0.74
N LYS D 239 1.23 -13.49 -0.30
CA LYS D 239 1.60 -12.35 0.53
C LYS D 239 1.48 -11.03 -0.23
N LEU D 240 1.81 -11.03 -1.52
CA LEU D 240 1.74 -9.80 -2.30
C LEU D 240 0.28 -9.33 -2.43
N LYS D 241 -0.63 -10.27 -2.66
CA LYS D 241 -2.05 -9.90 -2.72
C LYS D 241 -2.53 -9.36 -1.40
N ALA D 242 -2.11 -9.98 -0.30
CA ALA D 242 -2.49 -9.47 1.02
C ALA D 242 -1.92 -8.09 1.24
N ALA D 243 -0.68 -7.86 0.80
CA ALA D 243 -0.05 -6.56 0.97
C ALA D 243 -0.71 -5.48 0.11
N LYS D 244 -1.26 -5.84 -1.06
CA LYS D 244 -2.03 -4.87 -1.83
C LYS D 244 -3.18 -4.32 -0.99
N ASP D 245 -3.80 -5.19 -0.18
CA ASP D 245 -4.90 -4.87 0.73
C ASP D 245 -4.44 -4.31 2.06
N GLY D 246 -3.13 -4.12 2.27
CA GLY D 246 -2.65 -3.73 3.59
C GLY D 246 -2.93 -4.73 4.70
N ASN D 247 -3.09 -6.01 4.35
CA ASN D 247 -3.48 -7.05 5.29
C ASN D 247 -2.23 -7.76 5.76
N PHE D 248 -1.82 -7.48 6.99
CA PHE D 248 -0.69 -8.13 7.63
C PHE D 248 -1.10 -8.78 8.95
N ALA D 249 -2.35 -9.25 9.02
CA ALA D 249 -2.73 -10.07 10.15
C ALA D 249 -1.74 -11.22 10.28
N PRO D 250 -1.30 -11.55 11.48
CA PRO D 250 -0.17 -12.47 11.61
C PRO D 250 -0.55 -13.89 11.25
N GLN D 251 0.02 -14.38 10.16
CA GLN D 251 0.14 -15.81 9.91
C GLN D 251 1.48 -16.35 10.37
N PHE D 252 2.54 -15.58 10.13
CA PHE D 252 3.86 -15.86 10.69
C PHE D 252 4.44 -14.52 11.09
N PRO D 253 4.42 -14.18 12.38
CA PRO D 253 4.83 -12.83 12.80
C PRO D 253 6.30 -12.54 12.53
N ALA D 254 6.57 -11.25 12.31
CA ALA D 254 7.93 -10.79 12.07
C ALA D 254 8.89 -11.24 13.15
N ARG D 255 8.45 -11.26 14.42
CA ARG D 255 9.39 -11.62 15.48
C ARG D 255 9.88 -13.05 15.33
N LEU D 256 9.03 -13.96 14.83
CA LEU D 256 9.42 -15.34 14.68
C LEU D 256 10.19 -15.55 13.38
N MET D 257 9.75 -14.93 12.28
CA MET D 257 10.55 -14.98 11.05
C MET D 257 11.96 -14.48 11.27
N GLN D 258 12.09 -13.33 11.93
CA GLN D 258 13.40 -12.75 12.11
C GLN D 258 14.27 -13.63 13.00
N LYS D 259 13.66 -14.27 14.01
CA LYS D 259 14.39 -15.23 14.83
C LYS D 259 14.88 -16.41 14.00
N ASP D 260 14.04 -16.94 13.11
CA ASP D 260 14.45 -18.05 12.25
C ASP D 260 15.63 -17.65 11.37
N MET D 261 15.61 -16.40 10.89
CA MET D 261 16.72 -15.90 10.08
C MET D 261 17.98 -15.80 10.93
N ARG D 262 17.86 -15.30 12.15
CA ARG D 262 19.01 -15.28 13.07
C ARG D 262 19.57 -16.68 13.27
N LEU D 263 18.70 -17.68 13.47
CA LEU D 263 19.19 -19.05 13.64
C LEU D 263 19.92 -19.54 12.40
N LEU D 264 19.36 -19.28 11.22
CA LEU D 264 20.00 -19.71 9.99
C LEU D 264 21.36 -19.05 9.81
N LEU D 265 21.45 -17.76 10.10
CA LEU D 265 22.73 -17.09 9.88
C LEU D 265 23.77 -17.55 10.90
N ASP D 266 23.34 -17.92 12.11
CA ASP D 266 24.31 -18.47 13.05
C ASP D 266 24.79 -19.82 12.57
N ALA D 267 23.87 -20.65 12.08
CA ALA D 267 24.26 -21.97 11.61
C ALA D 267 25.17 -21.87 10.40
N ALA D 268 24.86 -20.95 9.48
CA ALA D 268 25.70 -20.81 8.30
C ALA D 268 27.08 -20.30 8.66
N ALA D 269 27.17 -19.47 9.71
CA ALA D 269 28.50 -19.03 10.15
C ALA D 269 29.25 -20.18 10.80
N ARG D 270 28.55 -21.02 11.58
CA ARG D 270 29.25 -22.15 12.19
C ARG D 270 29.77 -23.11 11.13
N GLU D 271 29.06 -23.24 10.01
CA GLU D 271 29.50 -24.09 8.91
C GLU D 271 30.45 -23.37 7.97
N ALA D 272 30.73 -22.10 8.21
CA ALA D 272 31.58 -21.27 7.36
C ALA D 272 31.12 -21.29 5.90
N VAL D 273 29.84 -21.07 5.68
CA VAL D 273 29.27 -20.97 4.34
C VAL D 273 28.90 -19.52 4.09
N PRO D 274 29.45 -18.86 3.08
CA PRO D 274 29.04 -17.46 2.82
C PRO D 274 27.66 -17.41 2.20
N VAL D 275 26.77 -16.62 2.80
CA VAL D 275 25.39 -16.52 2.35
C VAL D 275 24.98 -15.04 2.33
N PRO D 276 25.56 -14.25 1.44
CA PRO D 276 25.31 -12.79 1.48
C PRO D 276 23.86 -12.39 1.23
N THR D 277 23.13 -13.09 0.33
CA THR D 277 21.73 -12.73 0.10
C THR D 277 20.90 -12.99 1.35
N LEU D 278 21.11 -14.14 1.99
CA LEU D 278 20.37 -14.45 3.22
C LEU D 278 20.74 -13.48 4.33
N ALA D 279 22.02 -13.07 4.39
CA ALA D 279 22.47 -12.15 5.42
C ALA D 279 21.83 -10.79 5.26
N ALA D 280 21.74 -10.29 4.02
CA ALA D 280 21.04 -9.03 3.74
C ALA D 280 19.56 -9.11 4.10
N ALA D 281 18.92 -10.20 3.71
CA ALA D 281 17.51 -10.41 4.03
C ALA D 281 17.29 -10.38 5.53
N THR D 282 18.20 -10.98 6.30
CA THR D 282 18.06 -10.98 7.75
C THR D 282 18.01 -9.56 8.30
N GLN D 283 18.87 -8.66 7.79
CA GLN D 283 18.89 -7.30 8.31
C GLN D 283 17.60 -6.57 7.97
N GLN D 284 17.05 -6.85 6.79
CA GLN D 284 15.76 -6.25 6.45
C GLN D 284 14.67 -6.76 7.37
N LEU D 285 14.76 -8.04 7.77
CA LEU D 285 13.75 -8.58 8.69
C LEU D 285 13.97 -8.13 10.13
N SER D 286 15.21 -7.74 10.50
CA SER D 286 15.40 -7.05 11.78
C SER D 286 14.66 -5.72 11.79
N LEU D 287 14.77 -4.94 10.71
CA LEU D 287 14.04 -3.68 10.65
C LEU D 287 12.53 -3.94 10.73
N THR D 288 12.05 -4.97 10.00
CA THR D 288 10.64 -5.34 10.02
C THR D 288 10.17 -5.65 11.43
N ARG D 289 10.93 -6.48 12.15
CA ARG D 289 10.56 -6.85 13.51
C ARG D 289 10.59 -5.65 14.43
N ARG D 290 11.60 -4.80 14.30
CA ARG D 290 11.69 -3.61 15.14
C ARG D 290 10.46 -2.73 14.97
N LEU D 291 10.02 -2.54 13.73
CA LEU D 291 8.88 -1.65 13.49
C LEU D 291 7.55 -2.29 13.88
N SER D 292 7.39 -3.61 13.71
CA SER D 292 6.15 -4.27 14.09
C SER D 292 6.43 -5.74 14.36
N PRO D 293 6.70 -6.09 15.62
CA PRO D 293 7.06 -7.49 15.90
C PRO D 293 5.94 -8.46 15.68
N ASN D 294 4.68 -8.03 15.83
CA ASN D 294 3.59 -8.98 15.92
C ASN D 294 2.74 -9.11 14.65
N GLU D 295 2.88 -8.17 13.70
CA GLU D 295 2.21 -8.34 12.43
C GLU D 295 2.97 -9.34 11.57
N ASP D 296 2.31 -9.80 10.49
CA ASP D 296 2.93 -10.76 9.59
C ASP D 296 4.28 -10.25 9.11
N TYR D 297 5.20 -11.19 8.89
CA TYR D 297 6.55 -10.82 8.44
C TYR D 297 6.55 -10.14 7.09
N SER D 298 5.48 -10.34 6.29
CA SER D 298 5.39 -9.67 5.00
C SER D 298 5.15 -8.17 5.12
N SER D 299 4.99 -7.64 6.35
CA SER D 299 4.81 -6.20 6.50
C SER D 299 6.00 -5.40 5.99
N LEU D 300 7.15 -6.03 5.72
CA LEU D 300 8.26 -5.29 5.11
C LEU D 300 7.83 -4.64 3.79
N ILE D 301 6.84 -5.22 3.10
CA ILE D 301 6.35 -4.58 1.87
C ILE D 301 5.81 -3.20 2.18
N ARG D 302 5.00 -3.08 3.23
CA ARG D 302 4.48 -1.79 3.67
C ARG D 302 5.61 -0.88 4.15
N VAL D 303 6.60 -1.43 4.87
CA VAL D 303 7.73 -0.64 5.33
C VAL D 303 8.45 0.00 4.16
N MET D 304 8.73 -0.79 3.12
CA MET D 304 9.44 -0.26 1.96
C MET D 304 8.59 0.75 1.20
N GLU D 305 7.28 0.50 1.10
CA GLU D 305 6.41 1.51 0.48
C GLU D 305 6.51 2.83 1.19
N LYS D 306 6.59 2.80 2.52
CA LYS D 306 6.68 4.05 3.29
C LYS D 306 8.03 4.74 3.10
N ILE D 307 9.10 3.96 3.00
CA ILE D 307 10.40 4.57 2.72
C ILE D 307 10.36 5.34 1.39
N VAL D 308 9.74 4.76 0.37
CA VAL D 308 9.78 5.44 -0.91
C VAL D 308 8.76 6.57 -0.99
N ALA D 309 7.70 6.52 -0.18
CA ALA D 309 6.82 7.67 -0.13
C ALA D 309 7.49 8.86 0.53
N ASN D 310 8.51 8.63 1.35
CA ASN D 310 9.18 9.69 2.11
C ASN D 310 10.68 9.80 1.84
N ILE E 19 0.97 40.08 -27.98
CA ILE E 19 0.40 39.83 -26.64
C ILE E 19 -0.59 40.94 -26.34
N LEU E 20 -1.72 40.57 -25.75
CA LEU E 20 -2.86 41.48 -25.59
C LEU E 20 -2.75 42.31 -24.32
N SER E 21 -1.60 42.98 -24.15
CA SER E 21 -1.40 43.93 -23.07
C SER E 21 -2.19 45.20 -23.34
N PRO E 22 -2.41 46.04 -22.31
CA PRO E 22 -3.12 47.30 -22.55
C PRO E 22 -2.42 48.18 -23.56
N GLU E 23 -1.10 48.07 -23.66
CA GLU E 23 -0.35 48.87 -24.62
C GLU E 23 -0.63 48.43 -26.05
N ASN E 24 -0.73 47.11 -26.28
CA ASN E 24 -0.93 46.58 -27.62
C ASN E 24 -2.40 46.51 -28.02
N ALA E 25 -3.31 46.31 -27.07
CA ALA E 25 -4.72 46.03 -27.36
C ALA E 25 -5.57 46.57 -26.23
N PRO E 26 -5.71 47.90 -26.14
CA PRO E 26 -6.33 48.48 -24.94
C PRO E 26 -7.82 48.24 -24.82
N ARG E 27 -8.55 48.06 -25.90
CA ARG E 27 -10.01 48.02 -25.81
C ARG E 27 -10.49 46.59 -25.65
N ILE E 28 -11.20 46.33 -24.55
CA ILE E 28 -11.85 45.04 -24.31
C ILE E 28 -13.36 45.28 -24.25
N GLY E 29 -14.10 44.59 -25.11
CA GLY E 29 -15.55 44.70 -25.16
C GLY E 29 -16.19 43.42 -24.62
N PHE E 30 -17.22 43.58 -23.80
CA PHE E 30 -17.93 42.47 -23.19
C PHE E 30 -19.26 42.21 -23.89
N ILE E 31 -19.54 40.94 -24.13
CA ILE E 31 -20.87 40.47 -24.49
C ILE E 31 -21.42 39.81 -23.24
N GLY E 32 -22.41 40.45 -22.62
CA GLY E 32 -22.82 40.06 -21.27
C GLY E 32 -22.05 40.87 -20.25
N PHE E 33 -22.75 41.44 -19.28
CA PHE E 33 -22.09 42.27 -18.29
C PHE E 33 -22.83 42.17 -16.96
N GLY E 34 -22.99 40.94 -16.49
CA GLY E 34 -23.65 40.68 -15.22
C GLY E 34 -22.71 40.66 -14.03
N ALA E 35 -23.07 39.87 -13.01
CA ALA E 35 -22.35 39.90 -11.74
C ALA E 35 -20.88 39.57 -11.92
N MET E 36 -20.56 38.51 -12.69
CA MET E 36 -19.17 38.11 -12.85
C MET E 36 -18.43 39.06 -13.79
N ALA E 37 -19.05 39.37 -14.94
CA ALA E 37 -18.37 40.13 -15.97
C ALA E 37 -18.05 41.55 -15.51
N SER E 38 -18.99 42.20 -14.81
CA SER E 38 -18.76 43.57 -14.37
C SER E 38 -17.60 43.64 -13.38
N ARG E 39 -17.45 42.62 -12.53
CA ARG E 39 -16.31 42.59 -11.62
C ARG E 39 -15.00 42.33 -12.37
N MET E 40 -15.05 41.45 -13.39
CA MET E 40 -13.89 41.25 -14.25
C MET E 40 -13.51 42.56 -14.91
N GLY E 41 -14.51 43.29 -15.40
CA GLY E 41 -14.24 44.53 -16.10
C GLY E 41 -13.58 45.57 -15.22
N ASP E 42 -13.98 45.64 -13.95
CA ASP E 42 -13.34 46.59 -13.03
C ASP E 42 -11.85 46.29 -12.88
N HIS E 43 -11.49 45.01 -12.78
CA HIS E 43 -10.07 44.68 -12.66
C HIS E 43 -9.33 45.00 -13.95
N LEU E 44 -9.99 44.81 -15.09
CA LEU E 44 -9.33 45.11 -16.36
C LEU E 44 -9.16 46.61 -16.54
N LYS E 45 -10.12 47.40 -16.07
CA LYS E 45 -9.99 48.86 -16.09
C LYS E 45 -8.82 49.32 -15.24
N THR E 46 -8.70 48.77 -14.02
CA THR E 46 -7.55 49.06 -13.15
C THR E 46 -6.24 48.69 -13.84
N ALA E 47 -6.21 47.60 -14.60
CA ALA E 47 -5.00 47.17 -15.26
C ALA E 47 -4.66 48.02 -16.49
N GLY E 48 -5.55 48.92 -16.89
CA GLY E 48 -5.26 49.87 -17.94
C GLY E 48 -6.05 49.69 -19.21
N TYR E 49 -7.01 48.77 -19.25
CA TYR E 49 -7.79 48.54 -20.45
C TYR E 49 -9.00 49.50 -20.49
N THR E 50 -9.47 49.75 -21.71
CA THR E 50 -10.66 50.53 -21.97
C THR E 50 -11.82 49.57 -22.16
N ILE E 51 -12.83 49.66 -21.30
CA ILE E 51 -13.91 48.66 -21.23
C ILE E 51 -15.16 49.19 -21.92
N SER E 52 -15.87 48.31 -22.61
CA SER E 52 -17.19 48.58 -23.17
C SER E 52 -18.01 47.30 -23.05
N ALA E 53 -19.32 47.41 -23.19
CA ALA E 53 -20.15 46.23 -23.02
C ALA E 53 -21.44 46.30 -23.83
N TYR E 54 -21.98 45.12 -24.10
CA TYR E 54 -23.34 44.95 -24.60
C TYR E 54 -24.11 44.04 -23.65
N THR E 55 -25.34 44.40 -23.34
CA THR E 55 -26.26 43.47 -22.70
C THR E 55 -27.60 43.53 -23.43
N PRO E 56 -28.35 42.43 -23.44
CA PRO E 56 -29.66 42.45 -24.13
C PRO E 56 -30.60 43.53 -23.62
N SER E 57 -30.57 43.83 -22.32
CA SER E 57 -31.42 44.85 -21.72
C SER E 57 -30.84 46.26 -21.84
N GLY E 58 -29.56 46.40 -22.13
CA GLY E 58 -28.94 47.70 -22.15
C GLY E 58 -28.48 48.21 -20.80
N ARG E 59 -28.67 47.43 -19.74
CA ARG E 59 -28.32 47.81 -18.37
C ARG E 59 -27.15 46.97 -17.88
N SER E 60 -26.48 47.47 -16.85
CA SER E 60 -25.37 46.77 -16.20
C SER E 60 -25.14 47.42 -14.85
N PRO E 61 -24.38 46.76 -13.96
CA PRO E 61 -24.09 47.36 -12.65
C PRO E 61 -22.97 48.40 -12.66
N SER E 62 -22.49 48.83 -13.82
CA SER E 62 -21.39 49.79 -13.92
C SER E 62 -21.82 50.99 -14.77
N PRO E 63 -22.24 52.09 -14.14
CA PRO E 63 -22.68 53.27 -14.92
C PRO E 63 -21.58 53.90 -15.76
N SER E 64 -20.31 53.69 -15.42
CA SER E 64 -19.21 54.30 -16.14
C SER E 64 -18.80 53.53 -17.40
N VAL E 65 -19.40 52.37 -17.66
CA VAL E 65 -19.02 51.53 -18.79
C VAL E 65 -19.95 51.85 -19.96
N PRO E 66 -19.43 52.31 -21.10
CA PRO E 66 -20.31 52.58 -22.25
C PRO E 66 -20.98 51.32 -22.75
N MET E 67 -22.25 51.46 -23.12
CA MET E 67 -23.05 50.32 -23.54
C MET E 67 -23.33 50.46 -25.04
N LEU E 68 -23.11 49.36 -25.77
CA LEU E 68 -23.36 49.35 -27.20
C LEU E 68 -24.67 48.63 -27.49
N PRO E 69 -25.36 48.99 -28.58
CA PRO E 69 -26.75 48.52 -28.75
C PRO E 69 -26.88 47.10 -29.30
N THR E 70 -25.85 46.56 -29.95
CA THR E 70 -25.90 45.24 -30.54
C THR E 70 -24.55 44.57 -30.32
N PRO E 71 -24.51 43.23 -30.37
CA PRO E 71 -23.19 42.57 -30.30
C PRO E 71 -22.26 43.01 -31.42
N LEU E 72 -22.81 43.20 -32.62
CA LEU E 72 -22.04 43.71 -33.76
C LEU E 72 -21.39 45.04 -33.44
N ALA E 73 -22.17 45.99 -32.91
CA ALA E 73 -21.63 47.31 -32.56
C ALA E 73 -20.56 47.20 -31.49
N LEU E 74 -20.78 46.35 -30.49
CA LEU E 74 -19.76 46.13 -29.48
C LEU E 74 -18.45 45.67 -30.11
N ALA E 75 -18.52 44.64 -30.96
CA ALA E 75 -17.31 44.08 -31.52
C ALA E 75 -16.60 45.08 -32.43
N LYS E 76 -17.36 45.92 -33.13
CA LYS E 76 -16.72 46.81 -34.10
C LYS E 76 -15.82 47.85 -33.43
N GLN E 77 -16.08 48.22 -32.18
CA GLN E 77 -15.25 49.22 -31.52
C GLN E 77 -14.38 48.65 -30.40
N ALA E 78 -14.22 47.33 -30.33
CA ALA E 78 -13.32 46.70 -29.37
C ALA E 78 -12.25 45.91 -30.09
N ASP E 79 -11.14 45.65 -29.40
CA ASP E 79 -10.18 44.71 -29.98
C ASP E 79 -10.56 43.31 -29.52
N THR E 80 -10.24 42.99 -28.29
CA THR E 80 -10.57 41.69 -27.73
C THR E 80 -12.01 41.71 -27.24
N VAL E 81 -12.73 40.62 -27.48
CA VAL E 81 -14.11 40.47 -27.00
C VAL E 81 -14.12 39.37 -25.94
N VAL E 82 -14.71 39.67 -24.79
CA VAL E 82 -14.90 38.71 -23.71
C VAL E 82 -16.39 38.43 -23.59
N VAL E 83 -16.76 37.14 -23.61
CA VAL E 83 -18.17 36.73 -23.57
C VAL E 83 -18.48 36.17 -22.19
N CYS E 84 -19.59 36.62 -21.60
CA CYS E 84 -20.07 36.11 -20.31
C CYS E 84 -21.59 36.07 -20.33
N VAL E 85 -22.13 35.01 -20.90
CA VAL E 85 -23.58 34.82 -21.08
C VAL E 85 -23.99 33.54 -20.35
N PRO E 86 -25.30 33.38 -20.07
CA PRO E 86 -25.71 32.29 -19.17
C PRO E 86 -25.68 30.90 -19.79
N ASP E 87 -26.01 30.72 -21.07
CA ASP E 87 -26.24 29.37 -21.56
C ASP E 87 -26.02 29.32 -23.07
N ASP E 88 -26.21 28.13 -23.66
CA ASP E 88 -25.94 27.93 -25.08
C ASP E 88 -26.81 28.84 -25.93
N GLU E 89 -28.08 28.99 -25.55
CA GLU E 89 -29.02 29.77 -26.35
C GLU E 89 -28.64 31.23 -26.38
N ALA E 90 -28.25 31.77 -25.21
CA ALA E 90 -27.80 33.16 -25.14
C ALA E 90 -26.52 33.36 -25.95
N LEU E 91 -25.63 32.38 -25.90
CA LEU E 91 -24.41 32.46 -26.70
C LEU E 91 -24.74 32.53 -28.18
N ALA E 92 -25.64 31.66 -28.66
CA ALA E 92 -25.97 31.66 -30.08
C ALA E 92 -26.65 32.96 -30.48
N ALA E 93 -27.53 33.48 -29.62
CA ALA E 93 -28.25 34.71 -29.94
C ALA E 93 -27.30 35.88 -30.14
N SER E 94 -26.19 35.93 -29.40
CA SER E 94 -25.30 37.08 -29.46
C SER E 94 -24.06 36.87 -30.32
N MET E 95 -23.70 35.63 -30.65
CA MET E 95 -22.52 35.40 -31.47
C MET E 95 -22.83 35.40 -32.96
N TYR E 96 -24.00 34.90 -33.34
CA TYR E 96 -24.27 34.56 -34.73
C TYR E 96 -25.28 35.52 -35.36
N GLY E 97 -25.31 35.52 -36.68
CA GLY E 97 -26.22 36.38 -37.42
C GLY E 97 -25.60 37.71 -37.76
N GLU E 98 -26.33 38.48 -38.60
CA GLU E 98 -25.79 39.75 -39.10
C GLU E 98 -25.53 40.76 -37.99
N ASN E 99 -26.21 40.65 -36.84
CA ASN E 99 -25.97 41.57 -35.74
C ASN E 99 -25.19 40.95 -34.59
N GLY E 100 -24.65 39.75 -34.80
CA GLY E 100 -23.89 39.08 -33.76
C GLY E 100 -22.44 39.54 -33.69
N ALA E 101 -21.76 39.09 -32.65
CA ALA E 101 -20.41 39.58 -32.37
C ALA E 101 -19.42 39.17 -33.45
N LEU E 102 -19.50 37.94 -33.97
CA LEU E 102 -18.49 37.49 -34.91
C LEU E 102 -18.52 38.34 -36.18
N ALA E 103 -19.72 38.76 -36.61
CA ALA E 103 -19.85 39.61 -37.79
C ALA E 103 -19.16 40.95 -37.60
N GLY E 104 -18.98 41.38 -36.36
CA GLY E 104 -18.29 42.62 -36.04
C GLY E 104 -16.81 42.51 -35.72
N MET E 105 -16.23 41.32 -35.65
CA MET E 105 -14.81 41.29 -35.33
C MET E 105 -13.96 41.12 -36.57
N THR E 106 -12.75 41.64 -36.46
CA THR E 106 -11.78 41.64 -37.53
C THR E 106 -10.87 40.43 -37.40
N LYS E 107 -10.51 39.83 -38.55
CA LYS E 107 -9.60 38.69 -38.53
C LYS E 107 -8.33 39.03 -37.73
N GLY E 108 -7.90 38.07 -36.93
CA GLY E 108 -6.73 38.23 -36.09
C GLY E 108 -7.05 38.61 -34.66
N SER E 109 -8.27 39.08 -34.41
CA SER E 109 -8.72 39.40 -33.06
C SER E 109 -9.01 38.10 -32.30
N LEU E 110 -9.04 38.23 -30.98
CA LEU E 110 -9.28 37.10 -30.09
C LEU E 110 -10.64 37.24 -29.42
N LEU E 111 -11.37 36.14 -29.34
CA LEU E 111 -12.63 36.07 -28.59
C LEU E 111 -12.38 35.15 -27.40
N ILE E 112 -12.61 35.65 -26.19
CA ILE E 112 -12.41 34.87 -24.96
C ILE E 112 -13.79 34.58 -24.39
N ASN E 113 -14.18 33.32 -24.40
CA ASN E 113 -15.50 32.96 -23.88
C ASN E 113 -15.34 32.44 -22.46
N THR E 114 -15.79 33.23 -21.48
CA THR E 114 -15.75 32.79 -20.09
C THR E 114 -17.07 32.16 -19.65
N SER E 115 -18.02 32.00 -20.56
CA SER E 115 -19.32 31.46 -20.24
C SER E 115 -19.20 29.97 -19.92
N SER E 116 -20.15 29.48 -19.13
CA SER E 116 -20.27 28.05 -18.83
C SER E 116 -21.31 27.48 -19.78
N VAL E 117 -20.86 26.84 -20.85
CA VAL E 117 -21.75 26.35 -21.90
C VAL E 117 -21.36 24.91 -22.22
N SER E 118 -22.14 24.27 -23.10
CA SER E 118 -21.91 22.86 -23.40
C SER E 118 -20.67 22.67 -24.26
N PRO E 119 -20.08 21.47 -24.25
CA PRO E 119 -19.01 21.19 -25.22
C PRO E 119 -19.47 21.36 -26.66
N GLU E 120 -20.73 21.07 -26.96
CA GLU E 120 -21.24 21.24 -28.31
C GLU E 120 -21.25 22.70 -28.72
N ALA E 121 -21.74 23.59 -27.82
CA ALA E 121 -21.72 25.01 -28.13
C ALA E 121 -20.30 25.53 -28.27
N THR E 122 -19.40 25.00 -27.46
CA THR E 122 -17.99 25.40 -27.52
C THR E 122 -17.40 25.08 -28.87
N ALA E 123 -17.66 23.86 -29.36
CA ALA E 123 -17.14 23.45 -30.66
C ALA E 123 -17.73 24.29 -31.79
N THR E 124 -19.04 24.55 -31.73
CA THR E 124 -19.70 25.34 -32.77
C THR E 124 -19.11 26.73 -32.84
N LEU E 125 -18.87 27.36 -31.68
CA LEU E 125 -18.31 28.70 -31.67
C LEU E 125 -16.87 28.71 -32.16
N TYR E 126 -16.07 27.71 -31.76
CA TYR E 126 -14.69 27.64 -32.22
C TYR E 126 -14.64 27.57 -33.73
N GLU E 127 -15.49 26.72 -34.32
CA GLU E 127 -15.46 26.57 -35.78
C GLU E 127 -15.98 27.81 -36.47
N ALA E 128 -17.05 28.43 -35.94
CA ALA E 128 -17.52 29.70 -36.49
C ALA E 128 -16.44 30.77 -36.42
N GLY E 129 -15.72 30.83 -35.30
CA GLY E 129 -14.61 31.77 -35.20
C GLY E 129 -13.57 31.56 -36.27
N GLN E 130 -13.17 30.29 -36.48
CA GLN E 130 -12.15 30.00 -37.49
C GLN E 130 -12.56 30.51 -38.85
N LYS E 131 -13.86 30.40 -39.18
CA LYS E 131 -14.36 30.90 -40.47
C LYS E 131 -14.18 32.41 -40.59
N HIS E 132 -14.25 33.13 -39.48
CA HIS E 132 -14.07 34.58 -39.46
C HIS E 132 -12.62 34.98 -39.22
N GLY E 133 -11.70 34.02 -39.13
CA GLY E 133 -10.33 34.33 -38.79
C GLY E 133 -10.14 34.74 -37.35
N VAL E 134 -11.01 34.30 -36.46
CA VAL E 134 -11.00 34.69 -35.05
C VAL E 134 -10.75 33.44 -34.22
N VAL E 135 -9.68 33.45 -33.44
CA VAL E 135 -9.42 32.37 -32.48
C VAL E 135 -10.35 32.54 -31.28
N VAL E 136 -11.03 31.46 -30.90
CA VAL E 136 -11.90 31.48 -29.72
C VAL E 136 -11.25 30.62 -28.65
N LEU E 137 -10.93 31.24 -27.51
CA LEU E 137 -10.49 30.52 -26.32
C LEU E 137 -11.71 30.21 -25.46
N ASP E 138 -11.89 28.94 -25.10
CA ASP E 138 -12.92 28.60 -24.12
C ASP E 138 -12.23 28.69 -22.77
N ALA E 139 -12.55 29.75 -22.02
CA ALA E 139 -11.87 30.07 -20.77
C ALA E 139 -12.88 30.35 -19.67
N PRO E 140 -13.74 29.39 -19.35
CA PRO E 140 -14.55 29.52 -18.13
C PRO E 140 -13.66 29.63 -16.90
N VAL E 141 -14.27 30.04 -15.79
CA VAL E 141 -13.52 30.31 -14.56
C VAL E 141 -14.09 29.51 -13.40
N SER E 142 -13.20 29.19 -12.46
CA SER E 142 -13.58 28.63 -11.17
C SER E 142 -13.53 29.76 -10.15
N GLY E 143 -14.60 29.89 -9.37
CA GLY E 143 -14.76 31.04 -8.49
C GLY E 143 -16.06 31.76 -8.77
N SER E 144 -16.55 32.49 -7.77
CA SER E 144 -17.82 33.17 -7.85
C SER E 144 -17.59 34.66 -7.65
N THR E 145 -18.62 35.39 -7.20
CA THR E 145 -18.45 36.83 -7.05
C THR E 145 -17.40 37.23 -6.02
N PRO E 146 -17.20 36.53 -4.89
CA PRO E 146 -16.09 36.93 -4.00
C PRO E 146 -14.74 36.81 -4.68
N GLU E 147 -14.54 35.74 -5.44
CA GLU E 147 -13.27 35.56 -6.14
C GLU E 147 -13.14 36.55 -7.29
N ALA E 148 -14.25 36.90 -7.94
CA ALA E 148 -14.17 37.94 -8.97
C ALA E 148 -13.78 39.27 -8.35
N ASP E 149 -14.34 39.60 -7.18
CA ASP E 149 -13.99 40.84 -6.49
C ASP E 149 -12.50 40.93 -6.20
N SER E 150 -11.90 39.83 -5.77
CA SER E 150 -10.51 39.83 -5.35
C SER E 150 -9.56 39.41 -6.46
N ALA E 151 -10.06 39.19 -7.67
CA ALA E 151 -9.24 38.72 -8.80
C ALA E 151 -8.46 37.45 -8.43
N SER E 152 -9.15 36.55 -7.74
CA SER E 152 -8.60 35.24 -7.42
C SER E 152 -9.32 34.14 -8.18
N LEU E 153 -9.99 34.47 -9.27
CA LEU E 153 -10.51 33.46 -10.17
C LEU E 153 -9.40 32.51 -10.66
N VAL E 154 -9.79 31.26 -10.93
CA VAL E 154 -8.93 30.30 -11.61
C VAL E 154 -9.46 30.16 -13.03
N ILE E 155 -8.63 30.48 -14.02
CA ILE E 155 -9.04 30.44 -15.43
C ILE E 155 -8.78 29.04 -15.96
N LEU E 156 -9.78 28.43 -16.61
CA LEU E 156 -9.71 27.07 -17.15
C LEU E 156 -9.80 27.18 -18.67
N VAL E 157 -8.66 27.09 -19.38
CA VAL E 157 -8.65 27.54 -20.77
C VAL E 157 -8.24 26.43 -21.72
N GLY E 158 -8.97 26.32 -22.82
CA GLY E 158 -8.66 25.43 -23.92
C GLY E 158 -8.20 26.21 -25.14
N GLY E 159 -7.13 25.74 -25.75
CA GLY E 159 -6.62 26.39 -26.95
C GLY E 159 -5.17 26.05 -27.16
N ASP E 160 -4.62 26.64 -28.22
CA ASP E 160 -3.20 26.53 -28.49
C ASP E 160 -2.41 27.35 -27.48
N LYS E 161 -1.24 26.83 -27.09
CA LYS E 161 -0.45 27.51 -26.06
C LYS E 161 -0.08 28.92 -26.48
N ASP E 162 0.10 29.16 -27.78
CA ASP E 162 0.49 30.50 -28.20
C ASP E 162 -0.68 31.48 -28.05
N ASP E 163 -1.91 31.03 -28.30
CA ASP E 163 -3.09 31.87 -28.08
C ASP E 163 -3.34 32.11 -26.60
N VAL E 164 -3.14 31.08 -25.78
CA VAL E 164 -3.23 31.28 -24.33
C VAL E 164 -2.22 32.33 -23.88
N ALA E 165 -1.02 32.29 -24.47
CA ALA E 165 0.02 33.26 -24.11
C ALA E 165 -0.39 34.69 -24.48
N ARG E 166 -1.03 34.86 -25.64
CA ARG E 166 -1.49 36.20 -26.03
C ARG E 166 -2.45 36.78 -24.99
N ALA E 167 -3.29 35.95 -24.40
CA ALA E 167 -4.32 36.42 -23.48
C ALA E 167 -3.84 36.52 -22.04
N ALA E 168 -2.59 36.14 -21.75
CA ALA E 168 -2.09 36.13 -20.37
C ALA E 168 -2.31 37.43 -19.60
N PRO E 169 -2.05 38.63 -20.13
CA PRO E 169 -2.29 39.82 -19.32
C PRO E 169 -3.74 39.99 -18.92
N ILE E 170 -4.69 39.55 -19.76
CA ILE E 170 -6.09 39.64 -19.40
C ILE E 170 -6.42 38.65 -18.29
N PHE E 171 -6.00 37.38 -18.47
CA PHE E 171 -6.22 36.35 -17.45
C PHE E 171 -5.55 36.74 -16.14
N ASP E 172 -4.35 37.33 -16.20
CA ASP E 172 -3.66 37.70 -14.97
C ASP E 172 -4.35 38.84 -14.23
N ALA E 173 -5.03 39.74 -14.95
CA ALA E 173 -5.72 40.84 -14.30
C ALA E 173 -6.97 40.37 -13.56
N ILE E 174 -7.66 39.35 -14.07
CA ILE E 174 -8.90 38.91 -13.46
C ILE E 174 -8.73 37.71 -12.55
N GLY E 175 -7.55 37.07 -12.54
CA GLY E 175 -7.40 35.80 -11.86
C GLY E 175 -6.05 35.65 -11.18
N LYS E 176 -5.94 34.57 -10.39
CA LYS E 176 -4.73 34.22 -9.67
C LYS E 176 -3.98 33.05 -10.28
N LEU E 177 -4.60 32.33 -11.22
CA LEU E 177 -4.01 31.10 -11.76
C LEU E 177 -4.72 30.81 -13.08
N THR E 178 -3.94 30.55 -14.12
CA THR E 178 -4.48 30.13 -15.41
C THR E 178 -4.05 28.68 -15.63
N ILE E 179 -5.04 27.78 -15.72
CA ILE E 179 -4.77 26.37 -16.00
C ILE E 179 -5.04 26.14 -17.48
N HIS E 180 -3.98 25.81 -18.22
CA HIS E 180 -4.12 25.41 -19.60
C HIS E 180 -4.57 23.96 -19.63
N ALA E 181 -5.84 23.74 -19.95
CA ALA E 181 -6.47 22.43 -19.81
C ALA E 181 -6.23 21.54 -21.01
N GLY E 182 -5.70 22.06 -22.12
CA GLY E 182 -5.59 21.32 -23.35
C GLY E 182 -6.06 22.15 -24.52
N PRO E 183 -6.32 21.49 -25.65
CA PRO E 183 -6.79 22.22 -26.83
C PRO E 183 -8.22 22.73 -26.69
N THR E 184 -8.73 23.37 -27.75
CA THR E 184 -10.09 23.90 -27.72
C THR E 184 -11.08 22.87 -27.19
N GLY E 185 -11.97 23.33 -26.31
CA GLY E 185 -12.95 22.48 -25.67
C GLY E 185 -12.53 21.96 -24.31
N SER E 186 -11.23 22.03 -24.00
CA SER E 186 -10.73 21.45 -22.75
C SER E 186 -11.13 22.29 -21.55
N GLY E 187 -11.18 23.62 -21.70
CA GLY E 187 -11.59 24.45 -20.58
C GLY E 187 -13.05 24.25 -20.23
N ALA E 188 -13.91 24.21 -21.26
CA ALA E 188 -15.32 23.91 -21.06
C ALA E 188 -15.50 22.59 -20.32
N ARG E 189 -14.73 21.56 -20.69
CA ARG E 189 -14.88 20.26 -20.05
C ARG E 189 -14.42 20.30 -18.61
N LEU E 190 -13.29 20.96 -18.34
CA LEU E 190 -12.78 21.04 -16.98
C LEU E 190 -13.73 21.82 -16.09
N LYS E 191 -14.37 22.86 -16.63
CA LYS E 191 -15.38 23.60 -15.88
C LYS E 191 -16.55 22.71 -15.47
N LEU E 192 -17.00 21.83 -16.39
CA LEU E 192 -18.08 20.91 -16.05
C LEU E 192 -17.68 19.98 -14.92
N VAL E 193 -16.43 19.48 -14.95
CA VAL E 193 -15.93 18.63 -13.86
C VAL E 193 -16.03 19.36 -12.53
N ILE E 194 -15.51 20.58 -12.50
CA ILE E 194 -15.47 21.34 -11.25
C ILE E 194 -16.87 21.71 -10.80
N ASN E 195 -17.77 22.03 -11.74
CA ASN E 195 -19.15 22.35 -11.35
C ASN E 195 -19.84 21.16 -10.69
N GLY E 196 -19.61 19.96 -11.22
CA GLY E 196 -20.20 18.79 -10.59
C GLY E 196 -19.74 18.61 -9.16
N ILE E 197 -18.44 18.79 -8.92
CA ILE E 197 -17.90 18.65 -7.57
C ILE E 197 -18.54 19.70 -6.65
N MET E 198 -18.67 20.94 -7.15
CA MET E 198 -19.29 22.01 -6.37
C MET E 198 -20.74 21.70 -6.05
N GLY E 199 -21.51 21.33 -7.08
CA GLY E 199 -22.93 21.13 -6.90
C GLY E 199 -23.24 19.97 -5.98
N ALA E 200 -22.62 18.82 -6.24
CA ALA E 200 -22.88 17.66 -5.39
C ALA E 200 -22.27 17.80 -4.00
N GLY E 201 -21.17 18.57 -3.87
CA GLY E 201 -20.68 18.88 -2.53
C GLY E 201 -21.72 19.60 -1.70
N LEU E 202 -22.47 20.52 -2.32
CA LEU E 202 -23.48 21.25 -1.56
C LEU E 202 -24.68 20.36 -1.25
N THR E 203 -25.15 19.57 -2.23
CA THR E 203 -26.31 18.73 -1.93
C THR E 203 -25.97 17.68 -0.87
N THR E 204 -24.75 17.13 -0.92
CA THR E 204 -24.28 16.22 0.11
C THR E 204 -24.37 16.86 1.47
N LEU E 205 -23.84 18.09 1.58
CA LEU E 205 -23.80 18.75 2.87
C LEU E 205 -25.21 19.09 3.36
N ALA E 206 -26.07 19.56 2.46
CA ALA E 206 -27.45 19.87 2.85
C ALA E 206 -28.19 18.65 3.36
N GLU E 207 -27.99 17.50 2.70
CA GLU E 207 -28.68 16.28 3.11
C GLU E 207 -28.13 15.74 4.42
N SER E 208 -26.80 15.81 4.60
CA SER E 208 -26.19 15.32 5.82
C SER E 208 -26.63 16.16 7.02
N VAL E 209 -26.63 17.49 6.85
CA VAL E 209 -27.16 18.39 7.88
C VAL E 209 -28.61 18.05 8.18
N ALA E 210 -29.42 17.82 7.14
CA ALA E 210 -30.83 17.52 7.34
C ALA E 210 -31.02 16.26 8.16
N TYR E 211 -30.23 15.20 7.89
CA TYR E 211 -30.33 14.01 8.71
C TYR E 211 -30.00 14.35 10.15
N GLY E 212 -28.91 15.08 10.37
CA GLY E 212 -28.51 15.38 11.75
C GLY E 212 -29.59 16.13 12.50
N LEU E 213 -30.23 17.10 11.85
CA LEU E 213 -31.29 17.86 12.49
C LEU E 213 -32.51 16.98 12.76
N SER E 214 -32.85 16.12 11.80
CA SER E 214 -33.99 15.22 11.98
C SER E 214 -33.76 14.27 13.14
N ALA E 215 -32.51 13.93 13.40
CA ALA E 215 -32.15 13.00 14.46
C ALA E 215 -32.00 13.70 15.79
N GLY E 216 -32.30 14.99 15.84
CA GLY E 216 -32.35 15.72 17.10
C GLY E 216 -31.11 16.49 17.49
N LEU E 217 -30.09 16.58 16.62
CA LEU E 217 -28.91 17.34 16.97
C LEU E 217 -29.20 18.83 16.97
N ASP E 218 -28.67 19.51 17.99
CA ASP E 218 -28.79 20.96 18.10
C ASP E 218 -28.23 21.64 16.86
N ARG E 219 -28.99 22.60 16.32
CA ARG E 219 -28.62 23.21 15.04
C ARG E 219 -27.31 23.98 15.14
N SER E 220 -27.14 24.78 16.20
CA SER E 220 -25.94 25.58 16.32
C SER E 220 -24.71 24.71 16.54
N MET E 221 -24.86 23.69 17.39
CA MET E 221 -23.81 22.70 17.60
C MET E 221 -23.39 22.09 16.27
N LEU E 222 -24.36 21.61 15.51
CA LEU E 222 -24.08 20.84 14.30
C LEU E 222 -23.35 21.68 13.26
N PHE E 223 -23.84 22.90 12.99
CA PHE E 223 -23.16 23.75 12.01
C PHE E 223 -21.74 24.05 12.48
N ASP E 224 -21.55 24.30 13.77
CA ASP E 224 -20.21 24.62 14.25
C ASP E 224 -19.29 23.41 14.22
N ALA E 225 -19.82 22.22 14.52
CA ALA E 225 -19.01 21.01 14.50
C ALA E 225 -18.49 20.73 13.11
N LEU E 226 -19.33 20.94 12.10
CA LEU E 226 -18.93 20.61 10.74
C LEU E 226 -17.87 21.57 10.21
N ASP E 227 -17.81 22.79 10.76
CA ASP E 227 -16.69 23.66 10.42
C ASP E 227 -15.35 23.10 10.84
N GLN E 228 -15.34 22.11 11.73
CA GLN E 228 -14.10 21.62 12.33
C GLN E 228 -13.56 20.35 11.67
N VAL E 229 -14.25 19.79 10.65
CA VAL E 229 -13.85 18.51 10.07
C VAL E 229 -13.14 18.73 8.74
N ALA E 230 -12.30 17.78 8.37
CA ALA E 230 -11.45 17.92 7.20
C ALA E 230 -12.10 17.41 5.93
N VAL E 231 -13.34 16.93 5.99
CA VAL E 231 -13.97 16.31 4.83
C VAL E 231 -14.91 17.26 4.11
N ILE E 232 -14.91 18.55 4.47
CA ILE E 232 -15.68 19.60 3.79
C ILE E 232 -14.70 20.60 3.18
N SER E 233 -14.97 21.02 1.95
CA SER E 233 -14.08 21.92 1.25
C SER E 233 -14.15 23.34 1.83
N PRO E 234 -13.12 24.14 1.59
CA PRO E 234 -13.20 25.55 2.04
C PRO E 234 -14.39 26.28 1.47
N HIS E 235 -14.70 26.05 0.19
CA HIS E 235 -15.86 26.70 -0.42
C HIS E 235 -17.13 26.33 0.31
N HIS E 236 -17.31 25.04 0.57
CA HIS E 236 -18.55 24.61 1.20
C HIS E 236 -18.60 24.94 2.68
N LYS E 237 -17.46 25.04 3.36
CA LYS E 237 -17.48 25.55 4.73
C LYS E 237 -17.93 27.01 4.75
N ARG E 238 -17.55 27.81 3.75
CA ARG E 238 -18.03 29.18 3.72
C ARG E 238 -19.55 29.20 3.51
N LYS E 239 -20.05 28.31 2.65
CA LYS E 239 -21.48 28.26 2.43
C LYS E 239 -22.21 27.79 3.68
N LEU E 240 -21.61 26.87 4.43
CA LEU E 240 -22.27 26.40 5.65
C LEU E 240 -22.37 27.51 6.67
N LYS E 241 -21.32 28.31 6.83
CA LYS E 241 -21.39 29.44 7.75
C LYS E 241 -22.44 30.45 7.31
N ALA E 242 -22.52 30.71 6.01
CA ALA E 242 -23.56 31.63 5.54
C ALA E 242 -24.94 31.05 5.80
N ALA E 243 -25.10 29.74 5.56
CA ALA E 243 -26.40 29.10 5.80
C ALA E 243 -26.77 29.09 7.28
N LYS E 244 -25.78 29.06 8.18
CA LYS E 244 -26.12 29.17 9.60
C LYS E 244 -26.82 30.49 9.86
N ASP E 245 -26.38 31.54 9.16
CA ASP E 245 -26.94 32.89 9.22
C ASP E 245 -28.15 33.09 8.33
N GLY E 246 -28.63 32.07 7.62
CA GLY E 246 -29.71 32.30 6.66
C GLY E 246 -29.34 33.23 5.51
N ASN E 247 -28.06 33.35 5.18
CA ASN E 247 -27.59 34.32 4.19
C ASN E 247 -27.44 33.60 2.85
N PHE E 248 -28.40 33.83 1.96
CA PHE E 248 -28.36 33.27 0.61
C PHE E 248 -28.42 34.35 -0.45
N ALA E 249 -27.88 35.53 -0.10
CA ALA E 249 -27.62 36.53 -1.12
C ALA E 249 -26.87 35.88 -2.27
N PRO E 250 -27.26 36.13 -3.52
CA PRO E 250 -26.69 35.35 -4.63
C PRO E 250 -25.23 35.69 -4.88
N GLN E 251 -24.38 34.70 -4.64
CA GLN E 251 -23.03 34.69 -5.21
C GLN E 251 -23.01 33.88 -6.48
N PHE E 252 -23.66 32.72 -6.47
CA PHE E 252 -23.89 31.91 -7.66
C PHE E 252 -25.34 31.45 -7.55
N PRO E 253 -26.25 32.05 -8.30
CA PRO E 253 -27.68 31.74 -8.11
C PRO E 253 -28.03 30.31 -8.50
N ALA E 254 -29.06 29.79 -7.83
CA ALA E 254 -29.56 28.44 -8.09
C ALA E 254 -29.84 28.21 -9.57
N ARG E 255 -30.40 29.20 -10.26
CA ARG E 255 -30.77 28.97 -11.65
C ARG E 255 -29.54 28.69 -12.52
N LEU E 256 -28.38 29.30 -12.21
CA LEU E 256 -27.18 29.04 -13.00
C LEU E 256 -26.49 27.75 -12.55
N MET E 257 -26.44 27.49 -11.25
CA MET E 257 -25.85 26.24 -10.79
C MET E 257 -26.60 25.06 -11.38
N GLN E 258 -27.93 25.14 -11.35
CA GLN E 258 -28.73 24.02 -11.85
C GLN E 258 -28.56 23.86 -13.36
N LYS E 259 -28.44 24.98 -14.10
CA LYS E 259 -28.13 24.89 -15.52
C LYS E 259 -26.78 24.20 -15.74
N ASP E 260 -25.78 24.54 -14.91
CA ASP E 260 -24.48 23.90 -15.05
C ASP E 260 -24.57 22.41 -14.80
N MET E 261 -25.42 22.00 -13.86
CA MET E 261 -25.59 20.58 -13.58
C MET E 261 -26.28 19.91 -14.77
N ARG E 262 -27.28 20.59 -15.36
CA ARG E 262 -27.91 20.07 -16.58
C ARG E 262 -26.89 19.84 -17.68
N LEU E 263 -26.01 20.83 -17.91
CA LEU E 263 -24.98 20.67 -18.93
C LEU E 263 -24.08 19.48 -18.64
N LEU E 264 -23.66 19.33 -17.37
CA LEU E 264 -22.78 18.24 -17.03
C LEU E 264 -23.45 16.90 -17.22
N LEU E 265 -24.73 16.78 -16.81
CA LEU E 265 -25.38 15.49 -16.94
C LEU E 265 -25.65 15.16 -18.41
N ASP E 266 -25.92 16.16 -19.25
CA ASP E 266 -26.01 15.89 -20.68
C ASP E 266 -24.69 15.39 -21.24
N ALA E 267 -23.58 16.03 -20.84
CA ALA E 267 -22.30 15.63 -21.38
C ALA E 267 -21.92 14.23 -20.91
N ALA E 268 -22.19 13.94 -19.63
CA ALA E 268 -21.89 12.60 -19.12
C ALA E 268 -22.74 11.55 -19.80
N ALA E 269 -23.97 11.90 -20.18
CA ALA E 269 -24.78 10.92 -20.92
C ALA E 269 -24.25 10.75 -22.33
N ARG E 270 -23.82 11.84 -22.98
CA ARG E 270 -23.27 11.67 -24.33
C ARG E 270 -22.01 10.81 -24.31
N GLU E 271 -21.22 10.89 -23.24
CA GLU E 271 -20.03 10.06 -23.09
C GLU E 271 -20.32 8.69 -22.50
N ALA E 272 -21.59 8.39 -22.18
CA ALA E 272 -22.01 7.13 -21.57
C ALA E 272 -21.20 6.80 -20.31
N VAL E 273 -21.07 7.79 -19.43
CA VAL E 273 -20.40 7.61 -18.13
C VAL E 273 -21.47 7.60 -17.04
N PRO E 274 -21.63 6.52 -16.29
CA PRO E 274 -22.64 6.50 -15.21
C PRO E 274 -22.19 7.34 -14.02
N VAL E 275 -22.99 8.33 -13.66
CA VAL E 275 -22.65 9.24 -12.58
C VAL E 275 -23.86 9.39 -11.64
N PRO E 276 -24.23 8.36 -10.89
CA PRO E 276 -25.44 8.44 -10.04
C PRO E 276 -25.39 9.52 -8.95
N THR E 277 -24.22 9.81 -8.35
CA THR E 277 -24.19 10.84 -7.32
C THR E 277 -24.44 12.21 -7.93
N LEU E 278 -23.81 12.50 -9.07
CA LEU E 278 -24.02 13.77 -9.75
C LEU E 278 -25.47 13.90 -10.24
N ALA E 279 -26.05 12.79 -10.71
CA ALA E 279 -27.43 12.82 -11.16
C ALA E 279 -28.38 13.11 -10.02
N ALA E 280 -28.17 12.49 -8.86
CA ALA E 280 -28.99 12.80 -7.68
C ALA E 280 -28.84 14.24 -7.26
N ALA E 281 -27.60 14.75 -7.29
CA ALA E 281 -27.38 16.14 -6.93
C ALA E 281 -28.12 17.07 -7.86
N THR E 282 -28.14 16.76 -9.15
CA THR E 282 -28.81 17.61 -10.13
C THR E 282 -30.29 17.75 -9.80
N GLN E 283 -30.93 16.63 -9.41
CA GLN E 283 -32.37 16.73 -9.14
C GLN E 283 -32.63 17.56 -7.89
N GLN E 284 -31.77 17.46 -6.89
CA GLN E 284 -31.90 18.32 -5.73
C GLN E 284 -31.73 19.79 -6.11
N LEU E 285 -30.85 20.09 -7.06
CA LEU E 285 -30.69 21.47 -7.49
C LEU E 285 -31.81 21.91 -8.42
N SER E 286 -32.49 20.98 -9.10
CA SER E 286 -33.75 21.36 -9.77
C SER E 286 -34.79 21.83 -8.76
N LEU E 287 -34.94 21.10 -7.64
CA LEU E 287 -35.85 21.54 -6.60
C LEU E 287 -35.43 22.91 -6.06
N THR E 288 -34.13 23.10 -5.82
CA THR E 288 -33.63 24.38 -5.30
C THR E 288 -33.97 25.53 -6.23
N ARG E 289 -33.74 25.33 -7.53
CA ARG E 289 -34.04 26.38 -8.50
C ARG E 289 -35.53 26.67 -8.56
N ARG E 290 -36.35 25.62 -8.55
CA ARG E 290 -37.80 25.84 -8.60
C ARG E 290 -38.28 26.68 -7.43
N LEU E 291 -37.77 26.39 -6.23
CA LEU E 291 -38.23 27.09 -5.04
C LEU E 291 -37.68 28.51 -4.96
N SER E 292 -36.45 28.74 -5.42
CA SER E 292 -35.85 30.07 -5.40
C SER E 292 -34.79 30.16 -6.48
N PRO E 293 -35.13 30.62 -7.67
CA PRO E 293 -34.14 30.64 -8.76
C PRO E 293 -33.02 31.63 -8.56
N ASN E 294 -33.26 32.71 -7.83
CA ASN E 294 -32.34 33.83 -7.80
C ASN E 294 -31.50 33.96 -6.55
N GLU E 295 -31.82 33.22 -5.49
CA GLU E 295 -30.94 33.20 -4.34
C GLU E 295 -29.76 32.26 -4.59
N ASP E 296 -28.78 32.33 -3.72
CA ASP E 296 -27.59 31.48 -3.86
C ASP E 296 -27.99 30.02 -3.94
N TYR E 297 -27.24 29.25 -4.72
CA TYR E 297 -27.54 27.83 -4.89
C TYR E 297 -27.44 27.06 -3.59
N SER E 298 -26.73 27.59 -2.59
CA SER E 298 -26.64 26.94 -1.29
C SER E 298 -27.94 27.00 -0.50
N SER E 299 -28.97 27.69 -1.01
CA SER E 299 -30.26 27.72 -0.32
C SER E 299 -30.88 26.34 -0.17
N LEU E 300 -30.39 25.32 -0.88
CA LEU E 300 -30.87 23.96 -0.61
C LEU E 300 -30.70 23.58 0.87
N ILE E 301 -29.70 24.14 1.54
CA ILE E 301 -29.56 23.87 2.98
C ILE E 301 -30.83 24.30 3.71
N ARG E 302 -31.33 25.50 3.39
CA ARG E 302 -32.56 26.00 4.01
C ARG E 302 -33.76 25.16 3.59
N VAL E 303 -33.84 24.79 2.31
CA VAL E 303 -34.92 23.93 1.82
C VAL E 303 -34.99 22.65 2.63
N MET E 304 -33.83 22.01 2.85
CA MET E 304 -33.78 20.76 3.58
C MET E 304 -34.16 20.96 5.04
N GLU E 305 -33.71 22.05 5.67
CA GLU E 305 -34.15 22.32 7.04
C GLU E 305 -35.65 22.50 7.12
N LYS E 306 -36.25 23.11 6.10
CA LYS E 306 -37.70 23.26 6.12
C LYS E 306 -38.41 21.93 5.97
N ILE E 307 -37.87 21.03 5.14
CA ILE E 307 -38.46 19.70 5.00
C ILE E 307 -38.47 18.99 6.34
N VAL E 308 -37.37 19.10 7.10
CA VAL E 308 -37.23 18.37 8.36
C VAL E 308 -38.10 18.99 9.46
N ALA E 309 -38.31 20.30 9.41
CA ALA E 309 -39.22 20.93 10.35
C ALA E 309 -40.66 20.48 10.08
N ASN E 310 -40.98 20.22 8.81
CA ASN E 310 -42.24 19.60 8.38
C ASN E 310 -43.46 20.26 9.01
N LEU F 177 -54.17 3.15 -32.65
CA LEU F 177 -54.58 4.25 -31.78
C LEU F 177 -53.82 5.53 -32.11
N THR F 178 -54.51 6.66 -32.00
CA THR F 178 -53.90 7.98 -32.18
C THR F 178 -54.27 8.84 -30.98
N ILE F 179 -53.26 9.18 -30.18
CA ILE F 179 -53.43 10.10 -29.06
C ILE F 179 -53.05 11.48 -29.57
N HIS F 180 -54.04 12.32 -29.76
CA HIS F 180 -53.79 13.74 -29.98
C HIS F 180 -53.36 14.33 -28.64
N ALA F 181 -52.05 14.52 -28.48
CA ALA F 181 -51.51 14.94 -27.18
C ALA F 181 -51.73 16.41 -26.89
N GLY F 182 -52.04 17.21 -27.91
CA GLY F 182 -52.21 18.64 -27.75
C GLY F 182 -51.65 19.38 -28.94
N PRO F 183 -51.34 20.68 -28.75
CA PRO F 183 -50.75 21.45 -29.85
C PRO F 183 -49.29 21.07 -30.12
N THR F 184 -48.65 21.75 -31.08
CA THR F 184 -47.28 21.46 -31.45
C THR F 184 -46.40 21.34 -30.21
N GLY F 185 -45.52 20.33 -30.23
CA GLY F 185 -44.67 20.02 -29.10
C GLY F 185 -45.22 18.99 -28.14
N SER F 186 -46.54 18.76 -28.15
CA SER F 186 -47.13 17.86 -27.17
C SER F 186 -46.77 16.40 -27.46
N GLY F 187 -46.60 16.03 -28.73
CA GLY F 187 -46.20 14.67 -29.03
C GLY F 187 -44.78 14.39 -28.56
N ALA F 188 -43.88 15.33 -28.79
CA ALA F 188 -42.50 15.17 -28.32
C ALA F 188 -42.47 15.00 -26.82
N ARG F 189 -43.27 15.78 -26.08
CA ARG F 189 -43.27 15.73 -24.62
C ARG F 189 -43.85 14.41 -24.13
N LEU F 190 -44.97 13.97 -24.71
CA LEU F 190 -45.60 12.73 -24.24
C LEU F 190 -44.71 11.53 -24.49
N LYS F 191 -44.00 11.52 -25.62
CA LYS F 191 -43.02 10.48 -25.92
C LYS F 191 -41.95 10.42 -24.84
N LEU F 192 -41.44 11.58 -24.42
CA LEU F 192 -40.42 11.56 -23.38
C LEU F 192 -40.96 10.99 -22.07
N VAL F 193 -42.21 11.33 -21.73
CA VAL F 193 -42.87 10.76 -20.54
C VAL F 193 -42.86 9.23 -20.62
N ILE F 194 -43.36 8.69 -21.73
CA ILE F 194 -43.51 7.24 -21.86
C ILE F 194 -42.14 6.57 -21.88
N ASN F 195 -41.15 7.17 -22.56
CA ASN F 195 -39.81 6.58 -22.59
C ASN F 195 -39.22 6.46 -21.19
N GLY F 196 -39.43 7.48 -20.36
CA GLY F 196 -38.89 7.45 -19.01
C GLY F 196 -39.47 6.33 -18.17
N ILE F 197 -40.77 6.11 -18.30
CA ILE F 197 -41.43 4.98 -17.64
C ILE F 197 -40.83 3.67 -18.10
N MET F 198 -40.59 3.54 -19.40
CA MET F 198 -40.08 2.27 -19.91
C MET F 198 -38.63 2.06 -19.46
N GLY F 199 -37.81 3.12 -19.52
CA GLY F 199 -36.42 2.98 -19.09
C GLY F 199 -36.28 2.64 -17.62
N ALA F 200 -36.93 3.44 -16.76
CA ALA F 200 -36.81 3.21 -15.33
C ALA F 200 -37.52 1.93 -14.90
N GLY F 201 -38.56 1.51 -15.62
CA GLY F 201 -39.16 0.22 -15.32
C GLY F 201 -38.16 -0.92 -15.49
N LEU F 202 -37.32 -0.82 -16.51
CA LEU F 202 -36.31 -1.85 -16.72
C LEU F 202 -35.22 -1.77 -15.66
N THR F 203 -34.71 -0.57 -15.35
CA THR F 203 -33.61 -0.54 -14.40
C THR F 203 -34.08 -0.98 -13.03
N THR F 204 -35.32 -0.62 -12.66
CA THR F 204 -35.90 -1.13 -11.43
C THR F 204 -35.92 -2.65 -11.40
N LEU F 205 -36.40 -3.26 -12.48
CA LEU F 205 -36.49 -4.72 -12.55
C LEU F 205 -35.11 -5.36 -12.47
N ALA F 206 -34.14 -4.82 -13.20
CA ALA F 206 -32.80 -5.38 -13.20
C ALA F 206 -32.18 -5.33 -11.80
N GLU F 207 -32.35 -4.21 -11.09
CA GLU F 207 -31.77 -4.13 -9.75
C GLU F 207 -32.47 -5.01 -8.76
N SER F 208 -33.80 -5.14 -8.86
CA SER F 208 -34.54 -5.98 -7.93
C SER F 208 -34.19 -7.45 -8.14
N VAL F 209 -34.11 -7.88 -9.40
CA VAL F 209 -33.67 -9.24 -9.71
C VAL F 209 -32.25 -9.47 -9.19
N ALA F 210 -31.37 -8.49 -9.37
CA ALA F 210 -30.00 -8.60 -8.87
C ALA F 210 -29.96 -8.82 -7.37
N TYR F 211 -30.74 -8.02 -6.60
CA TYR F 211 -30.81 -8.27 -5.16
C TYR F 211 -31.27 -9.71 -4.89
N GLY F 212 -32.35 -10.15 -5.53
CA GLY F 212 -32.86 -11.50 -5.27
C GLY F 212 -31.80 -12.57 -5.49
N LEU F 213 -31.06 -12.47 -6.60
CA LEU F 213 -30.03 -13.45 -6.86
C LEU F 213 -28.90 -13.37 -5.84
N SER F 214 -28.52 -12.14 -5.45
CA SER F 214 -27.48 -11.98 -4.44
C SER F 214 -27.88 -12.58 -3.11
N ALA F 215 -29.18 -12.60 -2.82
CA ALA F 215 -29.70 -13.10 -1.56
C ALA F 215 -29.94 -14.60 -1.60
N GLY F 216 -29.53 -15.25 -2.68
CA GLY F 216 -29.54 -16.70 -2.74
C GLY F 216 -30.75 -17.34 -3.38
N LEU F 217 -31.67 -16.56 -3.93
CA LEU F 217 -32.87 -17.12 -4.55
C LEU F 217 -32.51 -17.87 -5.83
N ASP F 218 -33.16 -19.01 -6.03
CA ASP F 218 -32.97 -19.76 -7.26
C ASP F 218 -33.38 -18.92 -8.46
N ARG F 219 -32.53 -18.91 -9.49
CA ARG F 219 -32.75 -18.02 -10.64
C ARG F 219 -34.05 -18.35 -11.37
N SER F 220 -34.26 -19.63 -11.71
CA SER F 220 -35.46 -19.99 -12.46
C SER F 220 -36.73 -19.69 -11.65
N MET F 221 -36.70 -20.03 -10.36
CA MET F 221 -37.81 -19.71 -9.48
C MET F 221 -38.10 -18.21 -9.50
N LEU F 222 -37.05 -17.40 -9.39
CA LEU F 222 -37.21 -15.95 -9.31
C LEU F 222 -37.80 -15.38 -10.59
N PHE F 223 -37.23 -15.73 -11.74
CA PHE F 223 -37.77 -15.22 -13.00
C PHE F 223 -39.22 -15.66 -13.20
N ASP F 224 -39.53 -16.92 -12.86
CA ASP F 224 -40.89 -17.41 -13.07
C ASP F 224 -41.89 -16.78 -12.09
N ALA F 225 -41.44 -16.52 -10.85
CA ALA F 225 -42.32 -15.92 -9.87
C ALA F 225 -42.69 -14.50 -10.29
N LEU F 226 -41.72 -13.75 -10.79
CA LEU F 226 -41.99 -12.37 -11.17
C LEU F 226 -42.94 -12.30 -12.36
N ASP F 227 -42.95 -13.32 -13.22
CA ASP F 227 -43.94 -13.33 -14.29
C ASP F 227 -45.37 -13.40 -13.77
N GLN F 228 -45.56 -13.75 -12.50
CA GLN F 228 -46.88 -13.99 -11.93
C GLN F 228 -47.39 -12.87 -11.04
N VAL F 229 -46.68 -11.74 -10.91
CA VAL F 229 -47.11 -10.66 -10.03
C VAL F 229 -47.61 -9.49 -10.87
N ALA F 230 -48.48 -8.67 -10.26
CA ALA F 230 -49.19 -7.64 -11.00
C ALA F 230 -48.46 -6.30 -11.02
N VAL F 231 -47.26 -6.22 -10.44
CA VAL F 231 -46.56 -4.93 -10.33
C VAL F 231 -45.52 -4.75 -11.42
N ILE F 232 -45.44 -5.67 -12.39
CA ILE F 232 -44.54 -5.55 -13.55
C ILE F 232 -45.41 -5.39 -14.79
N SER F 233 -44.98 -4.51 -15.70
CA SER F 233 -45.76 -4.24 -16.90
C SER F 233 -45.68 -5.42 -17.87
N PRO F 234 -46.67 -5.56 -18.77
CA PRO F 234 -46.54 -6.61 -19.79
C PRO F 234 -45.30 -6.47 -20.65
N HIS F 235 -44.92 -5.24 -21.00
CA HIS F 235 -43.68 -5.01 -21.73
C HIS F 235 -42.48 -5.57 -20.96
N HIS F 236 -42.38 -5.23 -19.68
CA HIS F 236 -41.20 -5.64 -18.95
C HIS F 236 -41.20 -7.12 -18.61
N LYS F 237 -42.39 -7.74 -18.52
CA LYS F 237 -42.44 -9.18 -18.34
C LYS F 237 -41.95 -9.90 -19.59
N ARG F 238 -42.20 -9.35 -20.78
CA ARG F 238 -41.61 -9.91 -21.99
C ARG F 238 -40.09 -9.79 -21.95
N LYS F 239 -39.58 -8.64 -21.50
CA LYS F 239 -38.14 -8.49 -21.39
C LYS F 239 -37.56 -9.49 -20.40
N LEU F 240 -38.26 -9.72 -19.28
CA LEU F 240 -37.75 -10.65 -18.27
C LEU F 240 -37.70 -12.07 -18.80
N LYS F 241 -38.68 -12.45 -19.60
CA LYS F 241 -38.69 -13.78 -20.17
C LYS F 241 -37.53 -13.95 -21.15
N ALA F 242 -37.28 -12.94 -21.99
CA ALA F 242 -36.14 -12.99 -22.90
C ALA F 242 -34.83 -13.02 -22.12
N ALA F 243 -34.72 -12.23 -21.05
CA ALA F 243 -33.51 -12.22 -20.24
C ALA F 243 -33.26 -13.57 -19.56
N LYS F 244 -34.33 -14.30 -19.24
CA LYS F 244 -34.13 -15.62 -18.64
C LYS F 244 -33.27 -16.49 -19.54
N ASP F 245 -33.43 -16.32 -20.85
CA ASP F 245 -32.69 -17.06 -21.87
C ASP F 245 -31.41 -16.35 -22.32
N GLY F 246 -31.07 -15.22 -21.70
CA GLY F 246 -29.94 -14.44 -22.17
C GLY F 246 -30.14 -13.79 -23.52
N ASN F 247 -31.37 -13.58 -23.92
CA ASN F 247 -31.69 -13.08 -25.25
C ASN F 247 -31.87 -11.57 -25.22
N PHE F 248 -30.89 -10.84 -25.76
CA PHE F 248 -30.96 -9.39 -25.87
C PHE F 248 -30.79 -8.91 -27.31
N ALA F 249 -31.21 -9.74 -28.27
CA ALA F 249 -31.40 -9.21 -29.61
C ALA F 249 -32.26 -7.95 -29.56
N PRO F 250 -31.91 -6.91 -30.30
CA PRO F 250 -32.50 -5.59 -30.06
C PRO F 250 -33.93 -5.47 -30.57
N GLN F 251 -34.83 -5.09 -29.67
CA GLN F 251 -36.07 -4.45 -30.07
C GLN F 251 -35.95 -2.94 -29.95
N PHE F 252 -35.41 -2.48 -28.83
CA PHE F 252 -35.06 -1.08 -28.64
C PHE F 252 -33.63 -1.02 -28.11
N PRO F 253 -32.67 -0.65 -28.96
CA PRO F 253 -31.25 -0.76 -28.56
C PRO F 253 -30.90 0.19 -27.43
N ALA F 254 -29.95 -0.25 -26.61
CA ALA F 254 -29.48 0.53 -25.48
C ALA F 254 -29.07 1.95 -25.89
N ARG F 255 -28.39 2.10 -27.03
CA ARG F 255 -27.92 3.44 -27.40
C ARG F 255 -29.07 4.39 -27.66
N LEU F 256 -30.20 3.89 -28.18
CA LEU F 256 -31.34 4.77 -28.43
C LEU F 256 -32.16 5.00 -27.17
N MET F 257 -32.35 3.96 -26.34
CA MET F 257 -33.06 4.17 -25.08
C MET F 257 -32.31 5.18 -24.23
N GLN F 258 -30.99 5.04 -24.17
CA GLN F 258 -30.21 5.94 -23.32
C GLN F 258 -30.24 7.36 -23.85
N LYS F 259 -30.24 7.52 -25.19
CA LYS F 259 -30.36 8.86 -25.76
C LYS F 259 -31.70 9.48 -25.39
N ASP F 260 -32.77 8.68 -25.43
CA ASP F 260 -34.09 9.21 -25.08
C ASP F 260 -34.16 9.59 -23.61
N MET F 261 -33.47 8.83 -22.75
CA MET F 261 -33.36 9.18 -21.35
C MET F 261 -32.62 10.50 -21.18
N ARG F 262 -31.52 10.68 -21.91
CA ARG F 262 -30.79 11.95 -21.87
C ARG F 262 -31.71 13.10 -22.23
N LEU F 263 -32.52 12.94 -23.30
CA LEU F 263 -33.43 14.00 -23.72
C LEU F 263 -34.45 14.31 -22.62
N LEU F 264 -34.99 13.26 -21.99
CA LEU F 264 -35.96 13.48 -20.92
C LEU F 264 -35.33 14.21 -19.75
N LEU F 265 -34.11 13.82 -19.37
CA LEU F 265 -33.48 14.48 -18.23
C LEU F 265 -33.12 15.92 -18.53
N ASP F 266 -32.73 16.22 -19.77
CA ASP F 266 -32.50 17.62 -20.12
C ASP F 266 -33.79 18.41 -20.03
N ALA F 267 -34.89 17.85 -20.55
CA ALA F 267 -36.17 18.57 -20.51
C ALA F 267 -36.64 18.76 -19.07
N ALA F 268 -36.49 17.73 -18.23
CA ALA F 268 -36.92 17.86 -16.85
C ALA F 268 -36.09 18.90 -16.11
N ALA F 269 -34.82 19.01 -16.46
CA ALA F 269 -33.99 20.04 -15.84
C ALA F 269 -34.40 21.42 -16.34
N ARG F 270 -34.67 21.56 -17.64
CA ARG F 270 -35.13 22.85 -18.13
C ARG F 270 -36.41 23.29 -17.43
N GLU F 271 -37.29 22.34 -17.11
CA GLU F 271 -38.54 22.65 -16.41
C GLU F 271 -38.37 22.71 -14.89
N ALA F 272 -37.17 22.43 -14.37
CA ALA F 272 -36.90 22.45 -12.93
C ALA F 272 -37.83 21.51 -12.18
N VAL F 273 -37.97 20.29 -12.69
CA VAL F 273 -38.76 19.24 -12.04
C VAL F 273 -37.80 18.19 -11.52
N PRO F 274 -37.74 17.95 -10.21
CA PRO F 274 -36.83 16.91 -9.70
C PRO F 274 -37.37 15.52 -10.04
N VAL F 275 -36.54 14.73 -10.71
CA VAL F 275 -36.94 13.38 -11.15
C VAL F 275 -35.83 12.40 -10.74
N PRO F 276 -35.62 12.20 -9.43
CA PRO F 276 -34.50 11.34 -8.99
C PRO F 276 -34.55 9.89 -9.50
N THR F 277 -35.73 9.25 -9.56
CA THR F 277 -35.76 7.86 -10.02
C THR F 277 -35.37 7.79 -11.50
N LEU F 278 -35.91 8.70 -12.31
CA LEU F 278 -35.56 8.75 -13.73
C LEU F 278 -34.09 9.07 -13.93
N ALA F 279 -33.53 9.96 -13.10
CA ALA F 279 -32.12 10.32 -13.22
C ALA F 279 -31.22 9.14 -12.88
N ALA F 280 -31.57 8.37 -11.83
CA ALA F 280 -30.81 7.16 -11.50
C ALA F 280 -30.90 6.13 -12.60
N ALA F 281 -32.11 5.93 -13.15
CA ALA F 281 -32.28 4.99 -14.26
C ALA F 281 -31.42 5.37 -15.46
N THR F 282 -31.35 6.68 -15.76
CA THR F 282 -30.50 7.14 -16.87
C THR F 282 -29.05 6.71 -16.68
N GLN F 283 -28.54 6.83 -15.46
CA GLN F 283 -27.13 6.47 -15.25
C GLN F 283 -26.91 4.98 -15.45
N GLN F 284 -27.88 4.17 -15.02
CA GLN F 284 -27.77 2.75 -15.26
C GLN F 284 -27.84 2.44 -16.75
N LEU F 285 -28.62 3.22 -17.51
CA LEU F 285 -28.67 3.00 -18.94
C LEU F 285 -27.44 3.55 -19.66
N SER F 286 -26.73 4.52 -19.08
CA SER F 286 -25.42 4.89 -19.60
C SER F 286 -24.43 3.73 -19.48
N LEU F 287 -24.41 3.06 -18.34
CA LEU F 287 -23.56 1.88 -18.20
C LEU F 287 -23.97 0.81 -19.21
N THR F 288 -25.28 0.60 -19.37
CA THR F 288 -25.78 -0.41 -20.31
C THR F 288 -25.32 -0.11 -21.73
N ARG F 289 -25.47 1.14 -22.16
CA ARG F 289 -25.04 1.54 -23.51
C ARG F 289 -23.52 1.38 -23.67
N ARG F 290 -22.76 1.78 -22.66
CA ARG F 290 -21.31 1.65 -22.75
C ARG F 290 -20.90 0.21 -22.96
N LEU F 291 -21.54 -0.72 -22.24
CA LEU F 291 -21.13 -2.12 -22.32
C LEU F 291 -21.63 -2.81 -23.58
N SER F 292 -22.81 -2.43 -24.07
CA SER F 292 -23.32 -2.99 -25.31
C SER F 292 -24.29 -1.99 -25.95
N PRO F 293 -23.82 -1.16 -26.87
CA PRO F 293 -24.71 -0.12 -27.41
C PRO F 293 -25.84 -0.66 -28.24
N ASN F 294 -25.65 -1.82 -28.88
CA ASN F 294 -26.57 -2.23 -29.90
C ASN F 294 -27.53 -3.32 -29.48
N GLU F 295 -27.25 -4.05 -28.39
CA GLU F 295 -28.24 -5.01 -27.93
C GLU F 295 -29.41 -4.28 -27.28
N ASP F 296 -30.50 -5.03 -27.08
CA ASP F 296 -31.67 -4.46 -26.42
C ASP F 296 -31.28 -3.77 -25.11
N TYR F 297 -32.00 -2.69 -24.81
CA TYR F 297 -31.74 -1.95 -23.58
C TYR F 297 -31.96 -2.80 -22.34
N SER F 298 -32.71 -3.89 -22.44
CA SER F 298 -32.89 -4.78 -21.31
C SER F 298 -31.64 -5.57 -20.94
N SER F 299 -30.53 -5.47 -21.69
CA SER F 299 -29.29 -6.16 -21.33
C SER F 299 -28.77 -5.75 -19.97
N LEU F 300 -29.28 -4.66 -19.39
CA LEU F 300 -28.87 -4.33 -18.03
C LEU F 300 -29.16 -5.47 -17.07
N ILE F 301 -30.18 -6.29 -17.36
CA ILE F 301 -30.44 -7.44 -16.49
C ILE F 301 -29.22 -8.34 -16.47
N ARG F 302 -28.63 -8.61 -17.65
CA ARG F 302 -27.41 -9.40 -17.75
C ARG F 302 -26.23 -8.71 -17.05
N VAL F 303 -26.09 -7.40 -17.26
CA VAL F 303 -25.02 -6.64 -16.59
C VAL F 303 -25.09 -6.83 -15.08
N MET F 304 -26.28 -6.63 -14.53
CA MET F 304 -26.48 -6.78 -13.09
C MET F 304 -26.22 -8.22 -12.62
N GLU F 305 -26.69 -9.20 -13.39
CA GLU F 305 -26.43 -10.60 -13.02
C GLU F 305 -24.93 -10.85 -12.92
N LYS F 306 -24.17 -10.28 -13.85
CA LYS F 306 -22.73 -10.53 -13.84
C LYS F 306 -22.05 -9.80 -12.69
N ILE F 307 -22.52 -8.60 -12.32
CA ILE F 307 -21.99 -7.93 -11.14
C ILE F 307 -22.19 -8.81 -9.91
N VAL F 308 -23.39 -9.36 -9.74
CA VAL F 308 -23.68 -10.15 -8.56
C VAL F 308 -22.92 -11.47 -8.58
N ALA F 309 -22.71 -12.05 -9.77
CA ALA F 309 -21.98 -13.30 -9.88
C ALA F 309 -20.47 -13.09 -9.79
N ASN F 310 -20.02 -11.84 -9.76
CA ASN F 310 -18.61 -11.50 -9.87
C ASN F 310 -18.03 -12.08 -11.17
N ASP F 311 -18.80 -11.92 -12.25
CA ASP F 311 -18.60 -12.61 -13.52
C ASP F 311 -18.69 -14.13 -13.36
N ILE G 19 -12.94 11.95 37.98
CA ILE G 19 -12.25 12.20 36.71
C ILE G 19 -11.29 11.05 36.42
N LEU G 20 -11.35 10.56 35.18
CA LEU G 20 -10.63 9.35 34.81
C LEU G 20 -9.18 9.67 34.43
N SER G 21 -8.51 10.45 35.26
CA SER G 21 -7.08 10.68 35.13
C SER G 21 -6.32 9.36 35.32
N PRO G 22 -5.07 9.28 34.86
CA PRO G 22 -4.32 8.03 35.10
C PRO G 22 -4.06 7.74 36.57
N GLU G 23 -4.10 8.73 37.45
CA GLU G 23 -3.98 8.42 38.87
C GLU G 23 -5.27 7.79 39.39
N ASN G 24 -6.41 8.43 39.14
CA ASN G 24 -7.67 7.91 39.69
C ASN G 24 -8.15 6.67 38.96
N ALA G 25 -7.81 6.53 37.68
CA ALA G 25 -8.22 5.37 36.89
C ALA G 25 -7.13 5.04 35.89
N PRO G 26 -6.04 4.40 36.34
CA PRO G 26 -4.92 4.12 35.43
C PRO G 26 -5.24 3.07 34.40
N ARG G 27 -6.21 2.20 34.67
CA ARG G 27 -6.37 0.94 33.95
C ARG G 27 -7.43 1.15 32.87
N ILE G 28 -7.00 1.20 31.61
CA ILE G 28 -7.90 1.30 30.47
C ILE G 28 -7.85 -0.02 29.70
N GLY G 29 -8.97 -0.74 29.70
CA GLY G 29 -9.11 -1.94 28.92
C GLY G 29 -9.83 -1.65 27.61
N PHE G 30 -9.30 -2.20 26.52
CA PHE G 30 -9.91 -2.07 25.21
C PHE G 30 -10.68 -3.34 24.84
N ILE G 31 -11.87 -3.16 24.26
CA ILE G 31 -12.58 -4.23 23.59
C ILE G 31 -12.42 -3.99 22.09
N GLY G 32 -11.63 -4.85 21.42
CA GLY G 32 -11.26 -4.61 20.05
C GLY G 32 -10.01 -3.77 19.96
N PHE G 33 -9.06 -4.18 19.13
CA PHE G 33 -7.77 -3.48 19.11
C PHE G 33 -7.21 -3.51 17.68
N GLY G 34 -7.88 -2.80 16.80
CA GLY G 34 -7.49 -2.73 15.40
C GLY G 34 -6.56 -1.57 15.10
N ALA G 35 -6.57 -1.16 13.82
CA ALA G 35 -5.64 -0.12 13.37
C ALA G 35 -5.85 1.18 14.13
N MET G 36 -7.11 1.51 14.44
CA MET G 36 -7.39 2.75 15.17
C MET G 36 -7.17 2.59 16.67
N ALA G 37 -7.64 1.47 17.23
CA ALA G 37 -7.58 1.28 18.68
C ALA G 37 -6.14 1.20 19.18
N SER G 38 -5.29 0.46 18.48
CA SER G 38 -3.89 0.36 18.88
C SER G 38 -3.23 1.73 18.94
N ARG G 39 -3.52 2.59 17.95
CA ARG G 39 -2.93 3.92 17.94
C ARG G 39 -3.46 4.75 19.11
N MET G 40 -4.74 4.64 19.43
CA MET G 40 -5.30 5.31 20.60
C MET G 40 -4.59 4.87 21.88
N GLY G 41 -4.43 3.55 22.05
CA GLY G 41 -3.78 3.03 23.23
C GLY G 41 -2.34 3.48 23.39
N ASP G 42 -1.63 3.66 22.27
CA ASP G 42 -0.26 4.14 22.33
C ASP G 42 -0.19 5.56 22.88
N HIS G 43 -1.14 6.42 22.49
CA HIS G 43 -1.19 7.76 23.06
C HIS G 43 -1.64 7.74 24.51
N LEU G 44 -2.52 6.79 24.87
CA LEU G 44 -2.90 6.66 26.27
C LEU G 44 -1.77 6.08 27.10
N LYS G 45 -0.93 5.24 26.50
CA LYS G 45 0.31 4.81 27.15
C LYS G 45 1.20 6.01 27.47
N THR G 46 1.51 6.80 26.45
CA THR G 46 2.30 8.01 26.64
C THR G 46 1.69 8.91 27.71
N ALA G 47 0.35 9.01 27.74
CA ALA G 47 -0.33 9.82 28.74
C ALA G 47 -0.22 9.23 30.13
N GLY G 48 0.07 7.94 30.26
CA GLY G 48 0.33 7.35 31.56
C GLY G 48 -0.62 6.25 31.98
N TYR G 49 -1.45 5.77 31.06
CA TYR G 49 -2.44 4.75 31.39
C TYR G 49 -1.85 3.35 31.19
N THR G 50 -2.50 2.37 31.81
CA THR G 50 -2.13 0.97 31.70
C THR G 50 -3.14 0.27 30.80
N ILE G 51 -2.69 -0.16 29.62
CA ILE G 51 -3.57 -0.66 28.57
C ILE G 51 -3.57 -2.17 28.56
N SER G 52 -4.77 -2.75 28.52
CA SER G 52 -5.03 -4.15 28.19
C SER G 52 -5.99 -4.19 27.02
N ALA G 53 -6.25 -5.39 26.49
CA ALA G 53 -7.15 -5.50 25.36
C ALA G 53 -7.69 -6.92 25.25
N TYR G 54 -8.89 -7.02 24.68
CA TYR G 54 -9.44 -8.27 24.18
C TYR G 54 -9.76 -8.08 22.72
N THR G 55 -9.55 -9.12 21.91
CA THR G 55 -9.97 -9.10 20.51
C THR G 55 -10.63 -10.41 20.10
N PRO G 66 -0.95 -6.51 26.60
CA PRO G 66 -1.50 -7.69 27.29
C PRO G 66 -2.91 -8.03 26.84
N MET G 67 -3.10 -9.25 26.36
CA MET G 67 -4.41 -9.72 25.94
C MET G 67 -5.15 -10.40 27.10
N LEU G 68 -6.43 -10.64 26.90
CA LEU G 68 -7.29 -11.30 27.87
C LEU G 68 -8.27 -12.20 27.16
N PRO G 69 -8.72 -13.28 27.81
CA PRO G 69 -9.47 -14.31 27.07
C PRO G 69 -10.86 -13.90 26.63
N THR G 70 -11.58 -13.11 27.44
CA THR G 70 -12.97 -12.77 27.15
C THR G 70 -13.18 -11.29 27.44
N PRO G 71 -14.27 -10.70 26.92
CA PRO G 71 -14.63 -9.34 27.35
C PRO G 71 -14.87 -9.24 28.84
N LEU G 72 -15.51 -10.26 29.43
CA LEU G 72 -15.72 -10.31 30.87
C LEU G 72 -14.41 -10.13 31.64
N ALA G 73 -13.38 -10.91 31.28
CA ALA G 73 -12.09 -10.80 31.96
C ALA G 73 -11.47 -9.43 31.72
N LEU G 74 -11.65 -8.86 30.53
CA LEU G 74 -11.06 -7.56 30.21
C LEU G 74 -11.57 -6.50 31.17
N ALA G 75 -12.89 -6.44 31.36
CA ALA G 75 -13.49 -5.37 32.16
C ALA G 75 -13.14 -5.52 33.64
N LYS G 76 -13.13 -6.76 34.15
CA LYS G 76 -12.92 -6.97 35.58
C LYS G 76 -11.56 -6.46 36.04
N GLN G 77 -10.57 -6.46 35.16
CA GLN G 77 -9.25 -5.92 35.46
C GLN G 77 -9.02 -4.58 34.76
N ALA G 78 -10.06 -3.74 34.72
CA ALA G 78 -9.92 -2.42 34.11
C ALA G 78 -10.77 -1.43 34.88
N ASP G 79 -10.29 -0.18 34.94
CA ASP G 79 -11.05 0.90 35.55
C ASP G 79 -11.98 1.58 34.55
N THR G 80 -11.60 1.60 33.27
CA THR G 80 -12.40 2.17 32.21
C THR G 80 -12.32 1.26 30.99
N VAL G 81 -13.46 1.00 30.36
CA VAL G 81 -13.52 0.16 29.16
C VAL G 81 -13.72 1.07 27.95
N VAL G 82 -12.89 0.87 26.93
CA VAL G 82 -13.00 1.57 25.65
C VAL G 82 -13.31 0.55 24.58
N VAL G 83 -14.38 0.78 23.81
CA VAL G 83 -14.85 -0.18 22.81
C VAL G 83 -14.56 0.37 21.42
N CYS G 84 -14.00 -0.49 20.55
CA CYS G 84 -13.71 -0.16 19.15
C CYS G 84 -13.92 -1.42 18.32
N VAL G 85 -15.17 -1.65 17.93
CA VAL G 85 -15.57 -2.84 17.19
C VAL G 85 -16.26 -2.36 15.91
N PRO G 86 -16.38 -3.22 14.88
CA PRO G 86 -16.80 -2.74 13.57
C PRO G 86 -18.29 -2.44 13.40
N ASP G 87 -19.21 -3.21 14.00
CA ASP G 87 -20.63 -3.03 13.69
C ASP G 87 -21.48 -3.36 14.92
N ASP G 88 -22.81 -3.22 14.74
CA ASP G 88 -23.77 -3.53 15.81
C ASP G 88 -23.59 -4.94 16.32
N GLU G 89 -23.43 -5.90 15.39
CA GLU G 89 -23.37 -7.30 15.76
C GLU G 89 -22.14 -7.59 16.62
N ALA G 90 -21.00 -7.02 16.26
CA ALA G 90 -19.78 -7.19 17.06
C ALA G 90 -19.92 -6.52 18.41
N LEU G 91 -20.60 -5.36 18.46
CA LEU G 91 -20.83 -4.70 19.74
C LEU G 91 -21.67 -5.58 20.67
N ALA G 92 -22.75 -6.15 20.13
CA ALA G 92 -23.62 -7.00 20.95
C ALA G 92 -22.90 -8.26 21.42
N ALA G 93 -21.99 -8.79 20.60
CA ALA G 93 -21.30 -10.02 20.97
C ALA G 93 -20.35 -9.81 22.13
N SER G 94 -19.81 -8.60 22.28
CA SER G 94 -18.80 -8.34 23.28
C SER G 94 -19.34 -7.66 24.53
N MET G 95 -20.52 -7.04 24.48
CA MET G 95 -21.05 -6.36 25.67
C MET G 95 -22.05 -7.17 26.46
N TYR G 96 -22.85 -8.01 25.81
CA TYR G 96 -23.95 -8.67 26.50
C TYR G 96 -23.63 -10.13 26.80
N GLY G 97 -24.41 -10.70 27.72
CA GLY G 97 -24.18 -12.06 28.18
C GLY G 97 -23.20 -12.12 29.33
N GLU G 98 -23.17 -13.29 29.98
CA GLU G 98 -22.32 -13.45 31.16
C GLU G 98 -20.84 -13.30 30.81
N ASN G 99 -20.46 -13.50 29.55
CA ASN G 99 -19.10 -13.29 29.10
C ASN G 99 -18.84 -11.88 28.59
N GLY G 100 -19.87 -11.04 28.53
CA GLY G 100 -19.75 -9.70 27.98
C GLY G 100 -19.03 -8.75 28.92
N ALA G 101 -18.74 -7.56 28.39
CA ALA G 101 -17.99 -6.58 29.16
C ALA G 101 -18.81 -5.98 30.28
N LEU G 102 -20.12 -5.79 30.07
CA LEU G 102 -20.96 -5.18 31.10
C LEU G 102 -20.98 -6.03 32.36
N ALA G 103 -20.92 -7.36 32.23
CA ALA G 103 -20.96 -8.23 33.40
C ALA G 103 -19.69 -8.15 34.23
N GLY G 104 -18.57 -7.77 33.62
CA GLY G 104 -17.34 -7.61 34.36
C GLY G 104 -17.11 -6.22 34.88
N MET G 105 -18.08 -5.33 34.70
CA MET G 105 -17.96 -3.94 35.06
C MET G 105 -18.74 -3.68 36.35
N THR G 106 -18.26 -2.73 37.14
CA THR G 106 -18.88 -2.42 38.43
C THR G 106 -19.50 -1.03 38.40
N LYS G 107 -20.52 -0.85 39.24
CA LYS G 107 -21.31 0.37 39.27
C LYS G 107 -20.42 1.60 39.50
N GLY G 108 -20.76 2.69 38.82
CA GLY G 108 -20.01 3.92 38.91
C GLY G 108 -18.91 4.07 37.89
N SER G 109 -18.56 3.00 37.16
CA SER G 109 -17.54 3.09 36.13
C SER G 109 -18.14 3.61 34.84
N LEU G 110 -17.30 3.79 33.83
CA LEU G 110 -17.74 4.44 32.62
C LEU G 110 -17.17 3.69 31.43
N LEU G 111 -18.01 3.47 30.42
CA LEU G 111 -17.62 2.77 29.19
C LEU G 111 -17.69 3.75 28.04
N ILE G 112 -16.59 3.86 27.29
CA ILE G 112 -16.46 4.77 26.15
C ILE G 112 -16.55 3.91 24.89
N ASN G 113 -17.60 4.09 24.10
CA ASN G 113 -17.77 3.36 22.85
C ASN G 113 -17.34 4.27 21.70
N THR G 114 -16.22 3.93 21.05
CA THR G 114 -15.75 4.70 19.91
C THR G 114 -16.19 4.09 18.59
N SER G 115 -16.97 3.01 18.63
CA SER G 115 -17.37 2.29 17.43
C SER G 115 -18.39 3.07 16.63
N SER G 116 -18.40 2.87 15.31
CA SER G 116 -19.41 3.43 14.42
C SER G 116 -20.56 2.43 14.30
N VAL G 117 -21.62 2.64 15.09
CA VAL G 117 -22.75 1.71 15.17
C VAL G 117 -24.04 2.52 15.02
N SER G 118 -25.16 1.79 14.94
CA SER G 118 -26.44 2.44 14.66
C SER G 118 -26.97 3.18 15.88
N PRO G 119 -27.85 4.15 15.67
CA PRO G 119 -28.53 4.78 16.81
C PRO G 119 -29.27 3.79 17.68
N GLU G 120 -29.86 2.74 17.07
CA GLU G 120 -30.60 1.75 17.83
C GLU G 120 -29.66 0.95 18.73
N ALA G 121 -28.50 0.54 18.20
CA ALA G 121 -27.52 -0.17 19.01
C ALA G 121 -26.98 0.72 20.13
N THR G 122 -26.84 2.02 19.84
CA THR G 122 -26.37 2.96 20.85
C THR G 122 -27.37 3.08 22.00
N ALA G 123 -28.66 3.17 21.68
CA ALA G 123 -29.67 3.31 22.73
C ALA G 123 -29.76 2.03 23.55
N THR G 124 -29.68 0.87 22.90
CA THR G 124 -29.72 -0.42 23.59
C THR G 124 -28.58 -0.53 24.58
N LEU G 125 -27.37 -0.15 24.17
CA LEU G 125 -26.21 -0.25 25.07
C LEU G 125 -26.31 0.74 26.21
N TYR G 126 -26.76 1.97 25.93
CA TYR G 126 -26.91 2.96 26.99
C TYR G 126 -27.86 2.46 28.07
N GLU G 127 -29.01 1.95 27.66
CA GLU G 127 -29.99 1.43 28.61
C GLU G 127 -29.42 0.25 29.40
N ALA G 128 -28.64 -0.60 28.73
CA ALA G 128 -28.08 -1.76 29.41
C ALA G 128 -27.02 -1.34 30.42
N GLY G 129 -26.20 -0.35 30.06
CA GLY G 129 -25.26 0.20 31.03
C GLY G 129 -25.98 0.73 32.27
N GLN G 130 -27.07 1.47 32.07
CA GLN G 130 -27.84 2.01 33.18
C GLN G 130 -28.25 0.93 34.18
N LYS G 131 -28.70 -0.23 33.67
CA LYS G 131 -29.07 -1.32 34.59
C LYS G 131 -27.88 -1.81 35.39
N HIS G 132 -26.67 -1.70 34.85
CA HIS G 132 -25.44 -2.07 35.56
C HIS G 132 -24.86 -0.90 36.36
N GLY G 133 -25.50 0.26 36.37
CA GLY G 133 -24.90 1.42 36.97
C GLY G 133 -23.66 1.91 36.25
N VAL G 134 -23.55 1.62 34.96
CA VAL G 134 -22.41 2.04 34.14
C VAL G 134 -22.90 3.08 33.15
N VAL G 135 -22.20 4.21 33.08
CA VAL G 135 -22.53 5.27 32.12
C VAL G 135 -21.82 4.95 30.81
N VAL G 136 -22.57 4.88 29.72
CA VAL G 136 -22.02 4.61 28.39
C VAL G 136 -21.98 5.92 27.61
N LEU G 137 -20.77 6.38 27.27
CA LEU G 137 -20.58 7.50 26.36
C LEU G 137 -20.48 6.99 24.94
N ASP G 138 -21.29 7.53 24.03
CA ASP G 138 -21.12 7.20 22.62
C ASP G 138 -20.17 8.25 22.05
N ALA G 139 -18.92 7.86 21.79
CA ALA G 139 -17.87 8.79 21.40
C ALA G 139 -17.11 8.30 20.17
N PRO G 140 -17.79 8.08 19.06
CA PRO G 140 -17.06 7.86 17.80
C PRO G 140 -16.17 9.04 17.46
N VAL G 141 -15.26 8.82 16.52
CA VAL G 141 -14.23 9.81 16.20
C VAL G 141 -14.27 10.15 14.72
N SER G 142 -13.91 11.40 14.41
CA SER G 142 -13.67 11.83 13.03
C SER G 142 -12.18 11.87 12.78
N GLY G 143 -11.72 11.18 11.74
CA GLY G 143 -10.31 11.02 11.46
C GLY G 143 -9.96 9.56 11.21
N SER G 144 -8.88 9.36 10.46
CA SER G 144 -8.41 8.04 10.06
C SER G 144 -7.10 7.72 10.76
N THR G 145 -6.38 6.71 10.26
CA THR G 145 -5.13 6.31 10.89
C THR G 145 -4.07 7.41 10.93
N PRO G 146 -3.88 8.25 9.89
CA PRO G 146 -2.93 9.37 10.06
C PRO G 146 -3.30 10.30 11.20
N GLU G 147 -4.59 10.52 11.42
CA GLU G 147 -5.03 11.37 12.53
C GLU G 147 -4.90 10.66 13.87
N ALA G 148 -5.14 9.35 13.91
CA ALA G 148 -4.92 8.61 15.15
C ALA G 148 -3.43 8.52 15.48
N ASP G 149 -2.60 8.37 14.45
CA ASP G 149 -1.16 8.36 14.65
C ASP G 149 -0.70 9.64 15.35
N SER G 150 -1.21 10.79 14.92
CA SER G 150 -0.79 12.09 15.44
C SER G 150 -1.73 12.64 16.51
N ALA G 151 -2.66 11.85 17.01
CA ALA G 151 -3.63 12.27 18.03
C ALA G 151 -4.35 13.55 17.62
N SER G 152 -4.73 13.62 16.35
CA SER G 152 -5.50 14.74 15.81
C SER G 152 -6.94 14.33 15.49
N LEU G 153 -7.42 13.25 16.12
CA LEU G 153 -8.82 12.87 16.01
C LEU G 153 -9.72 13.96 16.58
N VAL G 154 -10.95 14.01 16.08
CA VAL G 154 -11.99 14.83 16.68
C VAL G 154 -13.00 13.87 17.31
N ILE G 155 -13.21 14.01 18.63
CA ILE G 155 -14.12 13.13 19.36
C ILE G 155 -15.53 13.70 19.27
N LEU G 156 -16.50 12.84 18.95
CA LEU G 156 -17.91 13.20 18.77
C LEU G 156 -18.68 12.48 19.86
N VAL G 157 -19.01 13.16 20.96
CA VAL G 157 -19.43 12.45 22.17
C VAL G 157 -20.83 12.87 22.59
N GLY G 158 -21.65 11.86 22.86
CA GLY G 158 -22.98 12.06 23.43
C GLY G 158 -22.98 11.61 24.89
N GLY G 159 -23.55 12.43 25.74
CA GLY G 159 -23.68 12.08 27.13
C GLY G 159 -23.94 13.31 27.97
N ASP G 160 -23.96 13.09 29.29
CA ASP G 160 -24.10 14.21 30.21
C ASP G 160 -22.78 14.97 30.31
N LYS G 161 -22.90 16.29 30.45
CA LYS G 161 -21.74 17.18 30.55
C LYS G 161 -20.73 16.69 31.59
N ASP G 162 -21.22 16.23 32.75
CA ASP G 162 -20.31 15.78 33.80
C ASP G 162 -19.60 14.49 33.41
N ASP G 163 -20.33 13.55 32.80
CA ASP G 163 -19.71 12.31 32.37
C ASP G 163 -18.69 12.56 31.28
N VAL G 164 -18.96 13.52 30.39
CA VAL G 164 -17.98 13.91 29.39
C VAL G 164 -16.73 14.49 30.05
N ALA G 165 -16.93 15.36 31.06
CA ALA G 165 -15.79 15.92 31.78
C ALA G 165 -14.95 14.82 32.44
N ARG G 166 -15.60 13.77 32.94
CA ARG G 166 -14.88 12.65 33.53
C ARG G 166 -13.87 12.06 32.56
N ALA G 167 -14.25 11.93 31.29
CA ALA G 167 -13.43 11.28 30.29
C ALA G 167 -12.45 12.21 29.59
N ALA G 168 -12.47 13.51 29.93
CA ALA G 168 -11.66 14.50 29.20
C ALA G 168 -10.18 14.17 29.07
N PRO G 169 -9.47 13.68 30.10
CA PRO G 169 -8.06 13.32 29.88
C PRO G 169 -7.88 12.24 28.84
N ILE G 170 -8.82 11.31 28.73
CA ILE G 170 -8.72 10.24 27.74
C ILE G 170 -8.94 10.82 26.34
N PHE G 171 -9.98 11.64 26.18
CA PHE G 171 -10.25 12.26 24.89
C PHE G 171 -9.11 13.19 24.49
N ASP G 172 -8.52 13.91 25.45
CA ASP G 172 -7.42 14.81 25.14
C ASP G 172 -6.17 14.06 24.71
N ALA G 173 -5.96 12.85 25.22
CA ALA G 173 -4.77 12.08 24.86
C ALA G 173 -4.83 11.60 23.42
N ILE G 174 -6.03 11.23 22.94
CA ILE G 174 -6.14 10.58 21.63
C ILE G 174 -6.56 11.54 20.51
N GLY G 175 -7.02 12.75 20.84
CA GLY G 175 -7.53 13.65 19.83
C GLY G 175 -7.10 15.09 20.07
N LYS G 176 -7.48 15.94 19.13
CA LYS G 176 -7.16 17.35 19.16
C LYS G 176 -8.35 18.24 19.56
N LEU G 177 -9.56 17.69 19.57
CA LEU G 177 -10.76 18.46 19.84
C LEU G 177 -11.87 17.50 20.25
N THR G 178 -12.60 17.87 21.29
CA THR G 178 -13.73 17.08 21.76
C THR G 178 -15.00 17.88 21.53
N ILE G 179 -15.86 17.40 20.65
CA ILE G 179 -17.13 18.04 20.39
C ILE G 179 -18.18 17.34 21.22
N HIS G 180 -18.77 18.07 22.17
CA HIS G 180 -19.89 17.54 22.93
C HIS G 180 -21.14 17.76 22.09
N ALA G 181 -21.66 16.66 21.53
CA ALA G 181 -22.71 16.75 20.52
C ALA G 181 -24.10 16.81 21.11
N GLY G 182 -24.26 16.50 22.40
CA GLY G 182 -25.55 16.49 23.03
C GLY G 182 -25.63 15.33 23.98
N PRO G 183 -26.84 14.93 24.37
CA PRO G 183 -26.98 13.77 25.27
C PRO G 183 -26.72 12.44 24.57
N THR G 184 -26.90 11.32 25.29
CA THR G 184 -26.64 10.01 24.73
C THR G 184 -27.31 9.84 23.37
N GLY G 185 -26.57 9.22 22.44
CA GLY G 185 -26.98 9.06 21.06
C GLY G 185 -26.51 10.15 20.12
N SER G 186 -26.08 11.29 20.66
CA SER G 186 -25.74 12.43 19.80
C SER G 186 -24.41 12.22 19.10
N GLY G 187 -23.46 11.54 19.76
CA GLY G 187 -22.20 11.26 19.11
C GLY G 187 -22.39 10.31 17.93
N ALA G 188 -23.15 9.24 18.15
CA ALA G 188 -23.45 8.30 17.09
C ALA G 188 -24.08 9.01 15.90
N ARG G 189 -24.99 9.94 16.16
CA ARG G 189 -25.66 10.64 15.07
C ARG G 189 -24.73 11.58 14.34
N LEU G 190 -23.91 12.33 15.06
CA LEU G 190 -22.96 13.25 14.43
C LEU G 190 -21.94 12.49 13.58
N LYS G 191 -21.54 11.30 14.02
CA LYS G 191 -20.64 10.46 13.22
C LYS G 191 -21.31 10.06 11.92
N LEU G 192 -22.59 9.71 11.95
CA LEU G 192 -23.30 9.34 10.72
C LEU G 192 -23.31 10.51 9.73
N VAL G 193 -23.53 11.71 10.25
CA VAL G 193 -23.51 12.93 9.42
C VAL G 193 -22.17 13.06 8.71
N ILE G 194 -21.07 13.00 9.47
CA ILE G 194 -19.75 13.20 8.89
C ILE G 194 -19.38 12.08 7.93
N ASN G 195 -19.80 10.84 8.24
CA ASN G 195 -19.53 9.74 7.30
C ASN G 195 -20.19 9.97 5.96
N GLY G 196 -21.43 10.46 5.97
CA GLY G 196 -22.12 10.74 4.72
C GLY G 196 -21.37 11.76 3.88
N ILE G 197 -20.90 12.82 4.52
CA ILE G 197 -20.13 13.84 3.80
C ILE G 197 -18.87 13.23 3.19
N MET G 198 -18.16 12.41 3.97
CA MET G 198 -16.94 11.78 3.50
C MET G 198 -17.22 10.87 2.31
N GLY G 199 -18.20 9.98 2.46
CA GLY G 199 -18.46 8.99 1.42
C GLY G 199 -18.94 9.63 0.13
N ALA G 200 -19.94 10.50 0.23
CA ALA G 200 -20.46 11.14 -0.97
C ALA G 200 -19.45 12.11 -1.57
N GLY G 201 -18.59 12.71 -0.74
CA GLY G 201 -17.52 13.53 -1.28
C GLY G 201 -16.61 12.73 -2.19
N LEU G 202 -16.34 11.48 -1.83
CA LEU G 202 -15.49 10.65 -2.67
C LEU G 202 -16.22 10.20 -3.92
N THR G 203 -17.50 9.77 -3.81
CA THR G 203 -18.15 9.29 -5.02
C THR G 203 -18.37 10.43 -5.99
N THR G 204 -18.67 11.65 -5.48
CA THR G 204 -18.75 12.83 -6.34
C THR G 204 -17.46 13.05 -7.10
N LEU G 205 -16.34 12.99 -6.39
CA LEU G 205 -15.04 13.22 -7.02
C LEU G 205 -14.72 12.16 -8.04
N ALA G 206 -15.02 10.89 -7.72
CA ALA G 206 -14.73 9.81 -8.66
C ALA G 206 -15.53 9.97 -9.94
N GLU G 207 -16.81 10.33 -9.81
CA GLU G 207 -17.64 10.48 -11.00
C GLU G 207 -17.23 11.67 -11.83
N SER G 208 -16.87 12.77 -11.17
CA SER G 208 -16.48 13.96 -11.90
C SER G 208 -15.17 13.74 -12.64
N VAL G 209 -14.19 13.11 -11.98
CA VAL G 209 -12.95 12.73 -12.67
C VAL G 209 -13.25 11.80 -13.85
N ALA G 210 -14.14 10.83 -13.67
CA ALA G 210 -14.47 9.91 -14.76
C ALA G 210 -15.04 10.66 -15.96
N TYR G 211 -15.97 11.61 -15.72
CA TYR G 211 -16.48 12.40 -16.82
C TYR G 211 -15.31 13.12 -17.53
N GLY G 212 -14.43 13.76 -16.75
CA GLY G 212 -13.37 14.52 -17.39
C GLY G 212 -12.48 13.66 -18.27
N LEU G 213 -12.14 12.46 -17.77
CA LEU G 213 -11.31 11.55 -18.56
C LEU G 213 -12.07 11.07 -19.80
N SER G 214 -13.36 10.76 -19.65
CA SER G 214 -14.16 10.30 -20.79
C SER G 214 -14.26 11.38 -21.85
N ALA G 215 -14.17 12.65 -21.45
CA ALA G 215 -14.28 13.76 -22.38
C ALA G 215 -12.94 14.14 -22.98
N GLY G 216 -11.88 13.39 -22.70
CA GLY G 216 -10.62 13.58 -23.40
C GLY G 216 -9.59 14.38 -22.66
N LEU G 217 -9.86 14.78 -21.42
CA LEU G 217 -8.89 15.57 -20.68
C LEU G 217 -7.67 14.73 -20.32
N ASP G 218 -6.49 15.33 -20.43
CA ASP G 218 -5.27 14.66 -20.01
C ASP G 218 -5.30 14.33 -18.52
N ARG G 219 -4.90 13.10 -18.18
CA ARG G 219 -5.10 12.62 -16.81
C ARG G 219 -4.27 13.42 -15.82
N SER G 220 -2.97 13.59 -16.08
CA SER G 220 -2.13 14.31 -15.14
C SER G 220 -2.56 15.76 -15.00
N MET G 221 -2.94 16.39 -16.11
CA MET G 221 -3.44 17.76 -16.05
C MET G 221 -4.66 17.81 -15.14
N LEU G 222 -5.58 16.87 -15.34
CA LEU G 222 -6.85 16.89 -14.61
C LEU G 222 -6.63 16.69 -13.12
N PHE G 223 -5.86 15.67 -12.74
CA PHE G 223 -5.59 15.44 -11.33
C PHE G 223 -4.89 16.65 -10.69
N ASP G 224 -3.94 17.25 -11.42
CA ASP G 224 -3.21 18.39 -10.87
C ASP G 224 -4.08 19.64 -10.79
N ALA G 225 -4.99 19.84 -11.75
CA ALA G 225 -5.87 21.00 -11.72
C ALA G 225 -6.82 20.93 -10.54
N LEU G 226 -7.37 19.76 -10.27
CA LEU G 226 -8.30 19.61 -9.15
C LEU G 226 -7.62 19.85 -7.81
N ASP G 227 -6.31 19.58 -7.71
CA ASP G 227 -5.61 19.91 -6.47
C ASP G 227 -5.62 21.41 -6.18
N GLN G 228 -5.93 22.23 -7.18
CA GLN G 228 -5.82 23.68 -7.08
C GLN G 228 -7.16 24.38 -6.89
N VAL G 229 -8.27 23.65 -6.79
CA VAL G 229 -9.58 24.31 -6.69
C VAL G 229 -10.08 24.24 -5.25
N ALA G 230 -10.98 25.16 -4.92
CA ALA G 230 -11.42 25.33 -3.54
C ALA G 230 -12.62 24.49 -3.17
N VAL G 231 -13.14 23.70 -4.11
CA VAL G 231 -14.39 22.98 -3.89
C VAL G 231 -14.15 21.52 -3.52
N ILE G 232 -12.89 21.12 -3.27
CA ILE G 232 -12.56 19.78 -2.80
C ILE G 232 -11.96 19.89 -1.40
N SER G 233 -12.37 18.99 -0.48
CA SER G 233 -11.88 19.03 0.89
C SER G 233 -10.41 18.63 0.95
N PRO G 234 -9.69 19.04 1.99
CA PRO G 234 -8.31 18.58 2.14
C PRO G 234 -8.22 17.07 2.21
N HIS G 235 -9.18 16.42 2.87
CA HIS G 235 -9.20 14.97 2.95
C HIS G 235 -9.29 14.35 1.55
N HIS G 236 -10.22 14.84 0.74
CA HIS G 236 -10.39 14.23 -0.57
C HIS G 236 -9.27 14.61 -1.53
N LYS G 237 -8.63 15.76 -1.32
CA LYS G 237 -7.46 16.10 -2.13
C LYS G 237 -6.32 15.12 -1.84
N ARG G 238 -6.18 14.67 -0.58
CA ARG G 238 -5.18 13.66 -0.28
C ARG G 238 -5.51 12.34 -0.97
N LYS G 239 -6.79 11.95 -0.96
CA LYS G 239 -7.17 10.74 -1.67
C LYS G 239 -6.89 10.87 -3.16
N LEU G 240 -7.14 12.05 -3.74
CA LEU G 240 -6.94 12.22 -5.17
C LEU G 240 -5.46 12.10 -5.55
N LYS G 241 -4.57 12.64 -4.72
CA LYS G 241 -3.14 12.51 -4.99
C LYS G 241 -2.71 11.05 -4.90
N ALA G 242 -3.23 10.31 -3.93
CA ALA G 242 -2.89 8.89 -3.85
C ALA G 242 -3.43 8.14 -5.06
N ALA G 243 -4.67 8.47 -5.47
CA ALA G 243 -5.26 7.82 -6.64
C ALA G 243 -4.47 8.11 -7.91
N LYS G 244 -3.83 9.28 -8.01
CA LYS G 244 -3.03 9.59 -9.18
C LYS G 244 -1.97 8.52 -9.39
N ASP G 245 -1.44 7.99 -8.30
CA ASP G 245 -0.40 6.97 -8.33
C ASP G 245 -0.98 5.57 -8.24
N GLY G 246 -2.31 5.42 -8.22
CA GLY G 246 -2.92 4.11 -8.08
C GLY G 246 -2.78 3.50 -6.70
N ASN G 247 -2.58 4.33 -5.69
CA ASN G 247 -2.29 3.85 -4.34
C ASN G 247 -3.57 3.84 -3.52
N PHE G 248 -4.12 2.66 -3.28
CA PHE G 248 -5.30 2.49 -2.44
C PHE G 248 -5.03 1.57 -1.26
N ALA G 249 -3.78 1.56 -0.79
CA ALA G 249 -3.51 0.96 0.51
C ALA G 249 -4.49 1.55 1.54
N PRO G 250 -5.09 0.74 2.40
CA PRO G 250 -6.23 1.20 3.20
C PRO G 250 -5.83 2.14 4.34
N GLN G 251 -6.43 3.33 4.35
CA GLN G 251 -6.60 4.10 5.56
C GLN G 251 -7.98 3.89 6.15
N PHE G 252 -9.00 3.84 5.31
CA PHE G 252 -10.35 3.49 5.74
C PHE G 252 -10.92 2.56 4.69
N PRO G 253 -11.03 1.27 4.97
CA PRO G 253 -11.36 0.30 3.90
C PRO G 253 -12.78 0.46 3.40
N ALA G 254 -12.96 0.09 2.13
CA ALA G 254 -14.28 0.15 1.50
C ALA G 254 -15.34 -0.58 2.31
N ARG G 255 -15.02 -1.75 2.88
CA ARG G 255 -16.06 -2.52 3.56
C ARG G 255 -16.61 -1.75 4.75
N LEU G 256 -15.76 -0.96 5.43
CA LEU G 256 -16.21 -0.19 6.59
C LEU G 256 -16.90 1.09 6.18
N MET G 257 -16.38 1.79 5.16
CA MET G 257 -17.08 2.97 4.67
C MET G 257 -18.48 2.61 4.20
N GLN G 258 -18.58 1.54 3.41
CA GLN G 258 -19.89 1.16 2.89
C GLN G 258 -20.85 0.76 4.02
N LYS G 259 -20.34 0.07 5.05
CA LYS G 259 -21.17 -0.26 6.20
C LYS G 259 -21.66 1.01 6.89
N ASP G 260 -20.78 2.01 7.02
CA ASP G 260 -21.19 3.27 7.63
C ASP G 260 -22.27 3.96 6.81
N MET G 261 -22.17 3.89 5.48
CA MET G 261 -23.19 4.47 4.64
C MET G 261 -24.50 3.71 4.81
N ARG G 262 -24.45 2.36 4.87
CA ARG G 262 -25.66 1.59 5.16
C ARG G 262 -26.33 2.07 6.44
N LEU G 263 -25.54 2.29 7.51
CA LEU G 263 -26.14 2.74 8.76
C LEU G 263 -26.78 4.10 8.60
N LEU G 264 -26.10 5.01 7.90
CA LEU G 264 -26.66 6.34 7.69
C LEU G 264 -27.97 6.28 6.92
N LEU G 265 -28.01 5.48 5.85
CA LEU G 265 -29.23 5.46 5.06
C LEU G 265 -30.37 4.78 5.82
N ASP G 266 -30.07 3.79 6.67
CA ASP G 266 -31.14 3.23 7.47
C ASP G 266 -31.68 4.28 8.44
N ALA G 267 -30.79 5.03 9.08
CA ALA G 267 -31.23 6.03 10.03
C ALA G 267 -32.01 7.13 9.35
N ALA G 268 -31.56 7.57 8.17
CA ALA G 268 -32.30 8.60 7.44
C ALA G 268 -33.67 8.10 7.00
N ALA G 269 -33.77 6.81 6.67
CA ALA G 269 -35.08 6.26 6.34
C ALA G 269 -35.98 6.20 7.57
N ARG G 270 -35.43 5.80 8.73
CA ARG G 270 -36.24 5.78 9.94
C ARG G 270 -36.78 7.17 10.28
N GLU G 271 -35.98 8.22 10.02
CA GLU G 271 -36.40 9.60 10.27
C GLU G 271 -37.20 10.20 9.12
N ALA G 272 -37.41 9.44 8.04
CA ALA G 272 -38.12 9.88 6.84
C ALA G 272 -37.53 11.19 6.29
N VAL G 273 -36.22 11.22 6.13
CA VAL G 273 -35.54 12.37 5.54
C VAL G 273 -35.03 11.96 4.17
N PRO G 274 -35.46 12.61 3.09
CA PRO G 274 -34.97 12.25 1.76
C PRO G 274 -33.52 12.71 1.58
N VAL G 275 -32.64 11.76 1.30
CA VAL G 275 -31.22 12.04 1.12
C VAL G 275 -30.74 11.42 -0.20
N PRO G 276 -31.23 11.90 -1.33
CA PRO G 276 -30.89 11.25 -2.62
C PRO G 276 -29.40 11.23 -2.96
N THR G 277 -28.63 12.29 -2.68
CA THR G 277 -27.20 12.27 -3.01
C THR G 277 -26.48 11.23 -2.17
N LEU G 278 -26.81 11.16 -0.87
CA LEU G 278 -26.20 10.15 0.00
C LEU G 278 -26.60 8.75 -0.43
N ALA G 279 -27.85 8.59 -0.89
CA ALA G 279 -28.31 7.27 -1.29
C ALA G 279 -27.60 6.79 -2.53
N ALA G 280 -27.41 7.70 -3.50
CA ALA G 280 -26.63 7.36 -4.70
C ALA G 280 -25.20 7.00 -4.34
N ALA G 281 -24.57 7.80 -3.48
CA ALA G 281 -23.20 7.53 -3.05
C ALA G 281 -23.08 6.15 -2.42
N THR G 282 -24.07 5.79 -1.59
CA THR G 282 -24.04 4.47 -0.96
C THR G 282 -23.99 3.36 -2.00
N GLN G 283 -24.75 3.50 -3.10
CA GLN G 283 -24.76 2.44 -4.10
C GLN G 283 -23.40 2.33 -4.78
N GLN G 284 -22.76 3.47 -5.04
CA GLN G 284 -21.42 3.45 -5.61
C GLN G 284 -20.43 2.80 -4.67
N LEU G 285 -20.60 3.00 -3.36
CA LEU G 285 -19.72 2.37 -2.40
C LEU G 285 -20.05 0.89 -2.20
N SER G 286 -21.28 0.47 -2.51
CA SER G 286 -21.56 -0.97 -2.58
C SER G 286 -20.76 -1.62 -3.69
N LEU G 287 -20.74 -1.00 -4.87
CA LEU G 287 -19.90 -1.51 -5.95
C LEU G 287 -18.43 -1.53 -5.54
N THR G 288 -17.98 -0.45 -4.89
CA THR G 288 -16.58 -0.34 -4.47
C THR G 288 -16.21 -1.48 -3.54
N ARG G 289 -17.05 -1.74 -2.54
CA ARG G 289 -16.81 -2.82 -1.59
C ARG G 289 -16.81 -4.18 -2.28
N ARG G 290 -17.76 -4.40 -3.20
CA ARG G 290 -17.84 -5.68 -3.89
C ARG G 290 -16.56 -5.96 -4.67
N LEU G 291 -16.03 -4.92 -5.32
CA LEU G 291 -14.84 -5.12 -6.16
C LEU G 291 -13.56 -5.22 -5.34
N SER G 292 -13.45 -4.51 -4.22
CA SER G 292 -12.28 -4.61 -3.36
C SER G 292 -12.66 -4.21 -1.94
N PRO G 293 -13.02 -5.16 -1.08
CA PRO G 293 -13.51 -4.78 0.25
C PRO G 293 -12.44 -4.16 1.11
N ASN G 294 -11.17 -4.51 0.90
CA ASN G 294 -10.16 -4.19 1.88
C ASN G 294 -9.24 -3.04 1.51
N GLU G 295 -9.17 -2.65 0.23
CA GLU G 295 -8.44 -1.44 -0.09
C GLU G 295 -9.23 -0.21 0.37
N ASP G 296 -8.52 0.92 0.35
CA ASP G 296 -9.13 2.18 0.75
C ASP G 296 -10.44 2.41 -0.02
N TYR G 297 -11.39 3.05 0.67
CA TYR G 297 -12.68 3.34 0.04
C TYR G 297 -12.52 4.25 -1.17
N SER G 298 -11.42 5.00 -1.27
CA SER G 298 -11.21 5.84 -2.44
C SER G 298 -10.92 5.06 -3.70
N SER G 299 -10.80 3.72 -3.64
CA SER G 299 -10.58 2.93 -4.86
C SER G 299 -11.69 3.07 -5.89
N LEU G 300 -12.85 3.65 -5.54
CA LEU G 300 -13.86 3.93 -6.55
C LEU G 300 -13.28 4.80 -7.66
N ILE G 301 -12.28 5.64 -7.36
CA ILE G 301 -11.67 6.44 -8.42
C ILE G 301 -11.09 5.53 -9.49
N ARG G 302 -10.37 4.47 -9.07
CA ARG G 302 -9.83 3.50 -10.01
C ARG G 302 -10.95 2.72 -10.71
N VAL G 303 -11.99 2.31 -9.98
CA VAL G 303 -13.11 1.62 -10.59
C VAL G 303 -13.70 2.43 -11.74
N MET G 304 -13.95 3.72 -11.48
CA MET G 304 -14.52 4.58 -12.50
C MET G 304 -13.54 4.81 -13.66
N GLU G 305 -12.26 4.99 -13.38
CA GLU G 305 -11.28 5.09 -14.47
C GLU G 305 -11.36 3.87 -15.37
N LYS G 306 -11.51 2.66 -14.77
CA LYS G 306 -11.52 1.44 -15.57
C LYS G 306 -12.81 1.33 -16.39
N ILE G 307 -13.94 1.78 -15.84
CA ILE G 307 -15.17 1.83 -16.63
C ILE G 307 -14.96 2.70 -17.86
N VAL G 308 -14.38 3.89 -17.67
CA VAL G 308 -14.23 4.83 -18.77
C VAL G 308 -13.19 4.34 -19.77
N ALA G 309 -12.14 3.66 -19.30
CA ALA G 309 -11.13 3.10 -20.19
C ALA G 309 -11.61 1.88 -20.92
N ASN G 310 -12.83 1.43 -20.62
CA ASN G 310 -13.55 0.41 -21.38
C ASN G 310 -14.98 0.89 -21.66
N GLN H 18 -52.45 -33.84 10.16
CA GLN H 18 -51.21 -33.20 9.75
C GLN H 18 -51.50 -31.97 8.87
N ILE H 19 -52.19 -32.15 7.74
CA ILE H 19 -52.60 -31.00 6.94
C ILE H 19 -53.51 -30.11 7.78
N LEU H 20 -53.33 -28.79 7.67
CA LEU H 20 -53.98 -27.85 8.57
C LEU H 20 -55.35 -27.43 8.04
N SER H 21 -56.15 -28.44 7.71
CA SER H 21 -57.52 -28.23 7.28
C SER H 21 -58.38 -27.76 8.45
N PRO H 22 -59.56 -27.20 8.17
CA PRO H 22 -60.48 -26.86 9.28
C PRO H 22 -60.86 -28.07 10.10
N GLU H 23 -60.89 -29.26 9.51
CA GLU H 23 -61.18 -30.47 10.28
C GLU H 23 -60.09 -30.75 11.30
N ASN H 24 -58.82 -30.66 10.89
CA ASN H 24 -57.70 -31.02 11.75
C ASN H 24 -57.24 -29.87 12.66
N ALA H 25 -57.45 -28.62 12.25
CA ALA H 25 -56.87 -27.47 12.96
C ALA H 25 -57.78 -26.26 12.77
N PRO H 26 -58.96 -26.27 13.39
CA PRO H 26 -59.96 -25.24 13.08
C PRO H 26 -59.64 -23.85 13.60
N ARG H 27 -58.89 -23.71 14.69
CA ARG H 27 -58.68 -22.40 15.32
C ARG H 27 -57.43 -21.74 14.73
N ILE H 28 -57.61 -20.61 14.06
CA ILE H 28 -56.50 -19.81 13.58
C ILE H 28 -56.48 -18.50 14.37
N GLY H 29 -55.38 -18.23 15.05
CA GLY H 29 -55.21 -17.00 15.82
C GLY H 29 -54.26 -16.07 15.09
N PHE H 30 -54.64 -14.78 15.03
CA PHE H 30 -53.82 -13.77 14.38
C PHE H 30 -53.07 -12.94 15.41
N ILE H 31 -51.79 -12.70 15.16
CA ILE H 31 -51.02 -11.69 15.86
C ILE H 31 -50.92 -10.51 14.90
N GLY H 32 -51.66 -9.45 15.21
CA GLY H 32 -51.87 -8.38 14.25
C GLY H 32 -53.16 -8.61 13.49
N PHE H 33 -53.99 -7.59 13.34
CA PHE H 33 -55.28 -7.79 12.70
C PHE H 33 -55.71 -6.50 12.02
N GLY H 34 -54.85 -5.99 11.16
CA GLY H 34 -55.12 -4.77 10.40
C GLY H 34 -55.84 -5.01 9.09
N ALA H 35 -55.57 -4.14 8.12
CA ALA H 35 -56.36 -4.16 6.89
C ALA H 35 -56.18 -5.45 6.13
N MET H 36 -54.96 -5.98 6.07
CA MET H 36 -54.74 -7.20 5.31
C MET H 36 -55.20 -8.43 6.09
N ALA H 37 -54.82 -8.50 7.38
CA ALA H 37 -55.12 -9.67 8.19
C ALA H 37 -56.62 -9.86 8.39
N SER H 38 -57.36 -8.77 8.64
CA SER H 38 -58.79 -8.94 8.83
C SER H 38 -59.46 -9.47 7.56
N ARG H 39 -58.93 -9.10 6.39
CA ARG H 39 -59.48 -9.61 5.14
C ARG H 39 -59.09 -11.07 4.92
N MET H 40 -57.86 -11.46 5.25
CA MET H 40 -57.56 -12.89 5.19
C MET H 40 -58.44 -13.65 6.16
N GLY H 41 -58.69 -13.06 7.33
CA GLY H 41 -59.55 -13.69 8.32
C GLY H 41 -60.93 -13.99 7.81
N ASP H 42 -61.51 -13.06 7.04
CA ASP H 42 -62.83 -13.26 6.45
C ASP H 42 -62.87 -14.51 5.56
N HIS H 43 -61.86 -14.66 4.71
CA HIS H 43 -61.82 -15.81 3.80
C HIS H 43 -61.57 -17.10 4.56
N LEU H 44 -60.81 -17.03 5.65
CA LEU H 44 -60.57 -18.23 6.46
C LEU H 44 -61.83 -18.63 7.20
N LYS H 45 -62.59 -17.66 7.70
CA LYS H 45 -63.88 -17.96 8.32
C LYS H 45 -64.82 -18.62 7.31
N THR H 46 -64.86 -18.07 6.08
CA THR H 46 -65.68 -18.67 5.03
C THR H 46 -65.26 -20.11 4.73
N ALA H 47 -63.96 -20.40 4.79
CA ALA H 47 -63.47 -21.74 4.51
C ALA H 47 -63.71 -22.71 5.65
N GLY H 48 -64.20 -22.24 6.80
CA GLY H 48 -64.56 -23.13 7.89
C GLY H 48 -63.71 -22.99 9.14
N TYR H 49 -62.72 -22.09 9.19
CA TYR H 49 -61.89 -21.93 10.37
C TYR H 49 -62.54 -21.01 11.39
N THR H 50 -62.13 -21.17 12.65
CA THR H 50 -62.56 -20.28 13.73
C THR H 50 -61.44 -19.30 14.03
N ILE H 51 -61.75 -18.01 13.91
CA ILE H 51 -60.76 -16.93 13.89
C ILE H 51 -60.75 -16.21 15.23
N SER H 52 -59.55 -15.90 15.71
CA SER H 52 -59.34 -15.06 16.87
C SER H 52 -58.16 -14.14 16.57
N ALA H 53 -57.98 -13.09 17.39
CA ALA H 53 -56.90 -12.15 17.10
C ALA H 53 -56.37 -11.48 18.36
N TYR H 54 -55.13 -11.01 18.26
CA TYR H 54 -54.53 -10.10 19.21
C TYR H 54 -54.06 -8.86 18.45
N THR H 55 -54.32 -7.67 18.99
CA THR H 55 -53.69 -6.45 18.54
C THR H 55 -53.19 -5.67 19.76
N PRO H 56 -52.12 -4.89 19.61
CA PRO H 56 -51.65 -4.09 20.75
C PRO H 56 -52.67 -3.09 21.27
N SER H 57 -53.57 -2.61 20.41
CA SER H 57 -54.57 -1.62 20.82
C SER H 57 -55.82 -2.24 21.43
N GLY H 58 -56.06 -3.52 21.20
CA GLY H 58 -57.31 -4.14 21.58
C GLY H 58 -58.43 -3.72 20.64
N SER H 62 -63.09 -5.70 12.66
CA SER H 62 -63.85 -6.94 12.64
C SER H 62 -64.56 -7.18 13.98
N PRO H 63 -65.77 -6.63 14.11
CA PRO H 63 -66.48 -6.71 15.40
C PRO H 63 -66.81 -8.12 15.84
N SER H 64 -66.84 -9.10 14.93
CA SER H 64 -67.23 -10.46 15.27
C SER H 64 -66.05 -11.33 15.71
N VAL H 65 -64.83 -10.84 15.66
CA VAL H 65 -63.64 -11.66 15.92
C VAL H 65 -63.25 -11.49 17.39
N PRO H 66 -63.16 -12.57 18.16
CA PRO H 66 -62.74 -12.44 19.56
C PRO H 66 -61.31 -11.91 19.68
N MET H 67 -61.11 -11.04 20.65
CA MET H 67 -59.84 -10.36 20.87
C MET H 67 -59.21 -10.93 22.14
N LEU H 68 -57.98 -11.33 22.05
CA LEU H 68 -57.24 -11.85 23.19
C LEU H 68 -56.29 -10.79 23.73
N PRO H 69 -56.01 -10.80 25.04
CA PRO H 69 -55.31 -9.65 25.64
C PRO H 69 -53.80 -9.62 25.42
N THR H 70 -53.15 -10.74 25.14
CA THR H 70 -51.71 -10.81 24.98
C THR H 70 -51.39 -11.74 23.83
N PRO H 71 -50.21 -11.63 23.23
CA PRO H 71 -49.84 -12.61 22.20
C PRO H 71 -49.82 -14.04 22.74
N LEU H 72 -49.37 -14.20 23.98
CA LEU H 72 -49.40 -15.50 24.64
C LEU H 72 -50.82 -16.05 24.73
N ALA H 73 -51.76 -15.22 25.22
CA ALA H 73 -53.14 -15.68 25.36
C ALA H 73 -53.73 -16.06 24.00
N LEU H 74 -53.40 -15.29 22.95
CA LEU H 74 -53.82 -15.69 21.61
C LEU H 74 -53.30 -17.07 21.25
N ALA H 75 -51.99 -17.29 21.39
CA ALA H 75 -51.41 -18.55 20.93
C ALA H 75 -51.93 -19.73 21.76
N LYS H 76 -52.25 -19.49 23.03
CA LYS H 76 -52.68 -20.58 23.90
C LYS H 76 -54.02 -21.18 23.48
N GLN H 77 -54.82 -20.48 22.68
CA GLN H 77 -56.12 -21.00 22.28
C GLN H 77 -56.25 -21.10 20.76
N ALA H 78 -55.14 -21.19 20.05
CA ALA H 78 -55.14 -21.36 18.60
C ALA H 78 -54.43 -22.64 18.23
N ASP H 79 -54.83 -23.24 17.10
CA ASP H 79 -54.10 -24.39 16.58
C ASP H 79 -52.95 -23.96 15.66
N THR H 80 -53.18 -22.92 14.86
CA THR H 80 -52.20 -22.32 13.97
C THR H 80 -52.18 -20.82 14.26
N VAL H 81 -51.01 -20.19 14.20
CA VAL H 81 -50.89 -18.75 14.41
C VAL H 81 -50.45 -18.10 13.11
N VAL H 82 -51.15 -17.05 12.70
CA VAL H 82 -50.79 -16.24 11.55
C VAL H 82 -50.37 -14.87 12.06
N VAL H 83 -49.19 -14.40 11.65
CA VAL H 83 -48.64 -13.15 12.14
C VAL H 83 -48.69 -12.13 11.01
N CYS H 84 -49.19 -10.92 11.33
CA CYS H 84 -49.25 -9.82 10.36
C CYS H 84 -48.95 -8.52 11.11
N VAL H 85 -47.67 -8.23 11.32
CA VAL H 85 -47.27 -7.04 12.07
C VAL H 85 -46.42 -6.18 11.15
N PRO H 86 -46.24 -4.89 11.46
CA PRO H 86 -45.62 -3.99 10.49
C PRO H 86 -44.12 -4.14 10.32
N ASP H 87 -43.34 -4.49 11.34
CA ASP H 87 -41.89 -4.38 11.20
C ASP H 87 -41.19 -5.31 12.19
N ASP H 88 -39.85 -5.32 12.12
CA ASP H 88 -39.03 -6.21 12.95
C ASP H 88 -39.30 -6.02 14.42
N GLU H 89 -39.39 -4.75 14.84
CA GLU H 89 -39.57 -4.43 16.25
C GLU H 89 -40.92 -4.92 16.75
N ALA H 90 -41.98 -4.76 15.94
CA ALA H 90 -43.29 -5.26 16.34
C ALA H 90 -43.32 -6.78 16.39
N LEU H 91 -42.58 -7.42 15.48
CA LEU H 91 -42.49 -8.88 15.50
C LEU H 91 -41.82 -9.33 16.79
N ALA H 92 -40.68 -8.74 17.13
CA ALA H 92 -39.98 -9.12 18.36
C ALA H 92 -40.84 -8.85 19.59
N ALA H 93 -41.58 -7.75 19.58
CA ALA H 93 -42.40 -7.39 20.74
C ALA H 93 -43.47 -8.44 21.01
N SER H 94 -44.02 -9.05 19.97
CA SER H 94 -45.13 -9.97 20.13
C SER H 94 -44.72 -11.44 20.09
N MET H 95 -43.54 -11.76 19.58
CA MET H 95 -43.13 -13.18 19.54
C MET H 95 -42.37 -13.62 20.78
N TYR H 96 -41.59 -12.74 21.38
CA TYR H 96 -40.63 -13.08 22.42
C TYR H 96 -41.04 -12.46 23.74
N GLY H 97 -40.33 -12.84 24.80
CA GLY H 97 -40.58 -12.28 26.11
C GLY H 97 -41.69 -13.02 26.85
N GLU H 98 -42.02 -12.47 28.03
CA GLU H 98 -42.89 -13.17 28.97
C GLU H 98 -44.27 -13.43 28.40
N ASN H 99 -44.79 -12.48 27.62
CA ASN H 99 -46.12 -12.57 27.05
C ASN H 99 -46.09 -12.88 25.56
N GLY H 100 -44.97 -13.41 25.05
CA GLY H 100 -44.82 -13.63 23.62
C GLY H 100 -45.64 -14.81 23.13
N ALA H 101 -45.87 -14.83 21.82
CA ALA H 101 -46.76 -15.84 21.24
C ALA H 101 -46.11 -17.22 21.20
N LEU H 102 -44.79 -17.29 20.95
CA LEU H 102 -44.18 -18.59 20.67
C LEU H 102 -44.33 -19.55 21.85
N ALA H 103 -44.17 -19.05 23.07
CA ALA H 103 -44.25 -19.92 24.23
C ALA H 103 -45.66 -20.42 24.51
N GLY H 104 -46.68 -19.87 23.85
CA GLY H 104 -48.02 -20.41 23.99
C GLY H 104 -48.42 -21.44 22.96
N MET H 105 -47.49 -21.82 22.08
CA MET H 105 -47.80 -22.71 20.97
C MET H 105 -47.44 -24.15 21.34
N THR H 106 -48.23 -25.09 20.84
CA THR H 106 -47.92 -26.50 21.05
C THR H 106 -46.82 -26.97 20.12
N LYS H 107 -46.01 -27.90 20.60
CA LYS H 107 -44.96 -28.48 19.76
C LYS H 107 -45.58 -29.17 18.55
N GLY H 108 -44.97 -28.96 17.38
CA GLY H 108 -45.48 -29.51 16.15
C GLY H 108 -46.48 -28.63 15.44
N SER H 109 -46.89 -27.51 16.02
CA SER H 109 -47.78 -26.59 15.35
C SER H 109 -46.99 -25.67 14.42
N LEU H 110 -47.73 -24.91 13.60
CA LEU H 110 -47.15 -24.07 12.57
C LEU H 110 -47.42 -22.61 12.89
N LEU H 111 -46.40 -21.77 12.77
CA LEU H 111 -46.61 -20.33 12.76
C LEU H 111 -46.36 -19.83 11.33
N ILE H 112 -47.32 -19.11 10.79
CA ILE H 112 -47.24 -18.57 9.44
C ILE H 112 -47.04 -17.07 9.57
N ASN H 113 -45.87 -16.57 9.18
CA ASN H 113 -45.59 -15.13 9.28
C ASN H 113 -45.78 -14.49 7.91
N THR H 114 -46.84 -13.70 7.76
CA THR H 114 -47.10 -12.97 6.52
C THR H 114 -46.56 -11.55 6.56
N SER H 115 -45.86 -11.18 7.64
CA SER H 115 -45.34 -9.83 7.76
C SER H 115 -44.19 -9.61 6.80
N SER H 116 -43.98 -8.36 6.42
CA SER H 116 -42.84 -7.96 5.60
C SER H 116 -41.77 -7.42 6.55
N VAL H 117 -40.78 -8.27 6.86
CA VAL H 117 -39.72 -7.96 7.81
C VAL H 117 -38.38 -8.29 7.17
N SER H 118 -37.30 -8.01 7.90
CA SER H 118 -35.97 -8.17 7.34
C SER H 118 -35.57 -9.65 7.27
N PRO H 119 -34.59 -9.98 6.42
CA PRO H 119 -34.04 -11.35 6.46
C PRO H 119 -33.49 -11.74 7.80
N GLU H 120 -32.91 -10.78 8.52
CA GLU H 120 -32.37 -11.05 9.85
C GLU H 120 -33.48 -11.39 10.84
N ALA H 121 -34.58 -10.63 10.83
CA ALA H 121 -35.70 -10.96 11.72
C ALA H 121 -36.32 -12.30 11.38
N THR H 122 -36.37 -12.62 10.08
CA THR H 122 -36.90 -13.90 9.63
C THR H 122 -36.06 -15.05 10.17
N ALA H 123 -34.74 -14.92 10.08
CA ALA H 123 -33.85 -15.98 10.58
C ALA H 123 -33.99 -16.13 12.08
N THR H 124 -34.06 -15.01 12.80
CA THR H 124 -34.20 -15.06 14.25
C THR H 124 -35.48 -15.77 14.65
N LEU H 125 -36.59 -15.47 13.96
CA LEU H 125 -37.85 -16.11 14.30
C LEU H 125 -37.83 -17.59 13.96
N TYR H 126 -37.27 -17.97 12.81
CA TYR H 126 -37.20 -19.37 12.46
C TYR H 126 -36.46 -20.15 13.53
N GLU H 127 -35.31 -19.63 13.95
CA GLU H 127 -34.51 -20.32 14.96
C GLU H 127 -35.23 -20.38 16.30
N ALA H 128 -35.88 -19.28 16.71
CA ALA H 128 -36.67 -19.29 17.94
C ALA H 128 -37.77 -20.34 17.86
N GLY H 129 -38.46 -20.41 16.72
CA GLY H 129 -39.50 -21.41 16.57
C GLY H 129 -38.96 -22.82 16.76
N GLN H 130 -37.83 -23.12 16.12
CA GLN H 130 -37.21 -24.43 16.29
C GLN H 130 -37.02 -24.79 17.76
N LYS H 131 -36.58 -23.83 18.57
CA LYS H 131 -36.36 -24.12 19.99
C LYS H 131 -37.66 -24.49 20.70
N HIS H 132 -38.80 -24.02 20.21
CA HIS H 132 -40.11 -24.33 20.78
C HIS H 132 -40.80 -25.49 20.06
N GLY H 133 -40.11 -26.14 19.11
CA GLY H 133 -40.73 -27.18 18.32
C GLY H 133 -41.79 -26.70 17.35
N VAL H 134 -41.72 -25.43 16.95
CA VAL H 134 -42.70 -24.82 16.08
C VAL H 134 -42.03 -24.49 14.75
N VAL H 135 -42.61 -24.93 13.65
CA VAL H 135 -42.09 -24.59 12.33
C VAL H 135 -42.64 -23.22 11.95
N VAL H 136 -41.76 -22.33 11.52
CA VAL H 136 -42.15 -20.98 11.10
C VAL H 136 -42.01 -20.90 9.58
N LEU H 137 -43.13 -20.68 8.89
CA LEU H 137 -43.09 -20.38 7.48
C LEU H 137 -43.02 -18.87 7.31
N ASP H 138 -42.04 -18.40 6.53
CA ASP H 138 -42.04 -17.00 6.13
C ASP H 138 -42.85 -16.91 4.86
N ALA H 139 -44.05 -16.35 4.97
CA ALA H 139 -45.03 -16.39 3.88
C ALA H 139 -45.66 -15.02 3.67
N PRO H 140 -44.85 -14.00 3.38
CA PRO H 140 -45.44 -12.73 2.95
C PRO H 140 -46.20 -12.89 1.65
N VAL H 141 -46.99 -11.89 1.30
CA VAL H 141 -47.89 -11.98 0.16
C VAL H 141 -47.66 -10.82 -0.79
N SER H 142 -47.92 -11.06 -2.08
CA SER H 142 -48.01 -10.02 -3.08
C SER H 142 -49.48 -9.71 -3.33
N GLY H 143 -49.83 -8.44 -3.32
CA GLY H 143 -51.22 -8.02 -3.34
C GLY H 143 -51.51 -7.13 -2.15
N SER H 144 -52.53 -6.28 -2.27
CA SER H 144 -52.92 -5.34 -1.22
C SER H 144 -54.37 -5.62 -0.81
N THR H 145 -55.06 -4.61 -0.30
CA THR H 145 -56.42 -4.87 0.18
C THR H 145 -57.40 -5.29 -0.91
N PRO H 146 -57.32 -4.80 -2.17
CA PRO H 146 -58.23 -5.35 -3.19
C PRO H 146 -58.03 -6.84 -3.43
N GLU H 147 -56.77 -7.28 -3.46
CA GLU H 147 -56.50 -8.69 -3.67
C GLU H 147 -56.83 -9.50 -2.44
N ALA H 148 -56.67 -8.93 -1.26
CA ALA H 148 -57.10 -9.64 -0.05
C ALA H 148 -58.62 -9.83 -0.06
N ASP H 149 -59.34 -8.80 -0.50
CA ASP H 149 -60.80 -8.88 -0.64
C ASP H 149 -61.24 -10.04 -1.52
N SER H 150 -60.57 -10.26 -2.64
CA SER H 150 -60.97 -11.24 -3.63
C SER H 150 -60.22 -12.56 -3.48
N ALA H 151 -59.40 -12.71 -2.45
CA ALA H 151 -58.55 -13.89 -2.25
C ALA H 151 -57.66 -14.14 -3.47
N SER H 152 -57.15 -13.06 -4.07
CA SER H 152 -56.23 -13.19 -5.19
C SER H 152 -54.79 -12.87 -4.80
N LEU H 153 -54.48 -12.95 -3.50
CA LEU H 153 -53.10 -12.82 -3.06
C LEU H 153 -52.22 -13.90 -3.67
N VAL H 154 -50.95 -13.55 -3.88
CA VAL H 154 -49.91 -14.50 -4.23
C VAL H 154 -49.05 -14.71 -2.99
N ILE H 155 -48.96 -15.96 -2.51
CA ILE H 155 -48.22 -16.27 -1.30
C ILE H 155 -46.78 -16.61 -1.68
N LEU H 156 -45.82 -16.01 -0.96
CA LEU H 156 -44.40 -16.14 -1.27
C LEU H 156 -43.75 -16.82 -0.07
N VAL H 157 -43.54 -18.13 -0.13
CA VAL H 157 -43.30 -18.88 1.11
C VAL H 157 -41.94 -19.57 1.09
N GLY H 158 -41.22 -19.42 2.21
CA GLY H 158 -39.98 -20.14 2.46
C GLY H 158 -40.20 -21.24 3.49
N GLY H 159 -39.65 -22.41 3.21
CA GLY H 159 -39.72 -23.53 4.11
C GLY H 159 -39.53 -24.85 3.37
N ASP H 160 -39.62 -25.92 4.15
CA ASP H 160 -39.60 -27.26 3.58
C ASP H 160 -40.90 -27.54 2.84
N LYS H 161 -40.80 -28.26 1.71
CA LYS H 161 -41.98 -28.63 0.92
C LYS H 161 -43.10 -29.21 1.77
N ASP H 162 -42.76 -30.06 2.73
CA ASP H 162 -43.81 -30.76 3.47
C ASP H 162 -44.54 -29.83 4.43
N ASP H 163 -43.83 -28.83 4.97
CA ASP H 163 -44.48 -27.82 5.81
C ASP H 163 -45.35 -26.89 4.98
N VAL H 164 -44.87 -26.48 3.81
CA VAL H 164 -45.71 -25.70 2.91
C VAL H 164 -47.01 -26.47 2.63
N ALA H 165 -46.90 -27.78 2.39
CA ALA H 165 -48.09 -28.56 2.08
C ALA H 165 -49.07 -28.61 3.26
N ARG H 166 -48.56 -28.65 4.49
CA ARG H 166 -49.42 -28.60 5.67
C ARG H 166 -50.30 -27.36 5.66
N ALA H 167 -49.75 -26.24 5.21
CA ALA H 167 -50.44 -24.97 5.23
C ALA H 167 -51.28 -24.71 3.99
N ALA H 168 -51.27 -25.61 3.01
CA ALA H 168 -51.97 -25.37 1.75
C ALA H 168 -53.42 -24.92 1.91
N PRO H 169 -54.26 -25.54 2.77
CA PRO H 169 -55.65 -25.07 2.84
C PRO H 169 -55.77 -23.64 3.32
N ILE H 170 -54.85 -23.18 4.17
CA ILE H 170 -54.85 -21.79 4.60
C ILE H 170 -54.43 -20.87 3.47
N PHE H 171 -53.35 -21.24 2.78
CA PHE H 171 -52.89 -20.42 1.65
C PHE H 171 -53.91 -20.41 0.53
N ASP H 172 -54.60 -21.54 0.31
CA ASP H 172 -55.58 -21.57 -0.78
C ASP H 172 -56.80 -20.72 -0.47
N ALA H 173 -57.17 -20.59 0.81
CA ALA H 173 -58.35 -19.81 1.16
C ALA H 173 -58.11 -18.31 0.99
N ILE H 174 -56.88 -17.84 1.24
CA ILE H 174 -56.60 -16.42 1.21
C ILE H 174 -56.01 -15.96 -0.12
N GLY H 175 -55.59 -16.88 -0.98
CA GLY H 175 -54.87 -16.51 -2.19
C GLY H 175 -55.25 -17.35 -3.39
N LYS H 176 -54.69 -16.96 -4.54
CA LYS H 176 -54.89 -17.63 -5.81
C LYS H 176 -53.69 -18.46 -6.27
N LEU H 177 -52.55 -18.35 -5.61
CA LEU H 177 -51.31 -18.96 -6.08
C LEU H 177 -50.32 -18.94 -4.93
N THR H 178 -49.72 -20.09 -4.67
CA THR H 178 -48.67 -20.23 -3.66
C THR H 178 -47.36 -20.50 -4.39
N ILE H 179 -46.40 -19.59 -4.24
CA ILE H 179 -45.09 -19.74 -4.85
C ILE H 179 -44.14 -20.24 -3.76
N HIS H 180 -43.65 -21.46 -3.90
CA HIS H 180 -42.65 -21.95 -2.97
C HIS H 180 -41.30 -21.39 -3.39
N ALA H 181 -40.81 -20.41 -2.65
CA ALA H 181 -39.63 -19.66 -3.08
C ALA H 181 -38.31 -20.33 -2.74
N GLY H 182 -38.30 -21.38 -1.91
CA GLY H 182 -37.07 -21.96 -1.44
C GLY H 182 -37.19 -22.28 0.03
N PRO H 183 -36.04 -22.53 0.68
CA PRO H 183 -36.04 -22.81 2.13
C PRO H 183 -36.35 -21.59 2.97
N THR H 184 -36.36 -21.75 4.29
CA THR H 184 -36.65 -20.63 5.19
C THR H 184 -35.83 -19.40 4.81
N GLY H 185 -36.50 -18.26 4.80
CA GLY H 185 -35.92 -17.01 4.41
C GLY H 185 -36.21 -16.63 2.97
N SER H 186 -36.61 -17.60 2.14
CA SER H 186 -36.76 -17.33 0.72
C SER H 186 -37.99 -16.49 0.43
N GLY H 187 -39.06 -16.71 1.21
CA GLY H 187 -40.26 -15.88 1.05
C GLY H 187 -40.00 -14.43 1.38
N ALA H 188 -39.33 -14.18 2.51
CA ALA H 188 -38.96 -12.83 2.88
C ALA H 188 -38.15 -12.14 1.79
N ARG H 189 -37.18 -12.85 1.21
CA ARG H 189 -36.33 -12.22 0.20
C ARG H 189 -37.11 -11.93 -1.08
N LEU H 190 -37.97 -12.86 -1.52
CA LEU H 190 -38.79 -12.63 -2.71
C LEU H 190 -39.74 -11.45 -2.50
N LYS H 191 -40.26 -11.28 -1.28
CA LYS H 191 -41.10 -10.13 -0.97
C LYS H 191 -40.33 -8.82 -1.10
N LEU H 192 -39.08 -8.78 -0.61
CA LEU H 192 -38.25 -7.58 -0.77
C LEU H 192 -38.08 -7.23 -2.24
N VAL H 193 -37.83 -8.24 -3.09
CA VAL H 193 -37.70 -8.03 -4.54
C VAL H 193 -38.95 -7.37 -5.08
N ILE H 194 -40.10 -7.95 -4.77
CA ILE H 194 -41.35 -7.46 -5.33
C ILE H 194 -41.67 -6.06 -4.78
N ASN H 195 -41.33 -5.80 -3.51
CA ASN H 195 -41.59 -4.48 -2.92
C ASN H 195 -40.80 -3.41 -3.65
N GLY H 196 -39.56 -3.72 -4.03
CA GLY H 196 -38.76 -2.74 -4.73
C GLY H 196 -39.34 -2.38 -6.08
N ILE H 197 -39.81 -3.39 -6.82
CA ILE H 197 -40.46 -3.16 -8.10
C ILE H 197 -41.70 -2.29 -7.91
N MET H 198 -42.50 -2.60 -6.89
CA MET H 198 -43.71 -1.81 -6.64
C MET H 198 -43.37 -0.36 -6.30
N GLY H 199 -42.44 -0.16 -5.37
CA GLY H 199 -42.16 1.19 -4.92
C GLY H 199 -41.55 2.06 -6.00
N ALA H 200 -40.52 1.54 -6.68
CA ALA H 200 -39.89 2.32 -7.73
C ALA H 200 -40.79 2.45 -8.96
N GLY H 201 -41.70 1.50 -9.17
CA GLY H 201 -42.69 1.69 -10.22
C GLY H 201 -43.55 2.91 -9.98
N LEU H 202 -43.91 3.15 -8.72
CA LEU H 202 -44.74 4.31 -8.41
C LEU H 202 -43.92 5.60 -8.49
N THR H 203 -42.69 5.62 -7.96
CA THR H 203 -41.95 6.88 -8.01
C THR H 203 -41.60 7.24 -9.45
N THR H 204 -41.29 6.24 -10.28
CA THR H 204 -41.10 6.48 -11.71
C THR H 204 -42.34 7.14 -12.30
N LEU H 205 -43.51 6.59 -12.01
CA LEU H 205 -44.74 7.11 -12.59
C LEU H 205 -45.03 8.53 -12.12
N ALA H 206 -44.85 8.81 -10.82
CA ALA H 206 -45.10 10.14 -10.28
C ALA H 206 -44.17 11.18 -10.93
N GLU H 207 -42.90 10.82 -11.12
CA GLU H 207 -41.96 11.76 -11.69
C GLU H 207 -42.23 12.01 -13.17
N SER H 208 -42.61 10.95 -13.89
CA SER H 208 -42.92 11.07 -15.31
C SER H 208 -44.14 11.94 -15.53
N VAL H 209 -45.21 11.70 -14.75
CA VAL H 209 -46.40 12.54 -14.80
C VAL H 209 -46.03 13.98 -14.47
N ALA H 210 -45.16 14.17 -13.46
CA ALA H 210 -44.80 15.53 -13.07
C ALA H 210 -44.10 16.26 -14.21
N TYR H 211 -43.16 15.59 -14.90
CA TYR H 211 -42.52 16.23 -16.03
C TYR H 211 -43.57 16.59 -17.08
N GLY H 212 -44.46 15.65 -17.41
CA GLY H 212 -45.45 15.92 -18.43
C GLY H 212 -46.30 17.13 -18.11
N LEU H 213 -46.77 17.22 -16.87
CA LEU H 213 -47.58 18.37 -16.44
C LEU H 213 -46.76 19.66 -16.50
N SER H 214 -45.50 19.60 -16.08
CA SER H 214 -44.66 20.79 -16.09
C SER H 214 -44.44 21.30 -17.50
N ALA H 215 -44.42 20.39 -18.48
CA ALA H 215 -44.16 20.72 -19.86
C ALA H 215 -45.41 21.15 -20.61
N GLY H 216 -46.52 21.29 -19.89
CA GLY H 216 -47.73 21.85 -20.46
C GLY H 216 -48.76 20.87 -20.96
N LEU H 217 -48.56 19.57 -20.75
CA LEU H 217 -49.54 18.59 -21.21
C LEU H 217 -50.83 18.67 -20.38
N ASP H 218 -51.97 18.60 -21.08
CA ASP H 218 -53.26 18.55 -20.40
C ASP H 218 -53.34 17.34 -19.48
N ARG H 219 -53.81 17.58 -18.25
CA ARG H 219 -53.77 16.54 -17.22
C ARG H 219 -54.62 15.34 -17.59
N SER H 220 -55.87 15.56 -18.00
CA SER H 220 -56.75 14.43 -18.31
C SER H 220 -56.23 13.63 -19.50
N MET H 221 -55.80 14.33 -20.56
CA MET H 221 -55.09 13.70 -21.67
C MET H 221 -53.93 12.83 -21.20
N LEU H 222 -53.07 13.37 -20.35
CA LEU H 222 -51.87 12.65 -19.92
C LEU H 222 -52.22 11.39 -19.15
N PHE H 223 -53.09 11.50 -18.13
CA PHE H 223 -53.49 10.31 -17.37
C PHE H 223 -54.15 9.27 -18.26
N ASP H 224 -54.99 9.71 -19.20
CA ASP H 224 -55.69 8.74 -20.04
C ASP H 224 -54.76 8.09 -21.05
N ALA H 225 -53.78 8.84 -21.57
CA ALA H 225 -52.82 8.26 -22.50
C ALA H 225 -51.99 7.19 -21.81
N LEU H 226 -51.54 7.46 -20.59
CA LEU H 226 -50.72 6.49 -19.89
C LEU H 226 -51.51 5.23 -19.55
N ASP H 227 -52.83 5.33 -19.38
CA ASP H 227 -53.62 4.13 -19.17
C ASP H 227 -53.56 3.19 -20.36
N GLN H 228 -53.18 3.69 -21.54
CA GLN H 228 -53.28 2.89 -22.74
C GLN H 228 -51.93 2.34 -23.21
N VAL H 229 -50.83 2.53 -22.43
CA VAL H 229 -49.51 2.05 -22.83
C VAL H 229 -49.16 0.74 -22.12
N ALA H 230 -48.29 -0.04 -22.75
CA ALA H 230 -47.97 -1.37 -22.26
C ALA H 230 -46.82 -1.38 -21.27
N VAL H 231 -46.29 -0.21 -20.92
CA VAL H 231 -45.09 -0.15 -20.10
C VAL H 231 -45.40 0.18 -18.65
N ILE H 232 -46.68 0.25 -18.28
CA ILE H 232 -47.12 0.41 -16.89
C ILE H 232 -47.83 -0.87 -16.46
N SER H 233 -47.55 -1.31 -15.23
CA SER H 233 -48.14 -2.52 -14.67
C SER H 233 -49.63 -2.33 -14.39
N PRO H 234 -50.39 -3.43 -14.32
CA PRO H 234 -51.81 -3.27 -13.96
C PRO H 234 -51.99 -2.66 -12.57
N HIS H 235 -51.13 -3.02 -11.63
CA HIS H 235 -51.18 -2.40 -10.31
C HIS H 235 -51.02 -0.89 -10.40
N HIS H 236 -49.98 -0.44 -11.09
CA HIS H 236 -49.72 0.99 -11.12
C HIS H 236 -50.73 1.73 -11.99
N LYS H 237 -51.33 1.06 -13.00
CA LYS H 237 -52.42 1.70 -13.73
C LYS H 237 -53.62 1.92 -12.81
N ARG H 238 -53.88 1.00 -11.89
CA ARG H 238 -54.97 1.24 -10.94
C ARG H 238 -54.65 2.44 -10.05
N LYS H 239 -53.39 2.56 -9.61
CA LYS H 239 -53.03 3.71 -8.80
C LYS H 239 -53.10 5.00 -9.59
N LEU H 240 -52.75 4.94 -10.88
CA LEU H 240 -52.81 6.14 -11.70
C LEU H 240 -54.24 6.64 -11.85
N LYS H 241 -55.19 5.72 -12.06
CA LYS H 241 -56.59 6.13 -12.16
C LYS H 241 -57.08 6.71 -10.84
N ALA H 242 -56.71 6.11 -9.71
CA ALA H 242 -57.09 6.68 -8.42
C ALA H 242 -56.49 8.06 -8.25
N ALA H 243 -55.22 8.23 -8.65
CA ALA H 243 -54.57 9.54 -8.51
C ALA H 243 -55.20 10.57 -9.44
N LYS H 244 -55.65 10.16 -10.64
CA LYS H 244 -56.37 11.08 -11.51
C LYS H 244 -57.53 11.67 -10.76
N ASP H 245 -58.22 10.84 -9.98
CA ASP H 245 -59.40 11.22 -9.22
C ASP H 245 -59.10 11.80 -7.85
N GLY H 246 -57.82 11.93 -7.47
CA GLY H 246 -57.48 12.47 -6.17
C GLY H 246 -57.77 11.56 -5.00
N ASN H 247 -57.82 10.24 -5.23
CA ASN H 247 -58.20 9.26 -4.21
C ASN H 247 -56.93 8.58 -3.71
N PHE H 248 -56.60 8.81 -2.44
CA PHE H 248 -55.43 8.22 -1.80
C PHE H 248 -55.78 7.59 -0.45
N ALA H 249 -57.04 7.19 -0.26
CA ALA H 249 -57.35 6.41 0.92
C ALA H 249 -56.41 5.20 0.96
N PRO H 250 -55.90 4.82 2.13
CA PRO H 250 -54.82 3.82 2.17
C PRO H 250 -55.33 2.44 1.80
N GLN H 251 -54.71 1.86 0.78
CA GLN H 251 -54.64 0.42 0.60
C GLN H 251 -53.34 -0.12 1.15
N PHE H 252 -52.24 0.55 0.82
CA PHE H 252 -50.93 0.26 1.41
C PHE H 252 -50.33 1.60 1.78
N PRO H 253 -50.31 1.96 3.05
CA PRO H 253 -49.95 3.32 3.44
C PRO H 253 -48.47 3.60 3.22
N ALA H 254 -48.19 4.90 3.03
CA ALA H 254 -46.83 5.35 2.78
C ALA H 254 -45.86 4.90 3.85
N ARG H 255 -46.26 4.92 5.12
CA ARG H 255 -45.31 4.57 6.16
C ARG H 255 -44.84 3.12 6.01
N LEU H 256 -45.70 2.23 5.51
CA LEU H 256 -45.31 0.83 5.39
C LEU H 256 -44.54 0.58 4.09
N MET H 257 -44.97 1.19 2.98
CA MET H 257 -44.16 1.15 1.76
C MET H 257 -42.76 1.64 2.01
N GLN H 258 -42.63 2.78 2.69
CA GLN H 258 -41.31 3.35 2.91
C GLN H 258 -40.47 2.45 3.82
N LYS H 259 -41.10 1.83 4.82
CA LYS H 259 -40.40 0.84 5.66
C LYS H 259 -39.91 -0.33 4.80
N ASP H 260 -40.73 -0.79 3.86
CA ASP H 260 -40.34 -1.91 3.02
C ASP H 260 -39.14 -1.52 2.15
N MET H 261 -39.12 -0.29 1.65
CA MET H 261 -37.95 0.16 0.89
C MET H 261 -36.71 0.24 1.77
N ARG H 262 -36.88 0.70 3.02
CA ARG H 262 -35.75 0.74 3.94
C ARG H 262 -35.18 -0.66 4.13
N LEU H 263 -36.05 -1.66 4.31
CA LEU H 263 -35.59 -3.04 4.49
C LEU H 263 -34.84 -3.52 3.26
N LEU H 264 -35.38 -3.24 2.07
CA LEU H 264 -34.72 -3.68 0.84
C LEU H 264 -33.37 -3.01 0.68
N LEU H 265 -33.28 -1.71 0.95
CA LEU H 265 -32.00 -1.05 0.75
C LEU H 265 -30.98 -1.51 1.78
N ASP H 266 -31.41 -1.84 3.00
CA ASP H 266 -30.47 -2.40 3.97
C ASP H 266 -29.97 -3.75 3.49
N ALA H 267 -30.87 -4.59 3.00
CA ALA H 267 -30.46 -5.91 2.55
C ALA H 267 -29.54 -5.82 1.34
N ALA H 268 -29.87 -4.94 0.38
CA ALA H 268 -29.01 -4.77 -0.78
C ALA H 268 -27.63 -4.26 -0.40
N ALA H 269 -27.55 -3.41 0.62
CA ALA H 269 -26.23 -2.96 1.08
C ALA H 269 -25.47 -4.11 1.74
N ARG H 270 -26.15 -4.92 2.55
CA ARG H 270 -25.44 -6.04 3.18
C ARG H 270 -24.92 -7.01 2.13
N GLU H 271 -25.61 -7.17 1.01
CA GLU H 271 -25.14 -8.02 -0.08
C GLU H 271 -24.23 -7.30 -1.05
N ALA H 272 -23.96 -6.01 -0.81
CA ALA H 272 -23.10 -5.18 -1.68
C ALA H 272 -23.56 -5.22 -3.14
N VAL H 273 -24.86 -5.01 -3.35
CA VAL H 273 -25.44 -4.91 -4.69
C VAL H 273 -25.79 -3.46 -4.97
N PRO H 274 -25.20 -2.82 -5.99
CA PRO H 274 -25.55 -1.42 -6.28
C PRO H 274 -26.91 -1.31 -6.94
N VAL H 275 -27.81 -0.54 -6.33
CA VAL H 275 -29.19 -0.44 -6.81
C VAL H 275 -29.61 1.03 -6.81
N PRO H 276 -29.04 1.84 -7.70
CA PRO H 276 -29.32 3.29 -7.67
C PRO H 276 -30.77 3.66 -7.94
N THR H 277 -31.48 2.95 -8.84
CA THR H 277 -32.88 3.28 -9.06
C THR H 277 -33.72 3.03 -7.81
N LEU H 278 -33.49 1.89 -7.15
CA LEU H 278 -34.23 1.59 -5.92
C LEU H 278 -33.87 2.58 -4.81
N ALA H 279 -32.60 2.99 -4.75
CA ALA H 279 -32.19 3.95 -3.73
C ALA H 279 -32.87 5.30 -3.92
N ALA H 280 -32.93 5.77 -5.18
CA ALA H 280 -33.63 7.02 -5.50
C ALA H 280 -35.11 6.92 -5.15
N ALA H 281 -35.73 5.80 -5.48
CA ALA H 281 -37.15 5.61 -5.17
C ALA H 281 -37.38 5.64 -3.68
N THR H 282 -36.47 5.04 -2.90
CA THR H 282 -36.60 5.05 -1.44
C THR H 282 -36.65 6.47 -0.90
N GLN H 283 -35.79 7.35 -1.40
CA GLN H 283 -35.77 8.72 -0.86
C GLN H 283 -37.05 9.46 -1.22
N GLN H 284 -37.60 9.19 -2.40
CA GLN H 284 -38.90 9.78 -2.75
C GLN H 284 -40.01 9.27 -1.85
N LEU H 285 -39.94 8.01 -1.45
CA LEU H 285 -40.94 7.48 -0.54
C LEU H 285 -40.71 7.93 0.90
N SER H 286 -39.48 8.31 1.27
CA SER H 286 -39.28 9.02 2.54
C SER H 286 -39.99 10.34 2.55
N LEU H 287 -39.87 11.12 1.47
CA LEU H 287 -40.62 12.37 1.39
C LEU H 287 -42.11 12.10 1.47
N THR H 288 -42.59 11.07 0.74
CA THR H 288 -44.01 10.75 0.73
C THR H 288 -44.51 10.44 2.14
N ARG H 289 -43.76 9.60 2.87
CA ARG H 289 -44.14 9.24 4.23
C ARG H 289 -44.13 10.46 5.15
N ARG H 290 -43.10 11.30 5.03
CA ARG H 290 -43.01 12.49 5.89
C ARG H 290 -44.23 13.39 5.69
N LEU H 291 -44.65 13.57 4.45
CA LEU H 291 -45.76 14.47 4.19
C LEU H 291 -47.10 13.87 4.57
N SER H 292 -47.28 12.56 4.41
CA SER H 292 -48.54 11.89 4.77
C SER H 292 -48.27 10.42 5.07
N PRO H 293 -48.02 10.09 6.32
CA PRO H 293 -47.65 8.69 6.61
C PRO H 293 -48.78 7.71 6.40
N ASN H 294 -50.03 8.13 6.52
CA ASN H 294 -51.11 7.18 6.62
C ASN H 294 -51.95 7.05 5.35
N GLU H 295 -51.83 7.97 4.40
CA GLU H 295 -52.50 7.83 3.12
C GLU H 295 -51.76 6.82 2.26
N ASP H 296 -52.41 6.40 1.16
CA ASP H 296 -51.79 5.43 0.27
C ASP H 296 -50.42 5.91 -0.20
N TYR H 297 -49.51 4.94 -0.41
CA TYR H 297 -48.16 5.28 -0.85
C TYR H 297 -48.15 5.95 -2.22
N SER H 298 -49.20 5.77 -3.04
CA SER H 298 -49.31 6.44 -4.32
C SER H 298 -49.51 7.96 -4.20
N SER H 299 -49.65 8.50 -2.99
CA SER H 299 -49.84 9.95 -2.83
C SER H 299 -48.64 10.74 -3.32
N LEU H 300 -47.48 10.10 -3.53
CA LEU H 300 -46.38 10.82 -4.16
C LEU H 300 -46.79 11.45 -5.50
N ILE H 301 -47.76 10.86 -6.21
CA ILE H 301 -48.21 11.48 -7.46
C ILE H 301 -48.78 12.86 -7.17
N ARG H 302 -49.60 12.98 -6.11
CA ARG H 302 -50.14 14.26 -5.69
C ARG H 302 -49.04 15.21 -5.24
N VAL H 303 -48.09 14.68 -4.45
CA VAL H 303 -46.96 15.48 -3.99
C VAL H 303 -46.25 16.14 -5.18
N MET H 304 -45.96 15.34 -6.21
CA MET H 304 -45.24 15.89 -7.37
C MET H 304 -46.11 16.83 -8.18
N GLU H 305 -47.41 16.59 -8.27
CA GLU H 305 -48.26 17.56 -8.95
C GLU H 305 -48.19 18.90 -8.24
N LYS H 306 -48.14 18.88 -6.91
CA LYS H 306 -48.14 20.11 -6.13
C LYS H 306 -46.81 20.84 -6.32
N ILE H 307 -45.71 20.09 -6.43
CA ILE H 307 -44.40 20.70 -6.67
C ILE H 307 -44.41 21.47 -7.99
N VAL H 308 -44.94 20.84 -9.05
CA VAL H 308 -44.88 21.48 -10.35
C VAL H 308 -45.94 22.56 -10.49
N ALA H 309 -47.03 22.50 -9.69
CA ALA H 309 -48.01 23.57 -9.73
C ALA H 309 -47.50 24.86 -9.08
N ASN H 310 -46.40 24.81 -8.34
CA ASN H 310 -45.92 26.03 -7.70
C ASN H 310 -44.59 26.55 -8.26
#